data_7F4Y
#
_entry.id   7F4Y
#
_cell.length_a   164.440
_cell.length_b   164.440
_cell.length_c   165.601
_cell.angle_alpha   90.00
_cell.angle_beta   90.00
_cell.angle_gamma   120.00
#
_symmetry.space_group_name_H-M   'P 32 2 1'
#
loop_
_entity.id
_entity.type
_entity.pdbx_description
1 polymer 'DNA polymerase'
2 polymer "DNA (5'-D(*TP*CP*AP*AP*GP*TP*AP*AP*GP*CP*AP*GP*TP*CP*CP*GP*CP*TP*C)-3')"
3 polymer "DNA (5'-D(*GP*AP*GP*CP*GP*GP*AP*CP*TP*GP*CP*TP*TP*AP*C)-3')"
4 non-polymer "2'-DEOXYURIDINE 5'-ALPHA,BETA-IMIDO-TRIPHOSPHATE"
5 non-polymer 'CALCIUM ION'
6 non-polymer "GUANOSINE-5'-MONOPHOSPHATE"
7 non-polymer 'MAGNESIUM ION'
8 water water
#
loop_
_entity_poly.entity_id
_entity_poly.type
_entity_poly.pdbx_seq_one_letter_code
_entity_poly.pdbx_strand_id
1 'polypeptide(L)'
;GAMGSMKEFYLTVEQIGDSIFERYIDSNGRERTREVEYKPSLFAHCPESQATKYFDIYGKPCTRKLFANMRDASQWIKRM
EDIGLEALGMDDFKLAYLSDTYNYEIKYDHTKIRVANFDIEVTSPDGFPEPSQAKHPIDAITHYDSIDDRFYVFDLLNSP
YGNVEEWSIEIAAKLQEQGGDEVPSEIIDKIIYMPFDNEKELLMEYLNFWQQKTPVILTGWNVESFAIPYVYNRIKNIFG
ESTAKRLSPHRKTRVKVIENMYGSREIITLFGISVLDYIDLYKKFSFTNQPSYSLDYISEFELNVGKLKYDGPISKLRES
NHQRYISYNIIAVYRVLQIDAKRQFINLSLDMGYYAKIQIQSVFSPIKTWDAIIFNSLKEQNKVIPQGRSHPVQPYPGAF
VKEPIPNRYKYVMSFDLTSLYPSIIRQVNISPETIAGTFKVAPLHDYINAVAERPSDVYSCSPNGMMYYKDRDGVVPTEI
TKVFNQRKEHKGYMLAAQRNGEIIKEALHNPNLSVDEPLDVDYRFDFSDEIKEKIKKLSAKSLNEMLFRAQRTEVAGMTA
QINRKLLINSLYGALGNVWFRYYDLRNATAITTFGQMALQWIERKVNEYLNEVCGTEGEAFVLYGDTDSIYVSADKIIDK
VGESKFRDTNHWVDFLDKFARERMEPAIDRGFREMCEYMNNKQHLMFMDREAIAGPPLGSKGIGGFWTGKKRYALNVWDM
EGTRYAEPKLKIMGLETQKSSTPKAVQKALKECIRRMLQEGEESLQEYFKEFEKEFRQLNYISIASVSSANNIAKYDVGG
FPGPKCPFHIRGILTYNRAIKGNIDAPQVVEGEKVYVLPLREGNPFGDKCIAWPSGTEITDLIKDDVLHWMDYTVLLEKT
FIKPLEGFTSAAKLDYEKKASLFDMFDF
;
A,B
2 'polydeoxyribonucleotide' (DT)(DC)(DA)(DA)(DG)(DT)(DA)(DA)(DG)(DC)(DA)(DG)(DT)(DC)(DC)(DG)(DC)(DT)(DC) T,S
3 'polydeoxyribonucleotide' (DG)(DA)(DG)(DC)(DG)(DG)(DA)(DC)(DT)(DG)(DC)(DT)(DT)(DA)(DC) P,Q
#
# COMPACT_ATOMS: atom_id res chain seq x y z
N GLY A 4 -27.54 -40.72 -23.21
CA GLY A 4 -26.91 -40.50 -24.55
C GLY A 4 -25.48 -41.00 -24.58
N SER A 5 -24.82 -40.89 -25.75
CA SER A 5 -23.39 -41.27 -25.97
C SER A 5 -22.56 -40.00 -26.24
N MET A 6 -22.59 -39.05 -25.30
CA MET A 6 -21.68 -37.88 -25.24
C MET A 6 -21.24 -37.67 -23.79
N LYS A 7 -19.95 -37.40 -23.56
CA LYS A 7 -19.37 -37.13 -22.21
C LYS A 7 -19.75 -35.71 -21.79
N GLU A 8 -20.28 -35.56 -20.57
CA GLU A 8 -20.84 -34.28 -20.04
C GLU A 8 -19.68 -33.36 -19.62
N PHE A 9 -19.85 -32.04 -19.79
CA PHE A 9 -18.88 -31.00 -19.37
C PHE A 9 -19.63 -29.75 -18.92
N TYR A 10 -19.14 -29.09 -17.87
CA TYR A 10 -19.69 -27.82 -17.33
C TYR A 10 -19.49 -26.70 -18.34
N LEU A 11 -20.39 -25.72 -18.32
CA LEU A 11 -20.28 -24.43 -19.05
C LEU A 11 -19.85 -23.34 -18.06
N THR A 12 -20.64 -23.13 -17.01
CA THR A 12 -20.39 -22.17 -15.91
C THR A 12 -20.69 -22.86 -14.57
N VAL A 13 -20.16 -22.31 -13.48
CA VAL A 13 -20.45 -22.76 -12.09
C VAL A 13 -20.30 -21.57 -11.14
N GLU A 14 -21.17 -21.50 -10.12
CA GLU A 14 -21.11 -20.49 -9.04
C GLU A 14 -21.53 -21.15 -7.72
N GLN A 15 -21.00 -20.63 -6.62
CA GLN A 15 -21.59 -20.77 -5.26
C GLN A 15 -22.46 -19.56 -4.96
N ILE A 16 -23.75 -19.77 -4.71
CA ILE A 16 -24.67 -18.74 -4.14
C ILE A 16 -25.25 -19.27 -2.83
N GLY A 17 -24.70 -18.84 -1.69
CA GLY A 17 -24.89 -19.46 -0.37
C GLY A 17 -24.63 -20.96 -0.42
N ASP A 18 -25.67 -21.77 -0.15
CA ASP A 18 -25.54 -23.23 0.14
C ASP A 18 -25.89 -24.02 -1.14
N SER A 19 -26.08 -23.32 -2.25
CA SER A 19 -26.34 -23.91 -3.60
C SER A 19 -25.14 -23.68 -4.52
N ILE A 20 -24.71 -24.74 -5.22
CA ILE A 20 -23.95 -24.66 -6.51
C ILE A 20 -24.96 -24.53 -7.64
N PHE A 21 -24.84 -23.47 -8.44
CA PHE A 21 -25.56 -23.30 -9.73
C PHE A 21 -24.61 -23.59 -10.88
N GLU A 22 -24.88 -24.66 -11.61
CA GLU A 22 -24.07 -25.10 -12.78
C GLU A 22 -24.94 -24.99 -14.04
N ARG A 23 -24.39 -24.37 -15.09
CA ARG A 23 -24.79 -24.62 -16.49
C ARG A 23 -23.83 -25.67 -17.06
N TYR A 24 -24.35 -26.61 -17.87
CA TYR A 24 -23.56 -27.75 -18.40
C TYR A 24 -24.25 -28.32 -19.64
N ILE A 25 -23.50 -29.13 -20.40
CA ILE A 25 -23.99 -29.90 -21.58
C ILE A 25 -24.15 -31.35 -21.15
N ASP A 26 -25.35 -31.90 -21.30
CA ASP A 26 -25.72 -33.25 -20.79
C ASP A 26 -25.42 -34.30 -21.88
N SER A 27 -25.57 -35.58 -21.53
CA SER A 27 -25.15 -36.74 -22.36
C SER A 27 -25.88 -36.68 -23.71
N ASN A 28 -27.00 -35.96 -23.76
CA ASN A 28 -27.79 -35.73 -25.01
C ASN A 28 -27.35 -34.40 -25.63
N GLY A 29 -26.28 -33.80 -25.10
CA GLY A 29 -25.60 -32.62 -25.68
C GLY A 29 -26.54 -31.43 -25.75
N ARG A 30 -27.45 -31.31 -24.78
CA ARG A 30 -28.32 -30.12 -24.62
CA ARG A 30 -28.35 -30.15 -24.58
C ARG A 30 -27.79 -29.27 -23.46
N GLU A 31 -28.00 -27.95 -23.54
CA GLU A 31 -27.66 -27.00 -22.46
C GLU A 31 -28.66 -27.18 -21.31
N ARG A 32 -28.16 -27.51 -20.13
CA ARG A 32 -28.94 -27.69 -18.87
C ARG A 32 -28.46 -26.68 -17.83
N THR A 33 -29.32 -26.36 -16.87
CA THR A 33 -28.96 -25.69 -15.58
C THR A 33 -29.45 -26.59 -14.42
N ARG A 34 -28.73 -26.60 -13.30
CA ARG A 34 -29.17 -27.27 -12.05
C ARG A 34 -28.67 -26.51 -10.82
N GLU A 35 -29.52 -26.39 -9.80
CA GLU A 35 -29.16 -25.97 -8.43
C GLU A 35 -28.90 -27.22 -7.59
N VAL A 36 -27.71 -27.33 -7.01
CA VAL A 36 -27.29 -28.50 -6.20
C VAL A 36 -26.87 -28.03 -4.82
N GLU A 37 -27.46 -28.58 -3.76
CA GLU A 37 -27.09 -28.22 -2.38
C GLU A 37 -25.81 -28.99 -2.05
N TYR A 38 -24.68 -28.48 -2.53
CA TYR A 38 -23.39 -29.21 -2.39
C TYR A 38 -23.02 -29.52 -0.95
N LYS A 39 -22.69 -30.78 -0.67
CA LYS A 39 -22.19 -31.16 0.67
C LYS A 39 -20.68 -31.31 0.61
N PRO A 40 -19.93 -30.23 0.92
CA PRO A 40 -18.46 -30.26 0.86
C PRO A 40 -17.85 -31.04 2.03
N SER A 41 -16.58 -31.42 1.90
CA SER A 41 -15.74 -31.98 2.99
C SER A 41 -14.47 -31.14 3.14
N LEU A 42 -14.11 -30.84 4.39
CA LEU A 42 -12.76 -30.40 4.82
C LEU A 42 -12.18 -31.46 5.75
N PHE A 43 -10.99 -31.22 6.31
CA PHE A 43 -10.14 -32.24 6.95
C PHE A 43 -9.39 -31.62 8.13
N ALA A 44 -9.19 -32.41 9.19
CA ALA A 44 -8.44 -32.05 10.41
C ALA A 44 -7.35 -33.09 10.66
N HIS A 45 -6.20 -32.65 11.18
CA HIS A 45 -5.10 -33.51 11.66
C HIS A 45 -5.61 -34.35 12.84
N CYS A 46 -5.78 -35.65 12.62
CA CYS A 46 -6.27 -36.64 13.62
C CYS A 46 -5.07 -37.38 14.21
N PRO A 47 -5.26 -38.11 15.34
CA PRO A 47 -4.22 -38.98 15.88
C PRO A 47 -3.93 -40.20 14.99
N GLU A 48 -2.76 -40.83 15.18
CA GLU A 48 -2.24 -41.94 14.34
C GLU A 48 -3.19 -43.14 14.42
N SER A 49 -3.83 -43.34 15.57
CA SER A 49 -4.79 -44.45 15.79
C SER A 49 -6.04 -44.27 14.91
N GLN A 50 -6.52 -43.03 14.77
CA GLN A 50 -7.77 -42.75 14.01
C GLN A 50 -7.53 -42.80 12.51
N ALA A 51 -6.38 -43.33 12.08
CA ALA A 51 -6.03 -43.27 10.65
C ALA A 51 -7.06 -43.81 9.66
N THR A 52 -7.07 -43.24 8.47
CA THR A 52 -7.97 -43.66 7.37
C THR A 52 -7.19 -43.27 6.11
N LYS A 53 -7.85 -43.23 4.95
CA LYS A 53 -7.25 -43.22 3.59
C LYS A 53 -6.76 -41.80 3.25
N TYR A 54 -6.86 -40.87 4.20
CA TYR A 54 -6.64 -39.41 4.00
C TYR A 54 -5.45 -38.95 4.84
N PHE A 55 -4.37 -38.55 4.15
CA PHE A 55 -3.15 -37.97 4.77
C PHE A 55 -2.85 -36.62 4.11
N ASP A 56 -2.40 -35.65 4.91
CA ASP A 56 -1.84 -34.36 4.43
C ASP A 56 -0.60 -34.69 3.58
N ILE A 57 0.01 -33.70 2.93
CA ILE A 57 1.00 -33.91 1.84
C ILE A 57 2.32 -34.42 2.46
N TYR A 58 2.47 -34.21 3.77
CA TYR A 58 3.66 -34.65 4.57
C TYR A 58 3.44 -36.05 5.13
N GLY A 59 2.28 -36.65 4.85
CA GLY A 59 1.95 -38.05 5.20
C GLY A 59 1.21 -38.17 6.52
N LYS A 60 1.02 -37.05 7.24
CA LYS A 60 0.38 -37.02 8.59
C LYS A 60 -1.13 -37.16 8.44
N PRO A 61 -1.78 -38.02 9.25
CA PRO A 61 -3.13 -38.51 8.94
C PRO A 61 -4.25 -37.51 9.29
N CYS A 62 -5.36 -37.58 8.56
CA CYS A 62 -6.52 -36.65 8.67
C CYS A 62 -7.82 -37.47 8.65
N THR A 63 -8.87 -37.01 9.34
CA THR A 63 -10.26 -37.50 9.20
C THR A 63 -11.05 -36.53 8.32
N ARG A 64 -11.81 -37.08 7.36
CA ARG A 64 -12.83 -36.36 6.57
C ARG A 64 -13.94 -35.82 7.50
N LYS A 65 -14.33 -34.56 7.29
CA LYS A 65 -15.53 -33.92 7.91
C LYS A 65 -16.49 -33.50 6.79
N LEU A 66 -17.53 -34.30 6.56
CA LEU A 66 -18.67 -33.94 5.67
C LEU A 66 -19.56 -32.93 6.40
N PHE A 67 -19.92 -31.84 5.71
CA PHE A 67 -20.80 -30.76 6.21
C PHE A 67 -22.14 -30.86 5.48
N ALA A 68 -23.22 -30.39 6.12
CA ALA A 68 -24.60 -30.43 5.58
C ALA A 68 -24.74 -29.37 4.48
N ASN A 69 -23.87 -28.36 4.50
CA ASN A 69 -23.88 -27.24 3.52
C ASN A 69 -22.57 -26.46 3.61
N MET A 70 -22.40 -25.50 2.71
CA MET A 70 -21.09 -24.85 2.42
C MET A 70 -20.83 -23.75 3.45
N ARG A 71 -21.88 -23.05 3.90
CA ARG A 71 -21.78 -21.89 4.82
C ARG A 71 -21.35 -22.39 6.21
N ASP A 72 -21.66 -23.64 6.54
CA ASP A 72 -21.19 -24.31 7.78
C ASP A 72 -19.68 -24.55 7.67
N ALA A 73 -19.22 -25.09 6.54
CA ALA A 73 -17.81 -25.45 6.27
C ALA A 73 -16.93 -24.22 6.49
N SER A 74 -17.29 -23.10 5.87
CA SER A 74 -16.53 -21.82 5.91
C SER A 74 -16.46 -21.33 7.36
N GLN A 75 -17.56 -21.51 8.10
CA GLN A 75 -17.66 -21.17 9.54
C GLN A 75 -16.70 -22.07 10.34
N TRP A 76 -16.71 -23.37 10.09
CA TRP A 76 -15.78 -24.35 10.72
C TRP A 76 -14.34 -23.87 10.56
N ILE A 77 -13.99 -23.33 9.39
CA ILE A 77 -12.61 -22.85 9.06
C ILE A 77 -12.25 -21.69 10.00
N LYS A 78 -13.14 -20.71 10.14
CA LYS A 78 -12.95 -19.50 10.99
C LYS A 78 -12.74 -19.95 12.44
N ARG A 79 -13.56 -20.88 12.92
CA ARG A 79 -13.49 -21.44 14.29
C ARG A 79 -12.12 -22.11 14.49
N MET A 80 -11.69 -22.92 13.51
CA MET A 80 -10.41 -23.66 13.54
C MET A 80 -9.25 -22.67 13.57
N GLU A 81 -9.43 -21.50 12.95
CA GLU A 81 -8.39 -20.43 12.84
C GLU A 81 -8.26 -19.71 14.19
N ASP A 82 -9.31 -19.76 15.02
CA ASP A 82 -9.33 -19.20 16.40
C ASP A 82 -8.59 -20.16 17.34
N ILE A 83 -8.83 -21.47 17.18
CA ILE A 83 -8.28 -22.55 18.06
C ILE A 83 -6.78 -22.71 17.76
N GLY A 84 -6.34 -22.28 16.58
CA GLY A 84 -4.96 -22.45 16.07
C GLY A 84 -4.74 -23.85 15.51
N LEU A 85 -5.82 -24.52 15.11
CA LEU A 85 -5.79 -25.85 14.44
C LEU A 85 -5.99 -25.66 12.93
N GLU A 86 -5.17 -26.35 12.12
CA GLU A 86 -5.17 -26.20 10.64
C GLU A 86 -6.45 -26.84 10.08
N ALA A 87 -7.24 -26.05 9.33
CA ALA A 87 -8.39 -26.54 8.53
C ALA A 87 -7.91 -26.86 7.11
N LEU A 88 -7.98 -28.14 6.72
CA LEU A 88 -7.33 -28.67 5.49
C LEU A 88 -8.39 -28.93 4.42
N GLY A 89 -7.98 -28.91 3.14
CA GLY A 89 -8.83 -29.27 1.98
C GLY A 89 -9.20 -28.05 1.16
N MET A 90 -9.98 -28.26 0.09
CA MET A 90 -10.34 -27.23 -0.92
C MET A 90 -11.43 -26.31 -0.34
N ASP A 91 -11.04 -25.11 0.09
CA ASP A 91 -11.93 -24.09 0.73
C ASP A 91 -12.74 -23.36 -0.34
N ASP A 92 -12.38 -23.51 -1.63
CA ASP A 92 -13.13 -22.95 -2.78
C ASP A 92 -14.07 -24.03 -3.33
N PHE A 93 -15.31 -24.07 -2.85
CA PHE A 93 -16.13 -25.30 -2.81
C PHE A 93 -16.55 -25.68 -4.23
N LYS A 94 -16.59 -24.71 -5.14
CA LYS A 94 -17.05 -24.95 -6.53
C LYS A 94 -15.94 -25.65 -7.32
N LEU A 95 -14.68 -25.56 -6.86
CA LEU A 95 -13.58 -26.39 -7.41
C LEU A 95 -13.78 -27.85 -6.99
N ALA A 96 -13.98 -28.08 -5.68
CA ALA A 96 -14.38 -29.39 -5.12
C ALA A 96 -15.57 -29.96 -5.90
N TYR A 97 -16.63 -29.16 -6.09
CA TYR A 97 -17.84 -29.59 -6.85
C TYR A 97 -17.43 -30.03 -8.26
N LEU A 98 -16.75 -29.16 -9.01
CA LEU A 98 -16.27 -29.44 -10.39
C LEU A 98 -15.44 -30.72 -10.38
N SER A 99 -14.59 -30.88 -9.37
CA SER A 99 -13.66 -32.02 -9.19
C SER A 99 -14.48 -33.31 -9.00
N ASP A 100 -15.48 -33.26 -8.12
CA ASP A 100 -16.35 -34.42 -7.75
C ASP A 100 -17.24 -34.78 -8.95
N THR A 101 -17.82 -33.79 -9.63
CA THR A 101 -18.82 -33.99 -10.72
C THR A 101 -18.12 -34.51 -11.98
N TYR A 102 -16.92 -34.01 -12.25
CA TYR A 102 -16.12 -34.34 -13.46
C TYR A 102 -14.81 -34.99 -13.01
N ASN A 103 -14.92 -36.20 -12.47
CA ASN A 103 -13.79 -37.05 -12.00
C ASN A 103 -13.25 -37.84 -13.19
N TYR A 104 -12.94 -37.12 -14.28
CA TYR A 104 -12.26 -37.62 -15.50
C TYR A 104 -11.64 -36.44 -16.24
N GLU A 105 -10.73 -36.72 -17.18
CA GLU A 105 -10.21 -35.71 -18.14
C GLU A 105 -11.36 -35.21 -19.01
N ILE A 106 -11.69 -33.92 -18.91
CA ILE A 106 -12.83 -33.29 -19.65
C ILE A 106 -12.44 -33.16 -21.13
N LYS A 107 -13.21 -33.82 -22.01
CA LYS A 107 -13.24 -33.51 -23.46
C LYS A 107 -14.46 -32.62 -23.73
N TYR A 108 -14.22 -31.37 -24.12
CA TYR A 108 -15.25 -30.34 -24.37
C TYR A 108 -15.49 -30.25 -25.89
N ASP A 109 -16.72 -29.88 -26.27
CA ASP A 109 -17.14 -29.65 -27.67
C ASP A 109 -17.55 -28.17 -27.80
N HIS A 110 -16.70 -27.36 -28.43
CA HIS A 110 -16.79 -25.87 -28.41
C HIS A 110 -18.00 -25.42 -29.23
N THR A 111 -18.45 -26.24 -30.18
CA THR A 111 -19.63 -25.99 -31.06
C THR A 111 -20.90 -25.95 -30.22
N LYS A 112 -20.83 -26.41 -28.96
CA LYS A 112 -21.97 -26.48 -28.01
C LYS A 112 -21.83 -25.38 -26.94
N ILE A 113 -20.74 -24.62 -26.95
CA ILE A 113 -20.47 -23.52 -25.98
C ILE A 113 -20.87 -22.20 -26.64
N ARG A 114 -21.91 -21.54 -26.13
CA ARG A 114 -22.36 -20.23 -26.66
C ARG A 114 -21.32 -19.17 -26.29
N VAL A 115 -20.55 -18.73 -27.28
CA VAL A 115 -19.58 -17.61 -27.18
C VAL A 115 -20.23 -16.38 -27.83
N ALA A 116 -20.56 -15.37 -27.02
CA ALA A 116 -21.20 -14.11 -27.49
C ALA A 116 -20.13 -13.02 -27.58
N ASN A 117 -20.30 -12.14 -28.55
CA ASN A 117 -19.32 -11.08 -28.94
C ASN A 117 -20.14 -9.84 -29.29
N PHE A 118 -20.07 -8.78 -28.49
CA PHE A 118 -21.00 -7.63 -28.58
C PHE A 118 -20.27 -6.31 -28.30
N ASP A 119 -20.85 -5.23 -28.82
CA ASP A 119 -20.36 -3.83 -28.76
C ASP A 119 -21.58 -2.93 -28.83
N ILE A 120 -21.61 -1.85 -28.04
CA ILE A 120 -22.71 -0.86 -28.03
C ILE A 120 -22.16 0.50 -28.48
N GLU A 121 -23.03 1.35 -29.01
CA GLU A 121 -22.75 2.78 -29.27
C GLU A 121 -23.69 3.61 -28.39
N VAL A 122 -23.16 4.68 -27.79
CA VAL A 122 -23.90 5.67 -26.95
C VAL A 122 -23.49 7.07 -27.42
N THR A 123 -24.33 7.73 -28.23
CA THR A 123 -24.17 9.16 -28.60
C THR A 123 -24.22 10.00 -27.33
N SER A 124 -23.23 10.87 -27.13
CA SER A 124 -23.04 11.68 -25.89
C SER A 124 -22.52 13.06 -26.26
N PRO A 125 -23.29 14.14 -25.97
CA PRO A 125 -22.89 15.50 -26.32
C PRO A 125 -21.94 16.13 -25.29
N ASP A 126 -21.90 15.58 -24.07
CA ASP A 126 -21.29 16.22 -22.88
C ASP A 126 -20.14 15.34 -22.35
N GLY A 127 -19.35 14.76 -23.27
CA GLY A 127 -18.12 14.03 -22.96
C GLY A 127 -18.35 12.53 -22.86
N PHE A 128 -17.43 11.80 -22.22
CA PHE A 128 -17.41 10.32 -22.16
C PHE A 128 -18.59 9.82 -21.33
N PRO A 129 -19.50 9.02 -21.93
CA PRO A 129 -20.65 8.50 -21.20
C PRO A 129 -20.20 7.47 -20.16
N GLU A 130 -20.02 7.90 -18.91
CA GLU A 130 -19.57 7.03 -17.80
CA GLU A 130 -19.57 7.03 -17.80
C GLU A 130 -20.56 5.87 -17.66
N PRO A 131 -20.09 4.61 -17.73
CA PRO A 131 -20.97 3.44 -17.55
C PRO A 131 -21.52 3.30 -16.13
N SER A 132 -21.04 4.11 -15.19
CA SER A 132 -21.44 4.02 -13.75
C SER A 132 -22.80 4.68 -13.55
N GLN A 133 -23.26 5.50 -14.49
CA GLN A 133 -24.57 6.20 -14.40
C GLN A 133 -25.31 6.26 -15.75
N ALA A 134 -24.71 5.75 -16.82
CA ALA A 134 -25.43 5.40 -18.07
C ALA A 134 -26.58 6.35 -18.37
N LYS A 135 -26.30 7.65 -18.39
CA LYS A 135 -27.31 8.74 -18.36
C LYS A 135 -27.70 9.11 -19.80
N HIS A 136 -27.14 8.44 -20.80
CA HIS A 136 -27.43 8.65 -22.24
C HIS A 136 -28.02 7.38 -22.86
N PRO A 137 -28.95 7.51 -23.83
CA PRO A 137 -29.53 6.36 -24.53
C PRO A 137 -28.48 5.48 -25.22
N ILE A 138 -28.62 4.15 -25.11
CA ILE A 138 -27.99 3.17 -26.03
C ILE A 138 -28.76 3.19 -27.36
N ASP A 139 -28.08 3.47 -28.47
CA ASP A 139 -28.71 3.76 -29.79
C ASP A 139 -28.22 2.74 -30.82
N ALA A 140 -27.31 1.84 -30.43
CA ALA A 140 -26.93 0.67 -31.25
C ALA A 140 -26.29 -0.40 -30.37
N ILE A 141 -26.69 -1.65 -30.57
CA ILE A 141 -25.96 -2.88 -30.14
C ILE A 141 -25.79 -3.78 -31.37
N THR A 142 -24.62 -4.40 -31.51
CA THR A 142 -24.40 -5.58 -32.36
C THR A 142 -23.88 -6.73 -31.49
N HIS A 143 -24.54 -7.88 -31.60
CA HIS A 143 -24.34 -9.07 -30.73
C HIS A 143 -24.19 -10.29 -31.65
N TYR A 144 -22.97 -10.82 -31.78
CA TYR A 144 -22.66 -12.06 -32.54
C TYR A 144 -22.70 -13.27 -31.61
N ASP A 145 -23.39 -14.31 -32.05
CA ASP A 145 -23.64 -15.56 -31.29
C ASP A 145 -23.02 -16.73 -32.05
N SER A 146 -22.11 -17.48 -31.42
CA SER A 146 -21.18 -18.45 -32.06
C SER A 146 -21.93 -19.73 -32.43
N ILE A 147 -23.08 -19.98 -31.81
CA ILE A 147 -23.94 -21.17 -32.10
C ILE A 147 -24.83 -20.87 -33.31
N ASP A 148 -25.37 -19.65 -33.40
CA ASP A 148 -26.24 -19.20 -34.52
C ASP A 148 -25.37 -18.71 -35.69
N ASP A 149 -24.11 -18.38 -35.42
CA ASP A 149 -23.19 -17.73 -36.41
C ASP A 149 -23.91 -16.54 -37.06
N ARG A 150 -24.66 -15.76 -36.27
CA ARG A 150 -25.38 -14.56 -36.75
C ARG A 150 -24.89 -13.33 -35.98
N PHE A 151 -24.86 -12.17 -36.64
CA PHE A 151 -24.75 -10.82 -36.03
C PHE A 151 -26.15 -10.22 -35.86
N TYR A 152 -26.69 -10.22 -34.64
CA TYR A 152 -27.94 -9.52 -34.28
C TYR A 152 -27.61 -8.03 -34.06
N VAL A 153 -28.19 -7.18 -34.90
CA VAL A 153 -28.02 -5.69 -34.87
C VAL A 153 -29.31 -5.08 -34.32
N PHE A 154 -29.18 -4.27 -33.28
CA PHE A 154 -30.28 -3.50 -32.63
C PHE A 154 -29.99 -2.01 -32.80
N ASP A 155 -30.93 -1.27 -33.40
CA ASP A 155 -30.71 0.07 -33.97
C ASP A 155 -31.82 1.00 -33.49
N LEU A 156 -31.49 1.97 -32.64
CA LEU A 156 -32.43 3.04 -32.20
C LEU A 156 -32.58 4.04 -33.33
N LEU A 157 -33.80 4.21 -33.86
CA LEU A 157 -34.11 5.18 -34.93
C LEU A 157 -34.43 6.54 -34.31
N ASN A 158 -34.99 6.54 -33.10
CA ASN A 158 -35.48 7.77 -32.41
C ASN A 158 -34.79 7.87 -31.05
N SER A 159 -34.05 8.96 -30.84
CA SER A 159 -33.41 9.31 -29.55
C SER A 159 -33.40 10.82 -29.37
N PRO A 160 -33.31 11.33 -28.13
CA PRO A 160 -33.23 12.77 -27.89
C PRO A 160 -32.18 13.48 -28.76
N TYR A 161 -31.25 12.73 -29.37
CA TYR A 161 -30.08 13.26 -30.12
C TYR A 161 -30.26 12.97 -31.62
N GLY A 162 -31.49 12.70 -32.04
CA GLY A 162 -31.90 12.69 -33.46
C GLY A 162 -32.85 11.56 -33.77
N ASN A 163 -33.78 11.79 -34.71
CA ASN A 163 -34.51 10.72 -35.44
C ASN A 163 -33.82 10.47 -36.78
N VAL A 164 -33.57 9.20 -37.10
CA VAL A 164 -32.73 8.75 -38.26
C VAL A 164 -33.49 7.64 -39.00
N GLU A 165 -33.00 7.26 -40.18
CA GLU A 165 -33.66 6.26 -41.06
C GLU A 165 -32.97 4.91 -40.89
N GLU A 166 -33.60 3.84 -41.36
CA GLU A 166 -33.12 2.44 -41.21
C GLU A 166 -31.79 2.40 -41.95
N TRP A 167 -30.93 1.54 -41.42
CA TRP A 167 -29.65 1.21 -42.08
C TRP A 167 -29.96 0.25 -43.22
N SER A 168 -29.27 0.38 -44.34
CA SER A 168 -29.47 -0.51 -45.52
C SER A 168 -28.33 -1.49 -45.64
N ILE A 169 -28.61 -2.79 -45.49
CA ILE A 169 -27.55 -3.82 -45.72
C ILE A 169 -27.10 -3.70 -47.17
N GLU A 170 -27.98 -3.17 -48.02
CA GLU A 170 -27.66 -3.05 -49.47
C GLU A 170 -26.53 -2.03 -49.66
N ILE A 171 -26.68 -0.83 -49.10
CA ILE A 171 -25.65 0.25 -49.05
C ILE A 171 -24.40 -0.29 -48.35
N ALA A 172 -24.59 -0.98 -47.21
CA ALA A 172 -23.50 -1.42 -46.30
C ALA A 172 -22.46 -2.23 -47.09
N ALA A 173 -22.94 -3.17 -47.92
CA ALA A 173 -22.11 -4.16 -48.66
C ALA A 173 -21.20 -3.43 -49.66
N LYS A 174 -21.73 -2.37 -50.27
CA LYS A 174 -21.01 -1.68 -51.36
C LYS A 174 -19.65 -1.12 -50.97
N LEU A 175 -18.86 -0.76 -51.98
CA LEU A 175 -17.53 -0.13 -51.78
C LEU A 175 -17.72 1.33 -51.34
N GLN A 176 -16.69 1.91 -50.70
CA GLN A 176 -16.69 3.30 -50.16
C GLN A 176 -17.17 4.27 -51.25
N GLU A 177 -16.78 4.00 -52.51
CA GLU A 177 -16.85 4.96 -53.64
C GLU A 177 -18.32 5.29 -53.93
N GLN A 178 -19.17 4.27 -54.10
CA GLN A 178 -20.61 4.42 -54.44
C GLN A 178 -21.43 4.46 -53.14
N GLY A 179 -20.91 5.11 -52.11
CA GLY A 179 -21.64 5.42 -50.85
C GLY A 179 -21.75 4.20 -49.95
N GLY A 180 -20.86 3.23 -50.13
CA GLY A 180 -20.83 1.96 -49.35
C GLY A 180 -20.05 2.12 -48.06
N ASP A 181 -20.04 1.08 -47.22
CA ASP A 181 -19.39 1.09 -45.89
C ASP A 181 -18.35 -0.04 -45.82
N GLU A 182 -18.29 -0.88 -46.86
CA GLU A 182 -17.24 -1.92 -47.05
C GLU A 182 -17.36 -2.97 -45.94
N VAL A 183 -18.59 -3.22 -45.46
CA VAL A 183 -18.92 -4.36 -44.57
C VAL A 183 -18.55 -5.66 -45.28
N PRO A 184 -17.51 -6.38 -44.79
CA PRO A 184 -17.02 -7.58 -45.47
C PRO A 184 -18.17 -8.50 -45.92
N SER A 185 -18.19 -8.87 -47.20
CA SER A 185 -19.32 -9.55 -47.87
C SER A 185 -19.60 -10.90 -47.21
N GLU A 186 -18.62 -11.44 -46.49
CA GLU A 186 -18.65 -12.84 -45.94
C GLU A 186 -19.38 -12.84 -44.58
N ILE A 187 -19.96 -11.71 -44.17
CA ILE A 187 -20.81 -11.62 -42.94
C ILE A 187 -22.18 -11.02 -43.31
N ILE A 188 -22.31 -10.48 -44.53
CA ILE A 188 -23.53 -9.76 -44.98
C ILE A 188 -24.75 -10.68 -44.80
N ASP A 189 -24.62 -11.95 -45.17
CA ASP A 189 -25.72 -12.95 -45.16
C ASP A 189 -25.89 -13.51 -43.75
N LYS A 190 -25.22 -12.91 -42.76
CA LYS A 190 -25.18 -13.39 -41.35
C LYS A 190 -25.70 -12.29 -40.43
N ILE A 191 -26.21 -11.19 -41.00
CA ILE A 191 -26.71 -9.98 -40.25
C ILE A 191 -28.24 -10.05 -40.17
N ILE A 192 -28.76 -10.09 -38.94
CA ILE A 192 -30.22 -9.96 -38.63
C ILE A 192 -30.44 -8.58 -38.00
N TYR A 193 -31.03 -7.65 -38.76
CA TYR A 193 -31.22 -6.23 -38.41
C TYR A 193 -32.60 -6.08 -37.76
N MET A 194 -32.69 -5.29 -36.69
CA MET A 194 -33.96 -4.95 -35.99
C MET A 194 -33.95 -3.48 -35.58
N PRO A 195 -34.73 -2.62 -36.26
CA PRO A 195 -34.90 -1.22 -35.84
C PRO A 195 -35.94 -1.07 -34.72
N PHE A 196 -35.99 0.12 -34.10
CA PHE A 196 -36.71 0.40 -32.83
C PHE A 196 -37.11 1.87 -32.78
N ASP A 197 -38.34 2.13 -32.34
CA ASP A 197 -38.98 3.47 -32.31
C ASP A 197 -38.53 4.21 -31.04
N ASN A 198 -38.34 3.47 -29.95
CA ASN A 198 -37.94 4.03 -28.63
C ASN A 198 -36.86 3.11 -28.03
N GLU A 199 -36.12 3.62 -27.02
CA GLU A 199 -35.00 2.91 -26.37
C GLU A 199 -35.57 1.76 -25.52
N LYS A 200 -36.69 2.01 -24.84
CA LYS A 200 -37.34 1.01 -23.96
C LYS A 200 -37.55 -0.29 -24.75
N GLU A 201 -38.14 -0.18 -25.94
CA GLU A 201 -38.40 -1.34 -26.83
C GLU A 201 -37.07 -2.03 -27.16
N LEU A 202 -36.06 -1.25 -27.62
CA LEU A 202 -34.72 -1.79 -27.96
C LEU A 202 -34.18 -2.63 -26.79
N LEU A 203 -34.19 -2.06 -25.57
CA LEU A 203 -33.57 -2.71 -24.38
C LEU A 203 -34.36 -3.96 -23.99
N MET A 204 -35.70 -3.88 -23.97
CA MET A 204 -36.59 -5.03 -23.62
CA MET A 204 -36.55 -5.03 -23.59
C MET A 204 -36.37 -6.16 -24.61
N GLU A 205 -36.23 -5.82 -25.90
CA GLU A 205 -35.96 -6.80 -26.99
C GLU A 205 -34.62 -7.50 -26.74
N TYR A 206 -33.57 -6.73 -26.42
CA TYR A 206 -32.21 -7.31 -26.18
C TYR A 206 -32.21 -8.22 -24.95
N LEU A 207 -32.91 -7.84 -23.89
CA LEU A 207 -32.99 -8.67 -22.67
C LEU A 207 -33.73 -9.97 -22.97
N ASN A 208 -34.87 -9.89 -23.67
CA ASN A 208 -35.64 -11.09 -24.06
C ASN A 208 -34.72 -11.96 -24.91
N PHE A 209 -34.04 -11.33 -25.86
CA PHE A 209 -33.14 -12.05 -26.78
C PHE A 209 -32.04 -12.75 -25.97
N TRP A 210 -31.54 -12.08 -24.93
CA TRP A 210 -30.45 -12.56 -24.03
C TRP A 210 -30.94 -13.78 -23.24
N GLN A 211 -32.20 -13.78 -22.81
CA GLN A 211 -32.82 -14.94 -22.09
C GLN A 211 -32.78 -16.17 -23.01
N GLN A 212 -33.07 -15.98 -24.30
CA GLN A 212 -33.21 -17.08 -25.30
C GLN A 212 -31.81 -17.56 -25.72
N LYS A 213 -30.82 -16.67 -25.74
CA LYS A 213 -29.43 -16.94 -26.22
C LYS A 213 -28.42 -16.52 -25.15
N THR A 214 -28.56 -17.07 -23.94
CA THR A 214 -27.76 -16.63 -22.77
C THR A 214 -26.30 -17.01 -23.00
N PRO A 215 -25.41 -16.02 -23.23
CA PRO A 215 -23.98 -16.30 -23.41
C PRO A 215 -23.46 -17.20 -22.27
N VAL A 216 -22.54 -18.10 -22.61
CA VAL A 216 -21.63 -18.80 -21.63
C VAL A 216 -20.32 -18.00 -21.58
N ILE A 217 -19.64 -17.89 -22.73
CA ILE A 217 -18.47 -17.00 -22.90
C ILE A 217 -18.97 -15.67 -23.46
N LEU A 218 -18.72 -14.58 -22.74
CA LEU A 218 -19.07 -13.22 -23.16
C LEU A 218 -17.77 -12.44 -23.35
N THR A 219 -17.55 -11.90 -24.54
CA THR A 219 -16.31 -11.20 -24.92
C THR A 219 -16.67 -10.04 -25.85
N GLY A 220 -15.67 -9.42 -26.47
CA GLY A 220 -15.76 -8.06 -27.04
C GLY A 220 -14.57 -7.23 -26.62
N TRP A 221 -14.57 -5.95 -26.98
CA TRP A 221 -13.47 -5.00 -26.68
C TRP A 221 -13.92 -4.02 -25.59
N ASN A 222 -13.36 -4.18 -24.40
CA ASN A 222 -13.63 -3.31 -23.22
C ASN A 222 -15.06 -3.57 -22.71
N VAL A 223 -15.61 -4.75 -23.01
CA VAL A 223 -16.99 -5.14 -22.58
C VAL A 223 -17.07 -5.13 -21.05
N GLU A 224 -16.01 -5.51 -20.34
CA GLU A 224 -16.09 -5.68 -18.86
CA GLU A 224 -16.01 -5.67 -18.85
C GLU A 224 -16.14 -4.31 -18.19
N SER A 225 -15.56 -3.28 -18.81
CA SER A 225 -15.33 -1.95 -18.18
C SER A 225 -16.28 -0.90 -18.78
N PHE A 226 -16.81 -1.13 -19.99
CA PHE A 226 -17.76 -0.19 -20.64
C PHE A 226 -19.13 -0.85 -20.88
N ALA A 227 -19.24 -1.71 -21.90
CA ALA A 227 -20.52 -2.15 -22.48
C ALA A 227 -21.38 -2.85 -21.40
N ILE A 228 -20.82 -3.82 -20.67
CA ILE A 228 -21.59 -4.64 -19.69
C ILE A 228 -22.14 -3.74 -18.59
N PRO A 229 -21.27 -3.00 -17.85
CA PRO A 229 -21.76 -2.07 -16.84
C PRO A 229 -22.73 -1.03 -17.40
N TYR A 230 -22.48 -0.53 -18.62
CA TYR A 230 -23.31 0.54 -19.22
C TYR A 230 -24.72 0.00 -19.51
N VAL A 231 -24.82 -1.19 -20.10
CA VAL A 231 -26.11 -1.84 -20.44
C VAL A 231 -26.85 -2.14 -19.14
N TYR A 232 -26.17 -2.73 -18.16
CA TYR A 232 -26.74 -3.12 -16.84
C TYR A 232 -27.38 -1.91 -16.16
N ASN A 233 -26.65 -0.78 -16.09
CA ASN A 233 -27.06 0.42 -15.33
C ASN A 233 -28.09 1.20 -16.15
N ARG A 234 -28.02 1.14 -17.48
CA ARG A 234 -29.00 1.80 -18.38
C ARG A 234 -30.36 1.13 -18.17
N ILE A 235 -30.37 -0.20 -18.12
CA ILE A 235 -31.57 -1.03 -17.86
C ILE A 235 -32.01 -0.83 -16.40
N LYS A 236 -31.06 -0.79 -15.45
CA LYS A 236 -31.35 -0.56 -14.01
C LYS A 236 -32.07 0.78 -13.85
N ASN A 237 -31.61 1.82 -14.56
CA ASN A 237 -32.00 3.23 -14.30
C ASN A 237 -33.42 3.46 -14.84
N ILE A 238 -33.81 2.70 -15.87
CA ILE A 238 -35.11 2.82 -16.59
C ILE A 238 -36.14 1.90 -15.92
N PHE A 239 -35.82 0.61 -15.76
CA PHE A 239 -36.78 -0.47 -15.45
C PHE A 239 -36.66 -0.88 -13.98
N GLY A 240 -35.48 -0.72 -13.39
CA GLY A 240 -35.18 -1.12 -12.00
C GLY A 240 -34.22 -2.30 -11.93
N GLU A 241 -33.67 -2.55 -10.74
CA GLU A 241 -32.53 -3.48 -10.50
C GLU A 241 -32.91 -4.89 -10.94
N SER A 242 -34.10 -5.36 -10.54
CA SER A 242 -34.59 -6.74 -10.77
C SER A 242 -34.51 -7.06 -12.26
N THR A 243 -34.93 -6.13 -13.12
CA THR A 243 -34.95 -6.27 -14.60
C THR A 243 -33.50 -6.35 -15.13
N ALA A 244 -32.58 -5.59 -14.54
CA ALA A 244 -31.14 -5.55 -14.90
C ALA A 244 -30.50 -6.91 -14.59
N LYS A 245 -30.90 -7.54 -13.48
CA LYS A 245 -30.29 -8.80 -12.99
C LYS A 245 -30.74 -9.96 -13.88
N ARG A 246 -31.59 -9.71 -14.88
CA ARG A 246 -31.96 -10.78 -15.84
C ARG A 246 -30.78 -11.04 -16.78
N LEU A 247 -29.73 -10.22 -16.72
CA LEU A 247 -28.49 -10.42 -17.54
C LEU A 247 -27.68 -11.58 -16.96
N SER A 248 -28.01 -12.01 -15.74
CA SER A 248 -27.54 -13.28 -15.11
C SER A 248 -28.65 -14.32 -15.18
N PRO A 249 -28.36 -15.54 -15.66
CA PRO A 249 -29.37 -16.59 -15.73
C PRO A 249 -29.76 -17.13 -14.34
N HIS A 250 -29.05 -16.70 -13.29
CA HIS A 250 -29.36 -16.96 -11.87
C HIS A 250 -29.82 -15.68 -11.17
N ARG A 251 -30.00 -14.59 -11.93
CA ARG A 251 -30.55 -13.30 -11.43
C ARG A 251 -29.69 -12.78 -10.28
N LYS A 252 -28.38 -13.04 -10.29
CA LYS A 252 -27.42 -12.49 -9.29
C LYS A 252 -26.34 -11.70 -10.02
N THR A 253 -26.08 -10.48 -9.56
CA THR A 253 -24.95 -9.62 -10.02
C THR A 253 -24.28 -9.01 -8.79
N ARG A 254 -22.95 -8.83 -8.84
CA ARG A 254 -22.18 -7.97 -7.90
C ARG A 254 -21.66 -6.75 -8.67
N VAL A 255 -21.62 -5.58 -8.03
CA VAL A 255 -21.00 -4.37 -8.62
C VAL A 255 -19.60 -4.32 -8.00
N LYS A 256 -18.78 -5.32 -8.30
CA LYS A 256 -17.43 -5.51 -7.69
C LYS A 256 -16.51 -4.31 -7.87
N VAL A 257 -15.66 -4.06 -6.86
CA VAL A 257 -14.66 -2.97 -6.95
C VAL A 257 -13.32 -3.62 -7.29
N ILE A 258 -12.77 -3.29 -8.46
CA ILE A 258 -11.42 -3.81 -8.83
C ILE A 258 -10.39 -2.78 -8.38
N GLU A 259 -9.38 -3.23 -7.64
CA GLU A 259 -8.38 -2.30 -7.05
C GLU A 259 -6.98 -2.55 -7.61
N ASN A 260 -6.20 -1.48 -7.75
CA ASN A 260 -4.80 -1.61 -8.23
C ASN A 260 -4.16 -0.54 -7.33
N MET A 261 -2.92 -0.19 -7.64
CA MET A 261 -2.15 0.70 -6.74
C MET A 261 -2.48 2.17 -6.98
N TYR A 262 -3.31 2.47 -7.98
CA TYR A 262 -3.58 3.88 -8.32
C TYR A 262 -5.10 4.16 -8.30
N GLY A 263 -5.83 3.51 -7.40
CA GLY A 263 -7.27 3.79 -7.27
C GLY A 263 -8.16 2.55 -7.32
N SER A 264 -9.41 2.73 -7.74
CA SER A 264 -10.39 1.61 -7.77
C SER A 264 -11.46 1.80 -8.85
N ARG A 265 -11.83 0.74 -9.56
CA ARG A 265 -12.94 0.81 -10.57
CA ARG A 265 -12.92 0.79 -10.60
C ARG A 265 -14.11 -0.24 -10.46
N GLU A 266 -15.23 0.15 -11.06
CA GLU A 266 -16.40 -0.77 -10.88
C GLU A 266 -16.67 -1.70 -12.06
N ILE A 267 -16.95 -2.96 -11.74
CA ILE A 267 -17.22 -4.01 -12.76
C ILE A 267 -18.45 -4.79 -12.30
N ILE A 268 -19.32 -5.15 -13.23
CA ILE A 268 -20.48 -6.04 -12.94
C ILE A 268 -20.03 -7.49 -13.18
N THR A 269 -20.00 -8.29 -12.13
CA THR A 269 -20.01 -9.78 -12.20
C THR A 269 -21.44 -10.26 -12.51
N LEU A 270 -21.62 -10.91 -13.67
CA LEU A 270 -22.87 -11.61 -14.04
C LEU A 270 -22.73 -13.10 -13.70
N PHE A 271 -23.29 -13.52 -12.57
CA PHE A 271 -23.23 -14.92 -12.08
C PHE A 271 -23.83 -15.84 -13.15
N GLY A 272 -23.15 -16.95 -13.45
CA GLY A 272 -23.55 -17.92 -14.50
C GLY A 272 -23.12 -17.49 -15.89
N ILE A 273 -22.35 -16.40 -15.99
CA ILE A 273 -21.67 -16.04 -17.28
C ILE A 273 -20.17 -15.92 -17.04
N SER A 274 -19.38 -16.29 -18.04
CA SER A 274 -17.89 -16.20 -18.03
C SER A 274 -17.45 -15.08 -18.99
N VAL A 275 -17.17 -13.89 -18.45
CA VAL A 275 -16.68 -12.72 -19.22
C VAL A 275 -15.17 -12.87 -19.41
N LEU A 276 -14.73 -13.03 -20.65
CA LEU A 276 -13.31 -12.90 -21.07
C LEU A 276 -13.22 -11.72 -22.04
N ASP A 277 -13.07 -10.50 -21.50
CA ASP A 277 -12.85 -9.28 -22.30
C ASP A 277 -11.64 -9.52 -23.20
N TYR A 278 -11.74 -9.26 -24.50
CA TYR A 278 -10.65 -9.59 -25.45
C TYR A 278 -9.43 -8.70 -25.18
N ILE A 279 -9.66 -7.45 -24.78
CA ILE A 279 -8.54 -6.52 -24.40
C ILE A 279 -7.70 -7.20 -23.33
N ASP A 280 -8.35 -7.95 -22.41
CA ASP A 280 -7.67 -8.56 -21.24
C ASP A 280 -7.01 -9.88 -21.67
N LEU A 281 -7.68 -10.68 -22.51
CA LEU A 281 -7.04 -11.85 -23.16
C LEU A 281 -5.80 -11.36 -23.93
N TYR A 282 -5.96 -10.30 -24.72
CA TYR A 282 -4.87 -9.77 -25.58
C TYR A 282 -3.67 -9.36 -24.70
N LYS A 283 -3.92 -8.65 -23.61
CA LYS A 283 -2.84 -8.12 -22.71
C LYS A 283 -2.10 -9.31 -22.07
N LYS A 284 -2.80 -10.39 -21.71
CA LYS A 284 -2.17 -11.49 -20.95
C LYS A 284 -1.45 -12.44 -21.91
N PHE A 285 -1.97 -12.65 -23.13
CA PHE A 285 -1.64 -13.82 -23.97
C PHE A 285 -0.83 -13.42 -25.22
N SER A 286 -0.85 -12.14 -25.61
CA SER A 286 -0.29 -11.64 -26.90
C SER A 286 1.22 -11.47 -26.81
N PHE A 287 1.76 -11.21 -25.63
CA PHE A 287 3.20 -10.88 -25.38
C PHE A 287 3.61 -9.75 -26.32
N THR A 288 2.73 -8.76 -26.43
CA THR A 288 3.04 -7.40 -26.94
C THR A 288 2.95 -6.40 -25.80
N ASN A 289 3.53 -5.21 -25.97
CA ASN A 289 3.17 -3.96 -25.24
C ASN A 289 2.93 -2.86 -26.28
N GLN A 290 1.67 -2.44 -26.43
CA GLN A 290 1.19 -1.57 -27.53
C GLN A 290 1.09 -0.15 -27.00
N PRO A 291 1.38 0.87 -27.84
CA PRO A 291 1.23 2.27 -27.42
C PRO A 291 -0.23 2.69 -27.28
N SER A 292 -1.16 1.92 -27.86
CA SER A 292 -2.62 2.12 -27.74
C SER A 292 -3.34 0.77 -27.73
N TYR A 293 -4.45 0.67 -27.00
CA TYR A 293 -5.30 -0.55 -26.92
C TYR A 293 -6.73 -0.23 -27.39
N SER A 294 -6.87 0.75 -28.28
CA SER A 294 -8.09 0.99 -29.09
C SER A 294 -8.21 -0.12 -30.14
N LEU A 295 -9.43 -0.59 -30.40
CA LEU A 295 -9.70 -1.70 -31.35
C LEU A 295 -9.13 -1.36 -32.73
N ASP A 296 -9.35 -0.12 -33.21
CA ASP A 296 -8.77 0.40 -34.47
C ASP A 296 -7.29 0.02 -34.53
N TYR A 297 -6.53 0.33 -33.48
CA TYR A 297 -5.05 0.20 -33.44
C TYR A 297 -4.66 -1.28 -33.42
N ILE A 298 -5.32 -2.08 -32.59
CA ILE A 298 -5.01 -3.54 -32.43
C ILE A 298 -5.40 -4.26 -33.74
N SER A 299 -6.52 -3.86 -34.34
CA SER A 299 -7.02 -4.37 -35.65
C SER A 299 -5.93 -4.20 -36.72
N GLU A 300 -5.35 -3.00 -36.82
CA GLU A 300 -4.33 -2.68 -37.84
C GLU A 300 -3.10 -3.57 -37.61
N PHE A 301 -2.66 -3.70 -36.34
CA PHE A 301 -1.41 -4.39 -35.98
C PHE A 301 -1.52 -5.89 -36.31
N GLU A 302 -2.70 -6.48 -36.05
CA GLU A 302 -2.90 -7.96 -36.05
C GLU A 302 -3.32 -8.40 -37.46
N LEU A 303 -4.16 -7.60 -38.13
CA LEU A 303 -4.90 -7.99 -39.37
C LEU A 303 -4.39 -7.17 -40.56
N ASN A 304 -3.69 -6.06 -40.29
CA ASN A 304 -3.20 -5.09 -41.30
C ASN A 304 -4.40 -4.46 -42.02
N VAL A 305 -5.59 -4.53 -41.42
CA VAL A 305 -6.84 -3.91 -41.94
C VAL A 305 -6.99 -2.51 -41.34
N GLY A 306 -7.24 -1.51 -42.19
CA GLY A 306 -7.21 -0.07 -41.82
C GLY A 306 -8.45 0.33 -41.04
N LYS A 307 -8.43 1.51 -40.41
CA LYS A 307 -9.57 2.11 -39.68
C LYS A 307 -10.74 2.32 -40.65
N LEU A 308 -11.98 2.17 -40.17
CA LEU A 308 -13.20 2.74 -40.80
C LEU A 308 -13.20 4.26 -40.61
N LYS A 309 -12.91 5.01 -41.67
CA LYS A 309 -12.89 6.50 -41.66
C LYS A 309 -14.32 7.00 -41.44
N TYR A 310 -14.46 8.15 -40.77
CA TYR A 310 -15.74 8.91 -40.63
C TYR A 310 -15.42 10.39 -40.38
N ASP A 311 -16.19 11.27 -41.02
CA ASP A 311 -16.07 12.76 -40.90
C ASP A 311 -16.69 13.22 -39.58
N GLY A 312 -15.99 14.11 -38.85
CA GLY A 312 -16.52 14.80 -37.67
C GLY A 312 -16.32 13.98 -36.39
N PRO A 313 -16.86 14.42 -35.25
CA PRO A 313 -16.68 13.74 -33.97
C PRO A 313 -17.58 12.50 -33.88
N ILE A 314 -17.19 11.53 -33.06
CA ILE A 314 -18.00 10.30 -32.77
C ILE A 314 -19.36 10.73 -32.21
N SER A 315 -19.40 11.84 -31.47
CA SER A 315 -20.57 12.31 -30.70
C SER A 315 -21.67 12.81 -31.64
N LYS A 316 -21.43 12.74 -32.96
CA LYS A 316 -22.23 13.46 -33.98
C LYS A 316 -22.33 12.61 -35.25
N LEU A 317 -21.69 11.44 -35.25
CA LEU A 317 -21.66 10.53 -36.43
C LEU A 317 -23.09 10.03 -36.72
N ARG A 318 -23.91 9.83 -35.68
CA ARG A 318 -25.25 9.22 -35.83
C ARG A 318 -26.15 10.14 -36.65
N GLU A 319 -26.25 11.43 -36.26
CA GLU A 319 -26.96 12.50 -37.01
C GLU A 319 -26.36 12.61 -38.42
N SER A 320 -25.03 12.57 -38.53
CA SER A 320 -24.24 12.83 -39.76
C SER A 320 -24.44 11.69 -40.75
N ASN A 321 -24.20 10.45 -40.32
CA ASN A 321 -24.11 9.25 -41.20
C ASN A 321 -24.44 7.99 -40.39
N HIS A 322 -25.69 7.89 -39.92
CA HIS A 322 -26.20 6.74 -39.12
C HIS A 322 -25.92 5.43 -39.86
N GLN A 323 -26.06 5.45 -41.19
CA GLN A 323 -25.75 4.30 -42.10
C GLN A 323 -24.32 3.81 -41.82
N ARG A 324 -23.38 4.73 -41.57
CA ARG A 324 -21.95 4.42 -41.31
C ARG A 324 -21.77 4.06 -39.83
N TYR A 325 -22.46 4.80 -38.95
CA TYR A 325 -22.56 4.56 -37.49
C TYR A 325 -22.83 3.07 -37.21
N ILE A 326 -23.76 2.46 -37.95
CA ILE A 326 -24.31 1.10 -37.64
C ILE A 326 -23.37 0.06 -38.25
N SER A 327 -22.90 0.29 -39.48
CA SER A 327 -21.85 -0.51 -40.16
C SER A 327 -20.61 -0.58 -39.27
N TYR A 328 -20.21 0.57 -38.71
CA TYR A 328 -19.05 0.71 -37.80
C TYR A 328 -19.23 -0.25 -36.61
N ASN A 329 -20.36 -0.12 -35.90
CA ASN A 329 -20.77 -1.01 -34.78
C ASN A 329 -20.58 -2.46 -35.21
N ILE A 330 -21.05 -2.83 -36.42
CA ILE A 330 -21.08 -4.25 -36.89
C ILE A 330 -19.64 -4.73 -37.09
N ILE A 331 -18.82 -3.93 -37.75
CA ILE A 331 -17.42 -4.28 -38.13
C ILE A 331 -16.58 -4.39 -36.85
N ALA A 332 -16.80 -3.50 -35.89
CA ALA A 332 -16.15 -3.51 -34.55
C ALA A 332 -16.27 -4.92 -33.95
N VAL A 333 -17.47 -5.49 -33.97
CA VAL A 333 -17.75 -6.87 -33.46
C VAL A 333 -16.95 -7.87 -34.28
N TYR A 334 -17.04 -7.80 -35.62
CA TYR A 334 -16.31 -8.68 -36.56
C TYR A 334 -14.81 -8.64 -36.25
N ARG A 335 -14.25 -7.43 -36.08
CA ARG A 335 -12.80 -7.22 -35.82
C ARG A 335 -12.31 -8.20 -34.75
N VAL A 336 -13.06 -8.33 -33.65
CA VAL A 336 -12.64 -9.15 -32.48
C VAL A 336 -12.62 -10.62 -32.93
N LEU A 337 -13.60 -11.02 -33.73
CA LEU A 337 -13.72 -12.41 -34.22
C LEU A 337 -12.54 -12.71 -35.14
N GLN A 338 -12.20 -11.76 -36.01
CA GLN A 338 -10.99 -11.84 -36.88
C GLN A 338 -9.73 -12.02 -36.02
N ILE A 339 -9.58 -11.19 -34.98
CA ILE A 339 -8.36 -11.20 -34.11
C ILE A 339 -8.27 -12.57 -33.42
N ASP A 340 -9.40 -13.13 -32.97
CA ASP A 340 -9.44 -14.42 -32.22
C ASP A 340 -9.13 -15.59 -33.16
N ALA A 341 -9.65 -15.55 -34.39
CA ALA A 341 -9.30 -16.52 -35.47
C ALA A 341 -7.77 -16.63 -35.58
N LYS A 342 -7.05 -15.51 -35.54
CA LYS A 342 -5.57 -15.48 -35.67
C LYS A 342 -4.92 -15.97 -34.36
N ARG A 343 -5.30 -15.39 -33.22
CA ARG A 343 -4.56 -15.54 -31.93
C ARG A 343 -5.04 -16.77 -31.17
N GLN A 344 -6.35 -17.04 -31.22
CA GLN A 344 -7.00 -18.27 -30.67
C GLN A 344 -6.89 -18.26 -29.15
N PHE A 345 -7.19 -17.13 -28.51
CA PHE A 345 -7.07 -16.91 -27.04
C PHE A 345 -8.30 -17.52 -26.36
N ILE A 346 -9.45 -17.53 -27.02
CA ILE A 346 -10.68 -18.21 -26.51
C ILE A 346 -10.39 -19.70 -26.38
N ASN A 347 -9.85 -20.31 -27.44
CA ASN A 347 -9.49 -21.76 -27.47
C ASN A 347 -8.48 -22.05 -26.36
N LEU A 348 -7.47 -21.18 -26.21
CA LEU A 348 -6.43 -21.32 -25.14
C LEU A 348 -7.14 -21.30 -23.78
N SER A 349 -8.04 -20.33 -23.57
CA SER A 349 -8.81 -20.15 -22.32
C SER A 349 -9.61 -21.41 -22.00
N LEU A 350 -10.43 -21.88 -22.95
CA LEU A 350 -11.25 -23.12 -22.80
C LEU A 350 -10.33 -24.29 -22.44
N ASP A 351 -9.27 -24.53 -23.23
CA ASP A 351 -8.21 -25.53 -22.97
C ASP A 351 -7.67 -25.53 -21.54
N MET A 352 -7.16 -24.39 -21.05
CA MET A 352 -6.62 -24.30 -19.68
C MET A 352 -7.74 -24.47 -18.65
N GLY A 353 -8.88 -23.82 -18.90
CA GLY A 353 -10.01 -23.87 -17.96
C GLY A 353 -10.60 -25.24 -17.75
N TYR A 354 -10.52 -26.14 -18.73
CA TYR A 354 -11.07 -27.52 -18.64
C TYR A 354 -9.96 -28.48 -18.18
N TYR A 355 -8.70 -28.23 -18.53
CA TYR A 355 -7.54 -29.04 -18.04
C TYR A 355 -7.56 -28.91 -16.54
N ALA A 356 -7.40 -27.68 -16.09
CA ALA A 356 -7.60 -27.40 -14.67
C ALA A 356 -9.12 -27.37 -14.58
N LYS A 357 -9.70 -27.74 -13.49
CA LYS A 357 -11.18 -27.76 -13.39
C LYS A 357 -11.63 -26.50 -12.65
N ILE A 358 -11.72 -25.38 -13.39
CA ILE A 358 -11.89 -24.00 -12.87
C ILE A 358 -12.95 -23.30 -13.72
N GLN A 359 -13.39 -22.14 -13.26
CA GLN A 359 -14.24 -21.26 -14.10
C GLN A 359 -13.33 -20.75 -15.23
N ILE A 360 -13.86 -20.56 -16.43
CA ILE A 360 -12.98 -20.20 -17.59
C ILE A 360 -12.29 -18.85 -17.33
N GLN A 361 -12.97 -17.89 -16.73
CA GLN A 361 -12.38 -16.56 -16.41
C GLN A 361 -11.22 -16.68 -15.42
N SER A 362 -11.08 -17.81 -14.72
CA SER A 362 -9.96 -18.01 -13.76
C SER A 362 -8.64 -18.28 -14.49
N VAL A 363 -8.65 -18.36 -15.83
CA VAL A 363 -7.39 -18.56 -16.61
C VAL A 363 -6.54 -17.30 -16.50
N PHE A 364 -7.14 -16.17 -16.09
CA PHE A 364 -6.41 -14.90 -15.81
C PHE A 364 -5.49 -15.08 -14.60
N SER A 365 -5.86 -15.99 -13.69
CA SER A 365 -5.14 -16.23 -12.40
C SER A 365 -4.37 -17.55 -12.46
N PRO A 366 -3.04 -17.52 -12.66
CA PRO A 366 -2.21 -18.72 -12.52
C PRO A 366 -2.28 -19.31 -11.10
N ILE A 367 -2.46 -18.50 -10.07
CA ILE A 367 -2.56 -19.00 -8.66
C ILE A 367 -3.77 -19.94 -8.58
N LYS A 368 -4.89 -19.53 -9.18
CA LYS A 368 -6.17 -20.27 -9.09
C LYS A 368 -6.08 -21.51 -9.97
N THR A 369 -5.57 -21.36 -11.19
CA THR A 369 -5.37 -22.46 -12.16
C THR A 369 -4.55 -23.57 -11.49
N TRP A 370 -3.39 -23.21 -10.91
CA TRP A 370 -2.44 -24.21 -10.35
C TRP A 370 -3.01 -24.80 -9.05
N ASP A 371 -3.69 -24.01 -8.24
CA ASP A 371 -4.33 -24.49 -6.98
C ASP A 371 -5.26 -25.65 -7.35
N ALA A 372 -6.02 -25.48 -8.43
CA ALA A 372 -7.05 -26.42 -8.91
C ALA A 372 -6.38 -27.70 -9.46
N ILE A 373 -5.33 -27.55 -10.27
CA ILE A 373 -4.59 -28.70 -10.87
C ILE A 373 -4.00 -29.53 -9.73
N ILE A 374 -3.29 -28.89 -8.79
CA ILE A 374 -2.56 -29.56 -7.68
C ILE A 374 -3.57 -30.19 -6.72
N PHE A 375 -4.71 -29.52 -6.49
CA PHE A 375 -5.84 -30.06 -5.70
C PHE A 375 -6.32 -31.37 -6.33
N ASN A 376 -6.72 -31.30 -7.59
CA ASN A 376 -7.26 -32.45 -8.36
C ASN A 376 -6.25 -33.59 -8.31
N SER A 377 -4.95 -33.26 -8.45
CA SER A 377 -3.84 -34.25 -8.51
C SER A 377 -3.70 -34.94 -7.16
N LEU A 378 -3.75 -34.18 -6.07
CA LEU A 378 -3.57 -34.69 -4.69
C LEU A 378 -4.81 -35.48 -4.25
N LYS A 379 -5.99 -35.10 -4.74
CA LYS A 379 -7.29 -35.70 -4.35
C LYS A 379 -7.37 -37.14 -4.87
N GLU A 380 -6.77 -37.42 -6.03
CA GLU A 380 -6.79 -38.76 -6.70
C GLU A 380 -5.91 -39.74 -5.91
N GLN A 381 -5.02 -39.21 -5.06
CA GLN A 381 -4.10 -40.01 -4.21
CA GLN A 381 -4.11 -40.03 -4.21
C GLN A 381 -4.62 -40.01 -2.76
N ASN A 382 -5.89 -39.60 -2.58
CA ASN A 382 -6.55 -39.49 -1.26
C ASN A 382 -5.68 -38.64 -0.33
N LYS A 383 -4.97 -37.65 -0.89
CA LYS A 383 -4.16 -36.70 -0.11
C LYS A 383 -4.93 -35.38 0.03
N VAL A 384 -4.52 -34.55 0.98
CA VAL A 384 -5.34 -33.46 1.58
C VAL A 384 -4.49 -32.19 1.58
N ILE A 385 -4.95 -31.15 0.88
CA ILE A 385 -4.16 -29.93 0.59
C ILE A 385 -4.07 -29.11 1.88
N PRO A 386 -2.97 -28.36 2.12
CA PRO A 386 -2.86 -27.50 3.29
C PRO A 386 -3.87 -26.35 3.27
N GLN A 387 -4.22 -25.84 4.45
CA GLN A 387 -4.84 -24.50 4.63
C GLN A 387 -3.93 -23.43 3.99
N GLY A 388 -4.54 -22.52 3.25
CA GLY A 388 -3.77 -21.36 2.74
C GLY A 388 -3.46 -20.46 3.91
N ARG A 389 -2.31 -20.02 4.18
CA ARG A 389 -1.73 -19.23 5.28
C ARG A 389 -1.49 -17.77 4.87
N SER A 390 -1.31 -16.91 5.81
CA SER A 390 -0.93 -15.50 5.55
C SER A 390 0.58 -15.39 5.67
N HIS A 391 1.18 -14.70 4.71
CA HIS A 391 2.65 -14.51 4.73
C HIS A 391 2.99 -13.06 4.42
N PRO A 392 4.11 -12.54 4.95
CA PRO A 392 4.54 -11.21 4.57
C PRO A 392 5.25 -11.12 3.21
N VAL A 393 4.86 -10.16 2.37
CA VAL A 393 5.64 -9.86 1.13
C VAL A 393 7.07 -9.53 1.54
N GLN A 394 8.06 -10.18 0.92
CA GLN A 394 9.47 -9.73 1.02
C GLN A 394 10.23 -10.11 -0.24
N PRO A 395 11.33 -9.38 -0.54
CA PRO A 395 12.11 -9.64 -1.74
C PRO A 395 12.86 -10.97 -1.57
N TYR A 396 13.17 -11.62 -2.70
CA TYR A 396 14.09 -12.78 -2.78
C TYR A 396 14.87 -12.68 -4.09
N PRO A 397 16.14 -13.14 -4.12
CA PRO A 397 17.00 -12.97 -5.29
C PRO A 397 16.51 -13.78 -6.50
N GLY A 398 16.87 -13.34 -7.71
CA GLY A 398 16.46 -13.96 -8.98
C GLY A 398 17.65 -14.40 -9.80
N ALA A 399 17.61 -14.11 -11.10
CA ALA A 399 18.55 -14.65 -12.12
C ALA A 399 19.88 -13.91 -12.03
N PHE A 400 20.94 -14.53 -12.56
CA PHE A 400 22.23 -13.87 -12.86
C PHE A 400 22.17 -13.24 -14.25
N VAL A 401 22.73 -12.04 -14.40
CA VAL A 401 22.95 -11.37 -15.70
C VAL A 401 24.40 -10.90 -15.78
N LYS A 402 25.16 -11.41 -16.76
CA LYS A 402 26.59 -11.08 -16.93
C LYS A 402 26.69 -9.65 -17.47
N GLU A 403 27.60 -8.85 -16.91
CA GLU A 403 27.97 -7.52 -17.45
C GLU A 403 28.81 -7.72 -18.71
N PRO A 404 28.28 -7.39 -19.90
CA PRO A 404 29.05 -7.53 -21.13
C PRO A 404 30.02 -6.35 -21.29
N ILE A 405 31.17 -6.57 -21.94
CA ILE A 405 32.00 -5.47 -22.51
C ILE A 405 31.26 -4.90 -23.71
N PRO A 406 30.86 -3.60 -23.65
CA PRO A 406 30.23 -2.94 -24.79
C PRO A 406 31.16 -3.00 -26.00
N ASN A 407 30.67 -3.51 -27.13
CA ASN A 407 31.52 -3.81 -28.31
C ASN A 407 30.64 -4.29 -29.46
N ARG A 408 31.15 -4.18 -30.68
CA ARG A 408 30.75 -5.05 -31.81
C ARG A 408 31.20 -6.47 -31.50
N TYR A 409 30.43 -7.45 -31.95
CA TYR A 409 30.79 -8.89 -31.90
C TYR A 409 30.41 -9.49 -33.24
N LYS A 410 31.42 -9.96 -33.98
CA LYS A 410 31.31 -10.24 -35.43
C LYS A 410 30.54 -11.54 -35.62
N TYR A 411 31.06 -12.64 -35.06
CA TYR A 411 30.46 -14.00 -35.15
C TYR A 411 30.01 -14.41 -33.75
N VAL A 412 28.73 -14.76 -33.62
CA VAL A 412 28.10 -15.12 -32.32
C VAL A 412 27.21 -16.34 -32.52
N MET A 413 27.35 -17.32 -31.62
CA MET A 413 26.43 -18.46 -31.41
C MET A 413 25.89 -18.37 -29.99
N SER A 414 24.57 -18.51 -29.84
CA SER A 414 23.87 -18.44 -28.54
C SER A 414 23.34 -19.84 -28.20
N PHE A 415 23.27 -20.14 -26.90
CA PHE A 415 22.69 -21.39 -26.34
C PHE A 415 21.80 -21.01 -25.16
N ASP A 416 20.71 -21.76 -24.98
CA ASP A 416 19.59 -21.41 -24.09
C ASP A 416 19.07 -22.72 -23.46
N LEU A 417 19.02 -22.79 -22.13
CA LEU A 417 18.46 -23.95 -21.39
C LEU A 417 16.97 -24.09 -21.69
N THR A 418 16.51 -25.33 -21.91
CA THR A 418 15.09 -25.68 -22.12
C THR A 418 14.32 -25.39 -20.82
N SER A 419 13.25 -24.60 -20.92
CA SER A 419 12.32 -24.28 -19.80
C SER A 419 12.98 -24.24 -18.42
N LEU A 420 14.01 -23.42 -18.25
CA LEU A 420 15.03 -23.58 -17.18
C LEU A 420 14.34 -23.91 -15.84
N TYR A 421 13.44 -23.05 -15.35
CA TYR A 421 13.02 -23.07 -13.93
C TYR A 421 12.14 -24.28 -13.69
N PRO A 422 11.16 -24.58 -14.57
CA PRO A 422 10.46 -25.87 -14.56
C PRO A 422 11.41 -27.08 -14.59
N SER A 423 12.48 -27.00 -15.38
CA SER A 423 13.50 -28.06 -15.52
C SER A 423 14.26 -28.19 -14.19
N ILE A 424 14.54 -27.07 -13.54
CA ILE A 424 15.22 -27.05 -12.22
C ILE A 424 14.29 -27.71 -11.19
N ILE A 425 13.00 -27.36 -11.22
CA ILE A 425 11.98 -27.92 -10.28
C ILE A 425 12.02 -29.45 -10.40
N ARG A 426 12.11 -29.97 -11.62
CA ARG A 426 12.06 -31.44 -11.91
C ARG A 426 13.41 -32.06 -11.51
N GLN A 427 14.51 -31.38 -11.83
CA GLN A 427 15.91 -31.88 -11.70
C GLN A 427 16.27 -32.07 -10.22
N VAL A 428 16.44 -30.98 -9.49
CA VAL A 428 16.16 -30.94 -8.03
C VAL A 428 14.70 -31.37 -7.94
N ASN A 429 14.32 -32.12 -6.90
CA ASN A 429 12.92 -32.59 -6.76
C ASN A 429 12.17 -31.58 -5.87
N ILE A 430 11.90 -30.36 -6.37
CA ILE A 430 11.48 -29.19 -5.53
C ILE A 430 9.95 -29.15 -5.42
N SER A 431 9.45 -29.37 -4.20
CA SER A 431 8.01 -29.46 -3.85
C SER A 431 7.88 -29.13 -2.38
N PRO A 432 6.69 -28.66 -1.92
CA PRO A 432 6.48 -28.39 -0.50
C PRO A 432 6.79 -29.63 0.36
N GLU A 433 6.54 -30.82 -0.17
CA GLU A 433 6.49 -32.09 0.63
C GLU A 433 7.73 -32.95 0.36
N THR A 434 8.71 -32.44 -0.39
CA THR A 434 9.96 -33.16 -0.75
C THR A 434 11.15 -32.53 -0.02
N ILE A 435 10.93 -31.41 0.67
CA ILE A 435 11.94 -30.77 1.56
C ILE A 435 12.40 -31.81 2.58
N ALA A 436 13.72 -32.01 2.71
CA ALA A 436 14.35 -33.10 3.50
C ALA A 436 15.24 -32.50 4.60
N GLY A 437 15.73 -31.27 4.39
CA GLY A 437 16.61 -30.56 5.33
C GLY A 437 17.42 -29.47 4.64
N THR A 438 18.57 -29.10 5.23
CA THR A 438 19.47 -28.02 4.76
C THR A 438 20.91 -28.42 5.02
N PHE A 439 21.86 -27.70 4.41
CA PHE A 439 23.33 -27.90 4.57
C PHE A 439 24.00 -26.53 4.72
N LYS A 440 25.24 -26.53 5.18
CA LYS A 440 26.05 -25.29 5.35
C LYS A 440 26.42 -24.78 3.96
N VAL A 441 26.09 -23.51 3.69
CA VAL A 441 26.13 -22.92 2.32
C VAL A 441 27.47 -22.23 2.13
N ALA A 442 28.35 -22.81 1.31
CA ALA A 442 29.55 -22.13 0.75
C ALA A 442 29.08 -20.99 -0.14
N PRO A 443 29.94 -19.98 -0.41
CA PRO A 443 29.61 -18.94 -1.39
C PRO A 443 29.34 -19.53 -2.77
N LEU A 444 28.45 -18.91 -3.55
CA LEU A 444 27.95 -19.45 -4.85
C LEU A 444 29.14 -19.69 -5.79
N HIS A 445 30.11 -18.77 -5.78
CA HIS A 445 31.36 -18.81 -6.59
C HIS A 445 32.06 -20.16 -6.39
N ASP A 446 31.97 -20.73 -5.17
CA ASP A 446 32.72 -21.95 -4.78
C ASP A 446 32.04 -23.17 -5.41
N TYR A 447 30.70 -23.16 -5.53
CA TYR A 447 29.93 -24.21 -6.26
C TYR A 447 30.17 -24.04 -7.76
N ILE A 448 30.08 -22.81 -8.27
CA ILE A 448 30.29 -22.49 -9.71
C ILE A 448 31.64 -23.08 -10.16
N ASN A 449 32.65 -23.06 -9.28
CA ASN A 449 34.06 -23.41 -9.61
C ASN A 449 34.40 -24.79 -9.02
N ALA A 450 33.44 -25.42 -8.35
CA ALA A 450 33.47 -26.85 -7.94
C ALA A 450 34.54 -27.08 -6.86
N VAL A 451 34.77 -26.10 -5.97
CA VAL A 451 35.83 -26.18 -4.91
C VAL A 451 35.18 -26.26 -3.52
N ALA A 452 33.85 -26.14 -3.45
CA ALA A 452 33.06 -26.38 -2.22
C ALA A 452 32.76 -27.87 -2.08
N GLU A 453 32.56 -28.35 -0.85
CA GLU A 453 32.29 -29.78 -0.57
C GLU A 453 30.92 -30.13 -1.13
N ARG A 454 30.80 -31.33 -1.72
CA ARG A 454 29.51 -31.90 -2.19
C ARG A 454 28.49 -31.75 -1.06
N PRO A 455 27.40 -30.99 -1.28
CA PRO A 455 26.37 -30.79 -0.26
C PRO A 455 25.86 -32.06 0.45
N SER A 456 25.58 -33.13 -0.30
CA SER A 456 24.91 -34.35 0.20
C SER A 456 25.17 -35.54 -0.73
N ASP A 457 25.24 -36.75 -0.17
CA ASP A 457 25.38 -38.03 -0.92
C ASP A 457 24.03 -38.75 -0.89
N VAL A 458 23.03 -38.15 -0.23
CA VAL A 458 21.72 -38.79 0.06
C VAL A 458 20.60 -37.99 -0.62
N TYR A 459 20.71 -36.66 -0.62
CA TYR A 459 19.62 -35.70 -0.96
C TYR A 459 20.01 -34.93 -2.22
N SER A 460 18.99 -34.51 -2.98
CA SER A 460 19.13 -33.63 -4.17
C SER A 460 19.11 -32.17 -3.70
N CYS A 461 20.09 -31.38 -4.10
CA CYS A 461 20.44 -30.09 -3.43
C CYS A 461 20.36 -28.93 -4.43
N SER A 462 20.06 -27.73 -3.91
CA SER A 462 20.30 -26.43 -4.57
C SER A 462 21.47 -25.81 -3.81
N PRO A 463 22.23 -24.88 -4.43
CA PRO A 463 23.25 -24.11 -3.73
C PRO A 463 22.75 -23.02 -2.77
N ASN A 464 21.44 -22.88 -2.58
CA ASN A 464 20.87 -21.97 -1.54
C ASN A 464 20.77 -22.70 -0.20
N GLY A 465 21.14 -23.98 -0.19
CA GLY A 465 21.35 -24.77 1.05
C GLY A 465 20.20 -25.71 1.30
N MET A 466 19.24 -25.77 0.38
CA MET A 466 18.02 -26.61 0.50
C MET A 466 18.34 -28.03 0.05
N MET A 467 17.79 -29.04 0.73
CA MET A 467 17.95 -30.47 0.38
C MET A 467 16.57 -31.11 0.18
N TYR A 468 16.43 -31.95 -0.84
CA TYR A 468 15.16 -32.58 -1.26
C TYR A 468 15.36 -34.09 -1.41
N TYR A 469 14.34 -34.88 -1.05
CA TYR A 469 14.25 -36.34 -1.23
C TYR A 469 14.39 -36.68 -2.72
N LYS A 470 15.20 -37.70 -3.03
CA LYS A 470 15.35 -38.27 -4.41
C LYS A 470 14.40 -39.45 -4.61
N ASP A 471 13.86 -39.98 -3.51
CA ASP A 471 13.08 -41.24 -3.52
C ASP A 471 11.57 -41.02 -3.64
N ARG A 472 11.13 -39.78 -3.68
CA ARG A 472 9.68 -39.48 -3.78
C ARG A 472 9.46 -38.56 -4.96
N ASP A 473 8.25 -38.57 -5.50
CA ASP A 473 7.91 -37.63 -6.59
C ASP A 473 7.07 -36.48 -6.02
N GLY A 474 7.59 -35.26 -6.05
CA GLY A 474 6.83 -34.08 -5.62
C GLY A 474 5.64 -33.83 -6.52
N VAL A 475 4.54 -33.34 -5.95
CA VAL A 475 3.32 -32.98 -6.72
C VAL A 475 3.65 -31.87 -7.74
N VAL A 476 4.54 -30.94 -7.39
CA VAL A 476 4.87 -29.76 -8.25
C VAL A 476 5.68 -30.25 -9.45
N PRO A 477 6.81 -30.97 -9.26
CA PRO A 477 7.45 -31.69 -10.36
C PRO A 477 6.49 -32.48 -11.25
N THR A 478 5.64 -33.31 -10.67
CA THR A 478 4.71 -34.22 -11.40
C THR A 478 3.84 -33.39 -12.34
N GLU A 479 3.18 -32.36 -11.79
CA GLU A 479 2.11 -31.60 -12.49
C GLU A 479 2.74 -30.62 -13.50
N ILE A 480 3.92 -30.08 -13.19
CA ILE A 480 4.62 -29.12 -14.09
C ILE A 480 5.15 -29.90 -15.30
N THR A 481 5.61 -31.13 -15.09
CA THR A 481 6.09 -32.05 -16.15
C THR A 481 5.00 -32.16 -17.22
N LYS A 482 3.75 -32.41 -16.80
CA LYS A 482 2.59 -32.63 -17.72
C LYS A 482 2.42 -31.42 -18.63
N VAL A 483 2.33 -30.21 -18.05
CA VAL A 483 2.08 -28.96 -18.84
C VAL A 483 3.30 -28.71 -19.74
N PHE A 484 4.51 -28.94 -19.23
CA PHE A 484 5.78 -28.73 -19.99
C PHE A 484 5.78 -29.55 -21.28
N ASN A 485 5.29 -30.79 -21.22
CA ASN A 485 5.30 -31.76 -22.35
C ASN A 485 4.33 -31.28 -23.44
N GLN A 486 3.17 -30.75 -23.03
CA GLN A 486 2.21 -30.06 -23.92
C GLN A 486 2.92 -28.92 -24.64
N ARG A 487 3.70 -28.12 -23.89
CA ARG A 487 4.39 -26.91 -24.39
C ARG A 487 5.38 -27.34 -25.48
N LYS A 488 6.20 -28.36 -25.19
CA LYS A 488 7.19 -28.97 -26.14
C LYS A 488 6.48 -29.38 -27.44
N GLU A 489 5.37 -30.13 -27.31
CA GLU A 489 4.56 -30.62 -28.46
C GLU A 489 4.18 -29.44 -29.35
N HIS A 490 3.67 -28.34 -28.77
CA HIS A 490 3.16 -27.16 -29.51
C HIS A 490 4.31 -26.32 -30.07
N LYS A 491 5.42 -26.21 -29.34
CA LYS A 491 6.65 -25.52 -29.84
C LYS A 491 7.18 -26.25 -31.08
N GLY A 492 7.25 -27.58 -31.04
CA GLY A 492 7.57 -28.43 -32.20
C GLY A 492 6.76 -28.04 -33.44
N TYR A 493 5.44 -27.93 -33.29
CA TYR A 493 4.48 -27.58 -34.39
C TYR A 493 4.80 -26.17 -34.89
N MET A 494 5.12 -25.26 -33.96
CA MET A 494 5.41 -23.83 -34.25
C MET A 494 6.67 -23.74 -35.14
N LEU A 495 7.74 -24.45 -34.76
CA LEU A 495 9.06 -24.36 -35.42
C LEU A 495 9.00 -25.04 -36.80
N ALA A 496 8.35 -26.20 -36.88
CA ALA A 496 8.01 -26.89 -38.15
C ALA A 496 7.27 -25.91 -39.10
N ALA A 497 6.22 -25.25 -38.61
CA ALA A 497 5.46 -24.23 -39.38
C ALA A 497 6.40 -23.12 -39.83
N GLN A 498 7.35 -22.73 -38.97
CA GLN A 498 8.36 -21.67 -39.20
C GLN A 498 9.33 -22.11 -40.31
N ARG A 499 9.91 -23.31 -40.18
CA ARG A 499 10.80 -23.91 -41.20
C ARG A 499 10.06 -24.01 -42.54
N ASN A 500 8.83 -24.54 -42.53
CA ASN A 500 7.97 -24.68 -43.73
C ASN A 500 7.81 -23.32 -44.42
N GLY A 501 7.57 -22.26 -43.64
CA GLY A 501 7.38 -20.88 -44.15
C GLY A 501 8.55 -20.43 -44.98
N GLU A 502 9.78 -20.68 -44.53
CA GLU A 502 11.03 -20.22 -45.18
C GLU A 502 11.19 -20.95 -46.52
N ILE A 503 10.81 -22.23 -46.58
CA ILE A 503 10.80 -23.05 -47.83
C ILE A 503 9.89 -22.36 -48.86
N ILE A 504 8.69 -21.96 -48.46
CA ILE A 504 7.70 -21.27 -49.36
C ILE A 504 8.26 -19.90 -49.74
N LYS A 505 8.82 -19.16 -48.77
CA LYS A 505 9.49 -17.86 -49.00
C LYS A 505 10.57 -18.02 -50.07
N GLU A 506 11.37 -19.09 -49.98
CA GLU A 506 12.47 -19.40 -50.93
C GLU A 506 11.88 -19.62 -52.33
N ALA A 507 10.74 -20.33 -52.41
CA ALA A 507 10.08 -20.73 -53.67
C ALA A 507 9.46 -19.51 -54.37
N LEU A 508 9.28 -18.41 -53.63
CA LEU A 508 8.60 -17.17 -54.10
C LEU A 508 9.58 -16.30 -54.89
N HIS A 509 10.88 -16.54 -54.73
CA HIS A 509 11.98 -15.80 -55.43
C HIS A 509 11.88 -16.08 -56.93
N ASN A 510 11.66 -17.34 -57.28
CA ASN A 510 11.51 -17.75 -58.70
C ASN A 510 10.13 -18.38 -58.84
N PRO A 511 9.03 -17.59 -58.88
CA PRO A 511 7.70 -18.15 -58.94
C PRO A 511 7.37 -18.58 -60.37
N ASN A 512 6.93 -19.83 -60.52
CA ASN A 512 6.59 -20.32 -61.87
C ASN A 512 5.26 -19.68 -62.29
N LEU A 513 5.21 -19.16 -63.53
CA LEU A 513 3.98 -18.46 -64.00
C LEU A 513 2.96 -19.50 -64.47
N SER A 514 2.23 -20.08 -63.54
CA SER A 514 1.23 -21.14 -63.88
C SER A 514 -0.11 -20.84 -63.23
N VAL A 515 -1.12 -21.67 -63.50
CA VAL A 515 -2.42 -21.53 -62.78
C VAL A 515 -2.64 -22.82 -62.01
N ASP A 516 -2.75 -22.70 -60.68
CA ASP A 516 -2.90 -23.90 -59.80
C ASP A 516 -3.70 -23.52 -58.56
N GLU A 517 -3.70 -24.42 -57.55
CA GLU A 517 -4.30 -24.20 -56.22
C GLU A 517 -3.24 -24.46 -55.15
N PRO A 518 -3.38 -23.89 -53.94
CA PRO A 518 -2.54 -24.27 -52.79
C PRO A 518 -2.56 -25.80 -52.59
N LEU A 519 -1.42 -26.35 -52.17
CA LEU A 519 -1.29 -27.78 -51.76
C LEU A 519 -1.95 -28.00 -50.40
N ASP A 520 -2.67 -29.12 -50.24
CA ASP A 520 -3.38 -29.50 -48.99
C ASP A 520 -2.40 -30.25 -48.08
N VAL A 521 -1.78 -29.54 -47.15
CA VAL A 521 -0.69 -30.06 -46.26
C VAL A 521 -1.00 -29.66 -44.82
N ASP A 522 -0.43 -30.39 -43.86
CA ASP A 522 -0.40 -30.03 -42.42
C ASP A 522 0.94 -29.33 -42.13
N TYR A 523 0.88 -28.03 -41.79
CA TYR A 523 2.05 -27.12 -41.68
C TYR A 523 2.77 -27.35 -40.35
N ARG A 524 2.17 -28.14 -39.46
CA ARG A 524 2.71 -28.47 -38.11
C ARG A 524 3.79 -29.54 -38.22
N PHE A 525 4.06 -30.04 -39.43
CA PHE A 525 5.08 -31.07 -39.71
C PHE A 525 5.94 -30.64 -40.91
N ASP A 526 7.24 -30.88 -40.80
CA ASP A 526 8.24 -30.57 -41.86
C ASP A 526 7.77 -31.19 -43.18
N PHE A 527 7.69 -30.38 -44.23
CA PHE A 527 7.36 -30.81 -45.61
C PHE A 527 8.26 -31.99 -45.98
N SER A 528 7.68 -33.05 -46.55
CA SER A 528 8.40 -34.16 -47.23
C SER A 528 9.17 -33.60 -48.44
N ASP A 529 10.22 -34.30 -48.88
CA ASP A 529 10.97 -33.99 -50.12
C ASP A 529 9.95 -33.88 -51.27
N GLU A 530 8.95 -34.77 -51.27
CA GLU A 530 7.90 -34.86 -52.32
CA GLU A 530 7.90 -34.85 -52.32
C GLU A 530 7.16 -33.51 -52.39
N ILE A 531 6.70 -33.01 -51.25
CA ILE A 531 5.88 -31.76 -51.16
C ILE A 531 6.75 -30.57 -51.52
N LYS A 532 8.04 -30.60 -51.15
CA LYS A 532 9.05 -29.56 -51.45
C LYS A 532 9.21 -29.43 -52.98
N GLU A 533 9.13 -30.55 -53.70
CA GLU A 533 9.26 -30.61 -55.17
C GLU A 533 8.02 -29.97 -55.81
N LYS A 534 6.83 -30.31 -55.31
CA LYS A 534 5.52 -29.84 -55.84
C LYS A 534 5.33 -28.34 -55.52
N ILE A 535 6.10 -27.79 -54.58
CA ILE A 535 5.99 -26.36 -54.11
C ILE A 535 6.74 -25.45 -55.09
N LYS A 536 7.86 -25.94 -55.66
CA LYS A 536 8.74 -25.15 -56.56
C LYS A 536 8.13 -25.10 -57.97
N LYS A 537 6.93 -25.67 -58.15
CA LYS A 537 6.18 -25.67 -59.44
C LYS A 537 4.85 -24.92 -59.26
N LEU A 538 4.71 -24.15 -58.17
CA LEU A 538 3.45 -23.40 -57.86
C LEU A 538 3.57 -21.97 -58.40
N SER A 539 2.43 -21.29 -58.55
CA SER A 539 2.31 -19.85 -58.91
C SER A 539 2.56 -19.00 -57.65
N ALA A 540 2.95 -17.74 -57.84
CA ALA A 540 3.04 -16.70 -56.78
C ALA A 540 1.77 -16.73 -55.94
N LYS A 541 0.59 -16.77 -56.58
CA LYS A 541 -0.73 -16.68 -55.90
C LYS A 541 -0.86 -17.86 -54.91
N SER A 542 -0.51 -19.07 -55.36
CA SER A 542 -0.68 -20.34 -54.62
C SER A 542 0.33 -20.42 -53.47
N LEU A 543 1.57 -19.97 -53.72
CA LEU A 543 2.66 -19.92 -52.72
C LEU A 543 2.29 -18.91 -51.62
N ASN A 544 1.73 -17.76 -52.00
CA ASN A 544 1.44 -16.63 -51.07
C ASN A 544 0.29 -17.03 -50.14
N GLU A 545 -0.66 -17.83 -50.63
CA GLU A 545 -1.76 -18.42 -49.82
C GLU A 545 -1.17 -19.47 -48.85
N MET A 546 -0.19 -20.26 -49.31
CA MET A 546 0.46 -21.30 -48.47
C MET A 546 1.31 -20.63 -47.39
N LEU A 547 1.97 -19.53 -47.71
CA LEU A 547 2.78 -18.74 -46.73
C LEU A 547 1.87 -18.21 -45.62
N PHE A 548 0.67 -17.72 -45.99
CA PHE A 548 -0.34 -17.20 -45.04
C PHE A 548 -0.78 -18.31 -44.08
N ARG A 549 -1.04 -19.51 -44.64
CA ARG A 549 -1.52 -20.70 -43.89
C ARG A 549 -0.41 -21.20 -42.94
N ALA A 550 0.85 -21.17 -43.40
CA ALA A 550 2.02 -21.51 -42.59
C ALA A 550 2.09 -20.54 -41.39
N GLN A 551 2.06 -19.24 -41.67
CA GLN A 551 2.31 -18.18 -40.66
C GLN A 551 1.17 -18.21 -39.62
N ARG A 552 -0.05 -18.53 -40.05
CA ARG A 552 -1.23 -18.69 -39.16
C ARG A 552 -1.06 -19.93 -38.28
N THR A 553 -0.48 -21.01 -38.85
CA THR A 553 -0.13 -22.26 -38.11
C THR A 553 0.96 -21.96 -37.07
N GLU A 554 1.96 -21.13 -37.44
CA GLU A 554 3.08 -20.74 -36.54
C GLU A 554 2.49 -19.94 -35.38
N VAL A 555 1.61 -18.98 -35.68
CA VAL A 555 0.96 -18.09 -34.67
C VAL A 555 0.17 -18.96 -33.68
N ALA A 556 -0.54 -19.98 -34.19
CA ALA A 556 -1.31 -20.94 -33.36
C ALA A 556 -0.37 -21.71 -32.43
N GLY A 557 0.69 -22.31 -32.96
CA GLY A 557 1.79 -22.92 -32.17
C GLY A 557 2.34 -21.95 -31.13
N MET A 558 2.64 -20.71 -31.53
CA MET A 558 3.21 -19.66 -30.64
C MET A 558 2.26 -19.42 -29.46
N THR A 559 0.99 -19.13 -29.71
CA THR A 559 -0.04 -18.92 -28.64
C THR A 559 -0.03 -20.11 -27.68
N ALA A 560 -0.17 -21.34 -28.22
CA ALA A 560 -0.31 -22.59 -27.44
C ALA A 560 0.94 -22.82 -26.57
N GLN A 561 2.14 -22.62 -27.14
CA GLN A 561 3.43 -22.99 -26.49
C GLN A 561 3.85 -21.90 -25.50
N ILE A 562 3.84 -20.62 -25.90
CA ILE A 562 4.41 -19.52 -25.06
C ILE A 562 3.53 -19.33 -23.81
N ASN A 563 2.23 -19.66 -23.91
CA ASN A 563 1.26 -19.47 -22.80
C ASN A 563 1.27 -20.69 -21.86
N ARG A 564 1.62 -21.88 -22.36
CA ARG A 564 1.91 -23.05 -21.49
C ARG A 564 3.23 -22.81 -20.75
N LYS A 565 4.19 -22.13 -21.40
CA LYS A 565 5.47 -21.72 -20.74
C LYS A 565 5.17 -20.69 -19.65
N LEU A 566 4.28 -19.73 -19.91
CA LEU A 566 3.87 -18.71 -18.91
C LEU A 566 3.27 -19.43 -17.68
N LEU A 567 2.35 -20.37 -17.91
CA LEU A 567 1.67 -21.14 -16.83
C LEU A 567 2.72 -21.86 -15.96
N ILE A 568 3.67 -22.58 -16.56
CA ILE A 568 4.71 -23.35 -15.80
C ILE A 568 5.71 -22.38 -15.16
N ASN A 569 6.09 -21.30 -15.82
CA ASN A 569 6.93 -20.23 -15.24
C ASN A 569 6.17 -19.56 -14.09
N SER A 570 4.83 -19.47 -14.21
CA SER A 570 3.95 -18.80 -13.23
C SER A 570 3.73 -19.69 -11.99
N LEU A 571 3.97 -21.01 -12.12
CA LEU A 571 4.00 -21.94 -10.97
C LEU A 571 5.29 -21.70 -10.18
N TYR A 572 6.40 -21.48 -10.87
CA TYR A 572 7.64 -20.98 -10.22
C TYR A 572 7.30 -19.70 -9.45
N GLY A 573 6.77 -18.69 -10.15
CA GLY A 573 6.46 -17.37 -9.57
C GLY A 573 5.49 -17.49 -8.41
N ALA A 574 4.50 -18.37 -8.54
CA ALA A 574 3.48 -18.64 -7.51
C ALA A 574 4.16 -19.01 -6.19
N LEU A 575 5.33 -19.66 -6.25
CA LEU A 575 6.12 -20.08 -5.06
C LEU A 575 6.60 -18.84 -4.31
N GLY A 576 6.70 -17.69 -4.99
CA GLY A 576 7.13 -16.41 -4.41
C GLY A 576 5.99 -15.43 -4.27
N ASN A 577 4.74 -15.91 -4.36
CA ASN A 577 3.50 -15.10 -4.17
C ASN A 577 2.77 -15.53 -2.89
N VAL A 578 2.56 -14.59 -1.96
CA VAL A 578 2.11 -14.84 -0.55
C VAL A 578 0.70 -15.43 -0.54
N TRP A 579 -0.04 -15.36 -1.65
CA TRP A 579 -1.45 -15.82 -1.76
C TRP A 579 -1.52 -17.26 -2.30
N PHE A 580 -0.38 -17.83 -2.71
CA PHE A 580 -0.29 -19.23 -3.19
C PHE A 580 -0.33 -20.18 -1.99
N ARG A 581 -1.14 -21.24 -2.08
CA ARG A 581 -1.26 -22.29 -1.04
C ARG A 581 0.14 -22.82 -0.70
N TYR A 582 1.03 -22.92 -1.68
CA TYR A 582 2.34 -23.61 -1.57
C TYR A 582 3.48 -22.58 -1.63
N TYR A 583 3.19 -21.34 -1.20
CA TYR A 583 4.19 -20.27 -1.01
C TYR A 583 5.31 -20.78 -0.10
N ASP A 584 6.56 -20.59 -0.52
CA ASP A 584 7.78 -20.99 0.23
C ASP A 584 9.00 -20.38 -0.46
N LEU A 585 9.59 -19.37 0.17
CA LEU A 585 10.73 -18.59 -0.39
C LEU A 585 11.96 -19.48 -0.48
N ARG A 586 12.04 -20.51 0.35
CA ARG A 586 13.16 -21.50 0.35
C ARG A 586 13.13 -22.23 -1.00
N ASN A 587 11.93 -22.57 -1.48
CA ASN A 587 11.73 -23.32 -2.75
C ASN A 587 11.90 -22.35 -3.94
N ALA A 588 11.33 -21.15 -3.84
CA ALA A 588 11.49 -20.08 -4.86
C ALA A 588 12.98 -19.80 -5.05
N THR A 589 13.76 -19.64 -3.96
CA THR A 589 15.19 -19.25 -4.01
C THR A 589 16.07 -20.47 -4.28
N ALA A 590 15.59 -21.67 -3.97
CA ALA A 590 16.21 -22.94 -4.41
C ALA A 590 16.33 -22.93 -5.93
N ILE A 591 15.28 -22.48 -6.61
CA ILE A 591 15.16 -22.48 -8.11
C ILE A 591 16.11 -21.42 -8.67
N THR A 592 15.98 -20.15 -8.24
CA THR A 592 16.72 -19.00 -8.82
C THR A 592 18.22 -19.19 -8.58
N THR A 593 18.61 -19.59 -7.36
CA THR A 593 20.03 -19.75 -6.95
C THR A 593 20.67 -20.89 -7.74
N PHE A 594 19.95 -22.00 -7.92
CA PHE A 594 20.39 -23.12 -8.79
C PHE A 594 20.63 -22.57 -10.21
N GLY A 595 19.70 -21.75 -10.69
CA GLY A 595 19.75 -21.16 -12.04
C GLY A 595 21.00 -20.31 -12.23
N GLN A 596 21.35 -19.53 -11.22
CA GLN A 596 22.57 -18.67 -11.21
C GLN A 596 23.81 -19.55 -11.32
N MET A 597 23.87 -20.63 -10.53
CA MET A 597 25.01 -21.58 -10.52
C MET A 597 25.12 -22.23 -11.91
N ALA A 598 24.00 -22.71 -12.45
CA ALA A 598 23.91 -23.44 -13.73
C ALA A 598 24.49 -22.57 -14.85
N LEU A 599 24.06 -21.32 -14.95
CA LEU A 599 24.49 -20.41 -16.04
C LEU A 599 26.01 -20.20 -15.95
N GLN A 600 26.51 -19.90 -14.75
CA GLN A 600 27.91 -19.49 -14.52
C GLN A 600 28.83 -20.73 -14.51
N TRP A 601 28.33 -21.86 -14.00
CA TRP A 601 28.96 -23.19 -14.17
C TRP A 601 29.24 -23.47 -15.64
N ILE A 602 28.24 -23.31 -16.50
CA ILE A 602 28.36 -23.71 -17.94
C ILE A 602 29.16 -22.65 -18.70
N GLU A 603 29.14 -21.39 -18.25
CA GLU A 603 30.04 -20.33 -18.77
C GLU A 603 31.50 -20.79 -18.61
N ARG A 604 31.87 -21.22 -17.40
CA ARG A 604 33.23 -21.73 -17.08
C ARG A 604 33.56 -22.91 -18.01
N LYS A 605 32.62 -23.85 -18.14
CA LYS A 605 32.81 -25.15 -18.84
C LYS A 605 33.04 -24.88 -20.34
N VAL A 606 32.31 -23.91 -20.90
CA VAL A 606 32.34 -23.56 -22.34
C VAL A 606 33.64 -22.81 -22.63
N ASN A 607 34.03 -21.90 -21.74
CA ASN A 607 35.32 -21.18 -21.83
C ASN A 607 36.45 -22.21 -21.80
N GLU A 608 36.46 -23.10 -20.80
CA GLU A 608 37.50 -24.16 -20.64
C GLU A 608 37.61 -24.93 -21.95
N TYR A 609 36.49 -25.34 -22.53
CA TYR A 609 36.45 -26.22 -23.72
C TYR A 609 36.98 -25.48 -24.94
N LEU A 610 36.61 -24.21 -25.11
CA LEU A 610 36.90 -23.45 -26.36
C LEU A 610 38.36 -22.98 -26.35
N ASN A 611 38.90 -22.73 -25.16
CA ASN A 611 40.34 -22.40 -25.02
C ASN A 611 41.13 -23.61 -25.51
N GLU A 612 40.65 -24.73 -24.96
CA GLU A 612 41.24 -26.04 -25.33
CA GLU A 612 41.24 -26.04 -25.33
C GLU A 612 41.25 -26.37 -26.88
N VAL A 613 40.20 -26.08 -27.66
CA VAL A 613 40.02 -26.29 -29.12
C VAL A 613 40.80 -25.23 -29.89
N CYS A 614 40.93 -24.04 -29.31
CA CYS A 614 41.50 -22.89 -30.06
C CYS A 614 42.98 -22.71 -29.73
N GLY A 615 43.51 -23.53 -28.81
CA GLY A 615 44.92 -23.47 -28.39
C GLY A 615 45.26 -22.13 -27.76
N THR A 616 44.31 -21.57 -27.01
CA THR A 616 44.47 -20.32 -26.22
C THR A 616 44.37 -20.65 -24.73
N GLU A 617 44.49 -19.64 -23.85
CA GLU A 617 44.40 -19.82 -22.39
C GLU A 617 43.76 -18.58 -21.75
N GLY A 618 42.74 -18.77 -20.92
CA GLY A 618 42.06 -17.70 -20.17
C GLY A 618 41.38 -16.68 -21.09
N GLU A 619 41.11 -17.05 -22.35
CA GLU A 619 40.25 -16.24 -23.26
C GLU A 619 38.80 -16.34 -22.77
N ALA A 620 38.07 -15.22 -22.79
CA ALA A 620 36.61 -15.14 -22.56
C ALA A 620 35.89 -15.32 -23.90
N PHE A 621 35.35 -16.52 -24.14
CA PHE A 621 34.54 -16.87 -25.34
C PHE A 621 33.08 -16.51 -25.08
N VAL A 622 32.58 -16.77 -23.86
CA VAL A 622 31.22 -16.36 -23.44
C VAL A 622 31.26 -14.87 -23.10
N LEU A 623 30.66 -14.04 -23.97
CA LEU A 623 30.72 -12.56 -23.92
C LEU A 623 29.56 -12.03 -23.07
N TYR A 624 28.54 -12.86 -22.86
CA TYR A 624 27.25 -12.46 -22.23
C TYR A 624 26.42 -13.70 -21.89
N GLY A 625 25.57 -13.56 -20.88
CA GLY A 625 24.39 -14.41 -20.67
C GLY A 625 23.41 -13.77 -19.71
N ASP A 626 22.14 -14.18 -19.81
CA ASP A 626 21.02 -13.62 -19.01
C ASP A 626 20.09 -14.76 -18.64
N THR A 627 20.11 -15.16 -17.37
CA THR A 627 19.18 -16.11 -16.72
C THR A 627 19.48 -17.55 -17.15
N ASP A 628 19.37 -17.87 -18.44
CA ASP A 628 19.52 -19.26 -18.94
C ASP A 628 20.16 -19.29 -20.34
N SER A 629 20.77 -18.20 -20.75
CA SER A 629 21.38 -18.06 -22.11
C SER A 629 22.88 -17.81 -21.97
N ILE A 630 23.70 -18.31 -22.90
CA ILE A 630 25.08 -17.84 -23.15
C ILE A 630 25.21 -17.40 -24.60
N TYR A 631 25.97 -16.32 -24.83
CA TYR A 631 26.37 -15.80 -26.15
C TYR A 631 27.87 -16.00 -26.31
N VAL A 632 28.26 -16.80 -27.31
CA VAL A 632 29.66 -17.27 -27.51
C VAL A 632 30.23 -16.60 -28.75
N SER A 633 31.37 -15.92 -28.59
CA SER A 633 32.15 -15.35 -29.71
C SER A 633 32.76 -16.49 -30.52
N ALA A 634 32.52 -16.51 -31.82
CA ALA A 634 32.91 -17.64 -32.71
C ALA A 634 34.06 -17.19 -33.63
N ASP A 635 34.53 -15.96 -33.47
CA ASP A 635 35.59 -15.33 -34.30
C ASP A 635 36.77 -16.29 -34.46
N LYS A 636 37.27 -16.84 -33.34
CA LYS A 636 38.51 -17.63 -33.28
C LYS A 636 38.26 -18.98 -33.98
N ILE A 637 37.04 -19.50 -33.86
CA ILE A 637 36.59 -20.75 -34.54
C ILE A 637 36.66 -20.52 -36.05
N ILE A 638 36.04 -19.43 -36.54
CA ILE A 638 36.02 -19.05 -37.98
C ILE A 638 37.45 -18.84 -38.48
N ASP A 639 38.31 -18.22 -37.65
CA ASP A 639 39.69 -17.80 -38.02
C ASP A 639 40.58 -19.06 -38.13
N LYS A 640 40.30 -20.07 -37.31
CA LYS A 640 41.05 -21.36 -37.29
C LYS A 640 40.83 -22.10 -38.61
N VAL A 641 39.65 -21.93 -39.22
CA VAL A 641 39.34 -22.40 -40.60
C VAL A 641 39.97 -21.43 -41.61
N GLY A 642 39.88 -20.13 -41.35
CA GLY A 642 40.23 -19.07 -42.31
C GLY A 642 39.00 -18.55 -43.03
N GLU A 643 38.65 -17.28 -42.80
CA GLU A 643 37.39 -16.67 -43.28
C GLU A 643 37.32 -16.80 -44.80
N SER A 644 38.46 -16.86 -45.49
CA SER A 644 38.59 -16.70 -46.97
C SER A 644 38.30 -18.03 -47.68
N LYS A 645 38.14 -19.12 -46.94
CA LYS A 645 37.87 -20.49 -47.50
C LYS A 645 36.36 -20.72 -47.67
N PHE A 646 35.52 -19.85 -47.12
CA PHE A 646 34.04 -19.99 -47.14
C PHE A 646 33.51 -19.48 -48.49
N ARG A 647 32.68 -20.29 -49.16
CA ARG A 647 32.06 -19.97 -50.48
CA ARG A 647 32.06 -19.99 -50.47
C ARG A 647 31.19 -18.73 -50.35
N ASP A 648 30.46 -18.62 -49.23
CA ASP A 648 29.38 -17.62 -49.02
C ASP A 648 28.92 -17.70 -47.56
N THR A 649 27.91 -16.90 -47.20
CA THR A 649 27.44 -16.79 -45.80
C THR A 649 26.97 -18.17 -45.32
N ASN A 650 26.20 -18.87 -46.16
CA ASN A 650 25.48 -20.11 -45.78
C ASN A 650 26.51 -21.22 -45.53
N HIS A 651 27.70 -21.13 -46.13
CA HIS A 651 28.84 -22.04 -45.88
C HIS A 651 29.31 -21.91 -44.42
N TRP A 652 29.63 -20.70 -43.95
CA TRP A 652 30.18 -20.52 -42.58
C TRP A 652 29.08 -20.76 -41.55
N VAL A 653 27.83 -20.45 -41.89
CA VAL A 653 26.63 -20.75 -41.03
C VAL A 653 26.53 -22.27 -40.85
N ASP A 654 26.58 -23.04 -41.94
CA ASP A 654 26.53 -24.53 -41.91
C ASP A 654 27.62 -25.05 -40.98
N PHE A 655 28.83 -24.54 -41.14
CA PHE A 655 30.03 -24.97 -40.38
C PHE A 655 29.78 -24.73 -38.88
N LEU A 656 29.34 -23.51 -38.51
CA LEU A 656 29.10 -23.14 -37.09
C LEU A 656 27.95 -23.99 -36.54
N ASP A 657 26.97 -24.31 -37.39
CA ASP A 657 25.81 -25.18 -37.04
C ASP A 657 26.34 -26.55 -36.64
N LYS A 658 27.21 -27.13 -37.48
CA LYS A 658 27.85 -28.46 -37.26
C LYS A 658 28.73 -28.40 -35.99
N PHE A 659 29.53 -27.36 -35.84
CA PHE A 659 30.44 -27.17 -34.68
C PHE A 659 29.62 -27.12 -33.38
N ALA A 660 28.53 -26.35 -33.39
CA ALA A 660 27.63 -26.22 -32.22
C ALA A 660 27.10 -27.61 -31.83
N ARG A 661 26.57 -28.34 -32.82
CA ARG A 661 25.84 -29.63 -32.60
C ARG A 661 26.83 -30.72 -32.19
N GLU A 662 27.99 -30.81 -32.85
CA GLU A 662 28.86 -32.03 -32.85
C GLU A 662 29.97 -31.89 -31.81
N ARG A 663 30.27 -30.67 -31.35
CA ARG A 663 31.48 -30.38 -30.53
CA ARG A 663 31.48 -30.39 -30.53
C ARG A 663 31.07 -29.65 -29.24
N MET A 664 30.25 -28.61 -29.36
CA MET A 664 29.85 -27.75 -28.22
C MET A 664 28.75 -28.42 -27.39
N GLU A 665 27.73 -29.01 -28.04
CA GLU A 665 26.58 -29.64 -27.34
C GLU A 665 27.08 -30.75 -26.42
N PRO A 666 27.87 -31.72 -26.93
CA PRO A 666 28.41 -32.79 -26.08
C PRO A 666 29.25 -32.27 -24.89
N ALA A 667 30.11 -31.28 -25.14
CA ALA A 667 30.92 -30.60 -24.10
C ALA A 667 30.00 -29.99 -23.05
N ILE A 668 28.92 -29.33 -23.49
CA ILE A 668 27.93 -28.67 -22.60
C ILE A 668 27.21 -29.73 -21.75
N ASP A 669 26.78 -30.84 -22.36
CA ASP A 669 26.04 -31.91 -21.63
C ASP A 669 26.95 -32.58 -20.60
N ARG A 670 28.21 -32.83 -20.97
CA ARG A 670 29.28 -33.31 -20.04
CA ARG A 670 29.24 -33.34 -20.02
C ARG A 670 29.33 -32.40 -18.81
N GLY A 671 29.50 -31.09 -19.05
CA GLY A 671 29.55 -30.07 -17.98
C GLY A 671 28.37 -30.17 -17.04
N PHE A 672 27.15 -30.32 -17.58
CA PHE A 672 25.88 -30.28 -16.80
C PHE A 672 25.65 -31.60 -16.06
N ARG A 673 26.10 -32.73 -16.63
CA ARG A 673 25.99 -34.05 -15.97
C ARG A 673 26.86 -34.05 -14.71
N GLU A 674 28.04 -33.44 -14.79
CA GLU A 674 28.97 -33.30 -13.64
C GLU A 674 28.31 -32.41 -12.57
N MET A 675 27.61 -31.35 -12.99
CA MET A 675 26.92 -30.43 -12.05
C MET A 675 25.77 -31.17 -11.35
N CYS A 676 24.97 -31.96 -12.09
CA CYS A 676 23.91 -32.81 -11.49
C CYS A 676 24.50 -33.74 -10.44
N GLU A 677 25.65 -34.35 -10.74
CA GLU A 677 26.31 -35.29 -9.80
C GLU A 677 26.75 -34.53 -8.56
N TYR A 678 27.34 -33.35 -8.72
CA TYR A 678 27.82 -32.50 -7.60
C TYR A 678 26.67 -32.15 -6.66
N MET A 679 25.48 -31.88 -7.20
CA MET A 679 24.30 -31.48 -6.39
C MET A 679 23.48 -32.73 -6.03
N ASN A 680 23.89 -33.89 -6.56
CA ASN A 680 23.23 -35.20 -6.33
C ASN A 680 21.73 -35.10 -6.66
N ASN A 681 21.40 -34.48 -7.80
CA ASN A 681 20.00 -34.20 -8.21
C ASN A 681 19.31 -35.49 -8.68
N LYS A 682 17.98 -35.47 -8.73
CA LYS A 682 17.12 -36.65 -9.01
C LYS A 682 17.26 -37.04 -10.49
N GLN A 683 17.42 -36.07 -11.38
CA GLN A 683 17.38 -36.26 -12.85
C GLN A 683 18.15 -35.11 -13.52
N HIS A 684 19.06 -35.43 -14.44
CA HIS A 684 19.77 -34.45 -15.30
C HIS A 684 18.79 -33.92 -16.36
N LEU A 685 18.49 -32.62 -16.33
CA LEU A 685 17.47 -32.00 -17.21
C LEU A 685 17.94 -30.60 -17.64
N MET A 686 19.20 -30.27 -17.37
CA MET A 686 19.85 -29.04 -17.87
C MET A 686 20.27 -29.29 -19.33
N PHE A 687 19.34 -29.05 -20.25
CA PHE A 687 19.51 -29.22 -21.71
C PHE A 687 19.56 -27.86 -22.38
N MET A 688 20.64 -27.59 -23.10
CA MET A 688 20.98 -26.23 -23.60
C MET A 688 21.08 -26.28 -25.13
N ASP A 689 19.97 -26.01 -25.81
CA ASP A 689 19.84 -25.97 -27.30
C ASP A 689 20.61 -24.75 -27.83
N ARG A 690 21.30 -24.92 -28.97
CA ARG A 690 21.78 -23.82 -29.83
C ARG A 690 20.57 -23.01 -30.30
N GLU A 691 20.60 -21.69 -30.13
CA GLU A 691 19.57 -20.77 -30.68
C GLU A 691 20.13 -20.04 -31.89
N ALA A 692 20.84 -18.93 -31.67
CA ALA A 692 21.25 -17.96 -32.72
C ALA A 692 22.60 -18.37 -33.32
N ILE A 693 22.70 -18.36 -34.65
CA ILE A 693 23.98 -18.15 -35.39
C ILE A 693 23.91 -16.80 -36.08
N ALA A 694 24.79 -15.89 -35.67
CA ALA A 694 24.79 -14.46 -36.07
C ALA A 694 26.17 -14.10 -36.60
N GLY A 695 26.20 -13.20 -37.60
CA GLY A 695 27.42 -12.61 -38.13
C GLY A 695 27.09 -11.76 -39.35
N PRO A 696 28.06 -11.01 -39.90
CA PRO A 696 27.81 -10.17 -41.07
C PRO A 696 27.74 -10.99 -42.34
N PRO A 697 27.10 -10.48 -43.41
CA PRO A 697 27.15 -11.15 -44.72
C PRO A 697 28.62 -11.25 -45.16
N LEU A 698 29.05 -12.42 -45.65
CA LEU A 698 30.47 -12.69 -46.00
C LEU A 698 30.95 -11.61 -46.98
N GLY A 699 32.10 -10.98 -46.68
CA GLY A 699 32.80 -10.04 -47.58
C GLY A 699 32.27 -8.62 -47.45
N SER A 700 31.21 -8.42 -46.65
CA SER A 700 30.64 -7.08 -46.34
C SER A 700 31.48 -6.41 -45.25
N LYS A 701 31.19 -5.13 -44.96
CA LYS A 701 31.75 -4.38 -43.80
C LYS A 701 30.72 -4.31 -42.66
N GLY A 702 29.68 -5.15 -42.70
CA GLY A 702 28.78 -5.39 -41.55
C GLY A 702 29.54 -5.82 -40.31
N ILE A 703 29.08 -5.44 -39.12
CA ILE A 703 29.77 -5.74 -37.84
C ILE A 703 29.12 -6.98 -37.19
N GLY A 704 28.02 -7.48 -37.75
CA GLY A 704 27.36 -8.72 -37.29
C GLY A 704 26.51 -8.50 -36.05
N GLY A 705 27.05 -7.87 -35.01
CA GLY A 705 26.34 -7.66 -33.73
C GLY A 705 27.02 -6.63 -32.84
N PHE A 706 26.27 -6.08 -31.87
CA PHE A 706 26.82 -5.25 -30.76
C PHE A 706 26.01 -5.47 -29.47
N TRP A 707 26.67 -5.26 -28.34
CA TRP A 707 26.09 -5.08 -26.99
C TRP A 707 26.38 -3.67 -26.52
N THR A 708 25.41 -2.98 -25.91
CA THR A 708 25.63 -1.68 -25.24
C THR A 708 25.75 -1.92 -23.73
N GLY A 709 25.12 -2.98 -23.24
CA GLY A 709 25.18 -3.42 -21.83
C GLY A 709 24.19 -4.52 -21.56
N LYS A 710 23.84 -4.75 -20.28
CA LYS A 710 22.86 -5.81 -19.91
C LYS A 710 21.53 -5.52 -20.63
N LYS A 711 20.93 -6.57 -21.20
CA LYS A 711 19.56 -6.58 -21.76
C LYS A 711 19.46 -5.58 -22.92
N ARG A 712 20.57 -5.30 -23.60
CA ARG A 712 20.62 -4.31 -24.71
C ARG A 712 21.61 -4.76 -25.79
N TYR A 713 21.12 -5.43 -26.83
CA TYR A 713 21.99 -5.98 -27.90
C TYR A 713 21.19 -6.18 -29.19
N ALA A 714 21.92 -6.39 -30.28
CA ALA A 714 21.41 -6.65 -31.64
C ALA A 714 22.34 -7.66 -32.32
N LEU A 715 21.75 -8.65 -32.98
CA LEU A 715 22.46 -9.70 -33.75
C LEU A 715 21.83 -9.79 -35.14
N ASN A 716 22.66 -9.96 -36.16
CA ASN A 716 22.23 -10.33 -37.53
C ASN A 716 22.21 -11.85 -37.64
N VAL A 717 21.01 -12.45 -37.56
CA VAL A 717 20.80 -13.91 -37.35
C VAL A 717 20.45 -14.55 -38.70
N TRP A 718 21.13 -15.66 -39.02
CA TRP A 718 21.00 -16.45 -40.29
C TRP A 718 20.26 -17.74 -40.00
N ASP A 719 20.40 -18.27 -38.78
CA ASP A 719 19.75 -19.53 -38.33
C ASP A 719 19.33 -19.37 -36.87
N MET A 720 18.06 -19.60 -36.58
CA MET A 720 17.54 -19.59 -35.19
C MET A 720 16.90 -20.96 -34.90
N GLU A 721 17.53 -21.76 -34.04
CA GLU A 721 16.93 -22.99 -33.47
C GLU A 721 16.56 -23.93 -34.62
N GLY A 722 17.35 -23.90 -35.69
CA GLY A 722 17.26 -24.87 -36.82
C GLY A 722 16.49 -24.30 -38.00
N THR A 723 15.90 -23.10 -37.85
CA THR A 723 15.28 -22.35 -38.97
C THR A 723 16.36 -21.57 -39.71
N ARG A 724 16.74 -22.02 -40.90
CA ARG A 724 17.65 -21.29 -41.82
C ARG A 724 16.83 -20.26 -42.61
N TYR A 725 17.03 -18.98 -42.34
CA TYR A 725 16.22 -17.88 -42.93
C TYR A 725 16.65 -17.68 -44.39
N ALA A 726 15.66 -17.54 -45.29
CA ALA A 726 15.82 -17.00 -46.65
C ALA A 726 16.68 -15.72 -46.57
N GLU A 727 16.28 -14.77 -45.72
CA GLU A 727 16.96 -13.47 -45.52
C GLU A 727 17.38 -13.34 -44.06
N PRO A 728 18.49 -12.66 -43.75
CA PRO A 728 18.94 -12.49 -42.37
C PRO A 728 17.87 -11.73 -41.57
N LYS A 729 17.69 -12.11 -40.31
CA LYS A 729 16.71 -11.47 -39.39
CA LYS A 729 16.70 -11.50 -39.37
C LYS A 729 17.47 -10.79 -38.25
N LEU A 730 17.16 -9.52 -38.00
CA LEU A 730 17.66 -8.78 -36.81
C LEU A 730 16.98 -9.36 -35.58
N LYS A 731 17.77 -9.85 -34.62
CA LYS A 731 17.33 -10.10 -33.24
C LYS A 731 17.77 -8.90 -32.40
N ILE A 732 16.83 -8.02 -32.07
CA ILE A 732 17.08 -6.80 -31.26
C ILE A 732 16.34 -6.95 -29.93
N MET A 733 17.09 -6.96 -28.83
CA MET A 733 16.57 -7.06 -27.45
C MET A 733 16.91 -5.75 -26.71
N GLY A 734 15.89 -5.09 -26.15
CA GLY A 734 16.06 -4.02 -25.16
C GLY A 734 16.24 -2.64 -25.80
N LEU A 735 16.81 -2.55 -27.00
CA LEU A 735 17.13 -1.26 -27.66
C LEU A 735 15.81 -0.56 -28.02
N GLU A 736 15.87 0.74 -28.32
CA GLU A 736 14.69 1.63 -28.40
C GLU A 736 13.74 1.16 -29.51
N THR A 737 14.24 0.36 -30.46
CA THR A 737 13.45 -0.26 -31.56
C THR A 737 12.35 -1.14 -30.98
N GLN A 738 12.56 -1.70 -29.78
CA GLN A 738 11.71 -2.75 -29.17
C GLN A 738 10.71 -2.13 -28.18
N LYS A 739 10.80 -0.82 -27.93
CA LYS A 739 10.10 -0.16 -26.78
C LYS A 739 8.91 0.64 -27.31
N SER A 740 7.71 0.38 -26.75
CA SER A 740 6.43 1.02 -27.15
C SER A 740 6.48 2.54 -26.90
N SER A 741 7.41 2.99 -26.04
CA SER A 741 7.58 4.42 -25.67
C SER A 741 8.29 5.19 -26.79
N THR A 742 9.05 4.48 -27.64
CA THR A 742 9.81 5.05 -28.79
C THR A 742 8.83 5.35 -29.90
N PRO A 743 8.88 6.56 -30.50
CA PRO A 743 7.99 6.91 -31.61
C PRO A 743 8.12 5.91 -32.77
N LYS A 744 6.99 5.58 -33.42
CA LYS A 744 6.88 4.54 -34.48
C LYS A 744 7.90 4.80 -35.60
N ALA A 745 8.04 6.05 -36.05
CA ALA A 745 8.90 6.41 -37.19
C ALA A 745 10.37 6.23 -36.77
N VAL A 746 10.64 6.51 -35.50
CA VAL A 746 12.01 6.44 -34.91
C VAL A 746 12.37 4.97 -34.68
N GLN A 747 11.40 4.12 -34.31
CA GLN A 747 11.60 2.65 -34.25
C GLN A 747 12.13 2.18 -35.61
N LYS A 748 11.45 2.57 -36.69
CA LYS A 748 11.80 2.16 -38.08
C LYS A 748 13.18 2.70 -38.45
N ALA A 749 13.43 3.99 -38.20
CA ALA A 749 14.71 4.68 -38.47
C ALA A 749 15.86 3.96 -37.74
N LEU A 750 15.71 3.72 -36.44
CA LEU A 750 16.79 3.12 -35.60
C LEU A 750 17.05 1.68 -36.03
N LYS A 751 15.99 0.95 -36.42
CA LYS A 751 16.12 -0.45 -36.88
C LYS A 751 16.93 -0.48 -38.18
N GLU A 752 16.66 0.46 -39.10
CA GLU A 752 17.40 0.56 -40.39
C GLU A 752 18.86 0.92 -40.06
N CYS A 753 19.08 1.84 -39.13
CA CYS A 753 20.44 2.19 -38.64
C CYS A 753 21.14 0.90 -38.20
N ILE A 754 20.43 0.05 -37.45
CA ILE A 754 21.00 -1.20 -36.87
C ILE A 754 21.24 -2.20 -38.01
N ARG A 755 20.27 -2.37 -38.90
CA ARG A 755 20.39 -3.30 -40.06
C ARG A 755 21.66 -2.92 -40.84
N ARG A 756 21.88 -1.63 -41.06
CA ARG A 756 23.01 -1.12 -41.88
C ARG A 756 24.32 -1.35 -41.12
N MET A 757 24.35 -1.06 -39.81
CA MET A 757 25.53 -1.35 -38.93
C MET A 757 25.91 -2.82 -39.06
N LEU A 758 24.97 -3.74 -38.86
CA LEU A 758 25.25 -5.20 -38.74
C LEU A 758 25.60 -5.77 -40.11
N GLN A 759 24.96 -5.25 -41.17
CA GLN A 759 24.92 -5.92 -42.50
C GLN A 759 25.87 -5.25 -43.50
N GLU A 760 26.11 -3.93 -43.37
CA GLU A 760 26.63 -3.10 -44.48
C GLU A 760 27.79 -2.22 -43.99
N GLY A 761 27.73 -1.72 -42.76
CA GLY A 761 28.89 -1.09 -42.08
C GLY A 761 28.75 0.42 -41.99
N GLU A 762 29.83 1.09 -41.57
CA GLU A 762 29.82 2.48 -41.06
C GLU A 762 29.32 3.43 -42.15
N GLU A 763 29.85 3.31 -43.38
CA GLU A 763 29.56 4.27 -44.48
C GLU A 763 28.07 4.23 -44.80
N SER A 764 27.50 3.03 -44.92
CA SER A 764 26.05 2.82 -45.14
C SER A 764 25.24 3.50 -44.02
N LEU A 765 25.64 3.31 -42.77
CA LEU A 765 24.96 3.94 -41.60
C LEU A 765 24.96 5.45 -41.78
N GLN A 766 26.12 6.03 -42.09
CA GLN A 766 26.36 7.49 -42.18
C GLN A 766 25.48 8.04 -43.32
N GLU A 767 25.31 7.26 -44.38
CA GLU A 767 24.45 7.60 -45.55
C GLU A 767 22.99 7.72 -45.08
N TYR A 768 22.49 6.73 -44.34
CA TYR A 768 21.05 6.68 -43.94
C TYR A 768 20.77 7.78 -42.89
N PHE A 769 21.71 8.03 -41.97
CA PHE A 769 21.56 9.06 -40.92
C PHE A 769 21.22 10.42 -41.58
N LYS A 770 22.07 10.86 -42.51
CA LYS A 770 21.85 12.09 -43.31
C LYS A 770 20.43 12.03 -43.89
N GLU A 771 20.05 10.88 -44.45
CA GLU A 771 18.74 10.69 -45.14
C GLU A 771 17.61 10.95 -44.14
N PHE A 772 17.66 10.32 -42.96
CA PHE A 772 16.55 10.38 -41.97
C PHE A 772 16.44 11.80 -41.40
N GLU A 773 17.59 12.43 -41.14
CA GLU A 773 17.68 13.82 -40.65
C GLU A 773 16.91 14.75 -41.60
N LYS A 774 16.96 14.48 -42.90
CA LYS A 774 16.40 15.36 -43.96
C LYS A 774 14.87 15.23 -43.96
N GLU A 775 14.34 14.01 -43.82
CA GLU A 775 12.90 13.72 -44.03
C GLU A 775 12.14 13.85 -42.71
N PHE A 776 12.83 14.06 -41.58
CA PHE A 776 12.26 13.99 -40.21
C PHE A 776 11.16 15.04 -40.04
N ARG A 777 11.44 16.30 -40.39
CA ARG A 777 10.58 17.46 -40.05
CA ARG A 777 10.59 17.47 -40.06
C ARG A 777 9.32 17.46 -40.93
N GLN A 778 9.28 16.56 -41.91
CA GLN A 778 8.12 16.39 -42.84
C GLN A 778 7.30 15.17 -42.42
N LEU A 779 7.70 14.47 -41.36
CA LEU A 779 7.05 13.23 -40.87
C LEU A 779 5.76 13.60 -40.12
N ASN A 780 4.73 12.76 -40.23
CA ASN A 780 3.45 12.91 -39.48
C ASN A 780 3.75 13.03 -37.99
N TYR A 781 3.10 13.98 -37.29
CA TYR A 781 3.41 14.37 -35.89
C TYR A 781 3.18 13.19 -34.94
N ILE A 782 2.17 12.36 -35.25
CA ILE A 782 1.81 11.16 -34.44
C ILE A 782 2.93 10.13 -34.56
N SER A 783 3.52 10.00 -35.75
CA SER A 783 4.53 8.97 -36.08
C SER A 783 5.84 9.24 -35.34
N ILE A 784 6.03 10.46 -34.82
CA ILE A 784 7.32 10.93 -34.20
C ILE A 784 7.08 11.35 -32.76
N ALA A 785 5.87 11.13 -32.24
CA ALA A 785 5.53 11.39 -30.83
C ALA A 785 5.96 10.20 -29.98
N SER A 786 6.51 10.49 -28.80
CA SER A 786 6.79 9.51 -27.72
C SER A 786 5.46 9.04 -27.11
N VAL A 787 5.49 7.88 -26.44
CA VAL A 787 4.34 7.27 -25.73
C VAL A 787 4.79 6.97 -24.30
N SER A 788 3.90 7.21 -23.33
CA SER A 788 4.05 6.75 -21.92
C SER A 788 2.68 6.41 -21.36
N SER A 789 2.61 5.38 -20.52
CA SER A 789 1.59 5.21 -19.45
C SER A 789 1.54 6.48 -18.61
N ALA A 790 0.34 6.90 -18.21
CA ALA A 790 0.10 8.04 -17.30
C ALA A 790 -0.55 7.55 -16.00
N ASN A 791 0.27 7.26 -14.98
CA ASN A 791 -0.21 6.91 -13.62
C ASN A 791 -0.11 8.13 -12.70
N ASN A 792 -1.05 8.23 -11.74
CA ASN A 792 -1.01 9.18 -10.61
C ASN A 792 -0.96 10.62 -11.12
N ILE A 793 -1.74 10.93 -12.15
CA ILE A 793 -1.89 12.33 -12.68
C ILE A 793 -2.24 13.25 -11.51
N ALA A 794 -3.08 12.78 -10.58
CA ALA A 794 -3.57 13.60 -9.44
C ALA A 794 -2.48 13.91 -8.43
N LYS A 795 -1.64 12.95 -8.10
CA LYS A 795 -0.51 13.22 -7.19
C LYS A 795 0.24 14.48 -7.63
N TYR A 796 0.42 14.69 -8.93
CA TYR A 796 1.28 15.80 -9.42
C TYR A 796 0.46 16.98 -9.95
N ASP A 797 -0.86 16.87 -9.87
CA ASP A 797 -1.76 17.97 -10.30
C ASP A 797 -1.94 18.95 -9.14
N VAL A 798 -1.30 20.12 -9.21
CA VAL A 798 -1.36 21.17 -8.16
C VAL A 798 -2.08 22.40 -8.73
N GLY A 799 -3.40 22.46 -8.54
CA GLY A 799 -4.29 23.41 -9.24
C GLY A 799 -3.92 23.54 -10.71
N GLY A 800 -3.73 22.40 -11.39
CA GLY A 800 -3.66 22.32 -12.86
C GLY A 800 -2.26 22.59 -13.38
N PHE A 801 -1.29 22.68 -12.47
CA PHE A 801 0.15 22.91 -12.77
C PHE A 801 0.98 21.81 -12.13
N PRO A 802 2.19 21.54 -12.67
CA PRO A 802 3.10 20.54 -12.11
C PRO A 802 3.43 20.79 -10.63
N GLY A 803 3.22 19.79 -9.78
CA GLY A 803 3.77 19.73 -8.41
C GLY A 803 5.19 19.22 -8.39
N PRO A 804 5.82 19.11 -7.19
CA PRO A 804 7.21 18.68 -7.09
C PRO A 804 7.44 17.30 -7.70
N LYS A 805 8.56 17.14 -8.41
CA LYS A 805 9.04 15.84 -8.98
C LYS A 805 8.05 15.36 -10.04
N CYS A 806 7.23 16.27 -10.59
CA CYS A 806 6.26 15.95 -11.66
C CYS A 806 6.98 15.30 -12.84
N PRO A 807 6.65 14.03 -13.17
CA PRO A 807 7.17 13.39 -14.37
C PRO A 807 6.83 14.20 -15.62
N PHE A 808 7.67 14.07 -16.64
CA PHE A 808 7.64 14.88 -17.87
C PHE A 808 6.34 14.64 -18.63
N HIS A 809 5.87 13.39 -18.67
CA HIS A 809 4.66 13.01 -19.43
C HIS A 809 3.42 13.53 -18.68
N ILE A 810 3.48 13.56 -17.35
CA ILE A 810 2.38 14.08 -16.48
C ILE A 810 2.29 15.60 -16.69
N ARG A 811 3.44 16.29 -16.65
CA ARG A 811 3.56 17.72 -17.07
C ARG A 811 2.80 17.91 -18.38
N GLY A 812 3.10 17.08 -19.40
CA GLY A 812 2.45 17.14 -20.72
C GLY A 812 0.93 17.08 -20.61
N ILE A 813 0.42 16.29 -19.68
CA ILE A 813 -1.05 16.02 -19.52
C ILE A 813 -1.69 17.24 -18.85
N LEU A 814 -1.06 17.75 -17.78
CA LEU A 814 -1.47 19.00 -17.09
C LEU A 814 -1.54 20.15 -18.09
N THR A 815 -0.56 20.21 -18.99
CA THR A 815 -0.48 21.23 -20.08
C THR A 815 -1.71 21.06 -20.98
N TYR A 816 -1.99 19.83 -21.41
CA TYR A 816 -3.19 19.48 -22.22
C TYR A 816 -4.45 19.93 -21.47
N ASN A 817 -4.58 19.52 -20.21
CA ASN A 817 -5.81 19.73 -19.40
C ASN A 817 -6.10 21.24 -19.32
N ARG A 818 -5.08 22.05 -19.04
CA ARG A 818 -5.18 23.54 -19.00
C ARG A 818 -5.75 24.04 -20.32
N ALA A 819 -5.29 23.48 -21.44
CA ALA A 819 -5.53 24.00 -22.80
C ALA A 819 -6.92 23.59 -23.30
N ILE A 820 -7.57 22.61 -22.63
CA ILE A 820 -8.92 22.12 -23.02
C ILE A 820 -9.93 22.35 -21.89
N LYS A 821 -9.57 23.12 -20.86
CA LYS A 821 -10.48 23.45 -19.73
C LYS A 821 -11.78 24.05 -20.29
N GLY A 822 -12.93 23.55 -19.80
CA GLY A 822 -14.27 24.03 -20.17
C GLY A 822 -14.54 23.85 -21.66
N ASN A 823 -14.01 22.77 -22.24
CA ASN A 823 -14.46 22.24 -23.56
C ASN A 823 -14.88 20.77 -23.37
N ILE A 824 -16.18 20.56 -23.17
CA ILE A 824 -16.75 19.23 -22.80
C ILE A 824 -16.46 18.11 -23.81
N ASP A 825 -16.43 18.40 -25.10
CA ASP A 825 -16.27 17.30 -26.07
C ASP A 825 -14.78 17.05 -26.36
N ALA A 826 -13.89 17.81 -25.74
CA ALA A 826 -12.44 17.53 -25.88
C ALA A 826 -12.16 16.15 -25.29
N PRO A 827 -11.43 15.28 -25.99
CA PRO A 827 -11.08 13.97 -25.45
C PRO A 827 -10.26 14.10 -24.16
N GLN A 828 -10.64 13.34 -23.13
CA GLN A 828 -10.05 13.40 -21.76
C GLN A 828 -9.01 12.29 -21.63
N VAL A 829 -7.88 12.60 -21.00
CA VAL A 829 -6.80 11.62 -20.71
C VAL A 829 -7.33 10.72 -19.59
N VAL A 830 -7.18 9.41 -19.74
CA VAL A 830 -7.68 8.41 -18.74
C VAL A 830 -6.49 7.95 -17.89
N GLU A 831 -6.57 8.21 -16.58
CA GLU A 831 -5.67 7.64 -15.56
C GLU A 831 -5.36 6.18 -15.93
N GLY A 832 -4.09 5.82 -15.97
CA GLY A 832 -3.62 4.43 -16.13
C GLY A 832 -3.53 4.01 -17.58
N GLU A 833 -4.02 4.84 -18.51
CA GLU A 833 -3.92 4.59 -19.97
C GLU A 833 -2.70 5.33 -20.52
N LYS A 834 -2.55 5.37 -21.84
CA LYS A 834 -1.28 5.81 -22.48
C LYS A 834 -1.52 7.14 -23.19
N VAL A 835 -0.49 7.97 -23.26
CA VAL A 835 -0.50 9.30 -23.95
C VAL A 835 0.66 9.33 -24.96
N TYR A 836 0.42 9.96 -26.09
CA TYR A 836 1.44 10.61 -26.96
C TYR A 836 2.02 11.81 -26.22
N VAL A 837 3.31 12.08 -26.42
CA VAL A 837 4.04 13.22 -25.78
C VAL A 837 4.89 13.92 -26.86
N LEU A 838 4.77 15.25 -26.96
CA LEU A 838 5.64 16.11 -27.80
C LEU A 838 6.26 17.20 -26.95
N PRO A 839 7.56 17.51 -27.15
CA PRO A 839 8.17 18.69 -26.57
C PRO A 839 7.76 19.95 -27.37
N LEU A 840 7.77 21.10 -26.72
CA LEU A 840 7.31 22.39 -27.31
C LEU A 840 8.43 23.45 -27.20
N ARG A 841 8.66 24.21 -28.27
CA ARG A 841 9.66 25.32 -28.28
C ARG A 841 9.27 26.36 -27.24
N GLU A 842 10.25 27.02 -26.63
CA GLU A 842 10.06 28.19 -25.74
C GLU A 842 9.25 29.26 -26.50
N GLY A 843 8.30 29.89 -25.82
CA GLY A 843 7.45 30.96 -26.38
C GLY A 843 6.10 30.45 -26.85
N ASN A 844 5.78 29.18 -26.58
CA ASN A 844 4.54 28.50 -27.03
C ASN A 844 3.35 28.98 -26.20
N PRO A 845 2.12 28.94 -26.75
CA PRO A 845 0.95 29.44 -26.05
C PRO A 845 0.42 28.59 -24.88
N PHE A 846 0.95 27.37 -24.70
CA PHE A 846 0.44 26.37 -23.73
C PHE A 846 1.14 26.57 -22.38
N GLY A 847 2.23 27.34 -22.39
CA GLY A 847 2.89 27.83 -21.17
C GLY A 847 3.73 26.77 -20.48
N ASP A 848 4.14 25.74 -21.22
CA ASP A 848 5.03 24.65 -20.69
C ASP A 848 5.77 23.96 -21.84
N LYS A 849 6.72 23.09 -21.50
CA LYS A 849 7.80 22.64 -22.42
C LYS A 849 7.37 21.35 -23.14
N CYS A 850 6.22 20.78 -22.78
CA CYS A 850 5.65 19.59 -23.46
C CYS A 850 4.12 19.55 -23.37
N ILE A 851 3.51 18.72 -24.20
CA ILE A 851 2.05 18.41 -24.18
C ILE A 851 1.87 16.92 -24.49
N ALA A 852 0.85 16.32 -23.89
CA ALA A 852 0.47 14.90 -24.05
C ALA A 852 -1.03 14.84 -24.34
N TRP A 853 -1.46 13.84 -25.11
CA TRP A 853 -2.90 13.57 -25.35
C TRP A 853 -3.10 12.07 -25.50
N PRO A 854 -4.36 11.58 -25.37
CA PRO A 854 -4.64 10.16 -25.42
C PRO A 854 -3.96 9.50 -26.63
N SER A 855 -3.20 8.43 -26.39
CA SER A 855 -2.53 7.61 -27.43
C SER A 855 -3.59 6.98 -28.33
N GLY A 856 -3.26 6.74 -29.60
CA GLY A 856 -4.16 6.14 -30.61
C GLY A 856 -5.19 7.14 -31.13
N THR A 857 -4.98 8.43 -30.90
CA THR A 857 -5.91 9.52 -31.32
C THR A 857 -5.14 10.69 -31.91
N GLU A 858 -5.75 11.37 -32.89
CA GLU A 858 -5.48 12.77 -33.27
C GLU A 858 -5.77 13.70 -32.09
N ILE A 859 -4.92 14.69 -31.86
CA ILE A 859 -5.11 15.77 -30.83
C ILE A 859 -6.26 16.67 -31.29
N THR A 860 -7.21 16.96 -30.40
CA THR A 860 -8.44 17.74 -30.69
C THR A 860 -8.08 18.96 -31.55
N ASP A 861 -8.91 19.27 -32.56
CA ASP A 861 -8.66 20.33 -33.58
C ASP A 861 -8.56 21.70 -32.89
N LEU A 862 -9.19 21.84 -31.73
CA LEU A 862 -9.18 23.09 -30.91
C LEU A 862 -7.74 23.61 -30.77
N ILE A 863 -6.75 22.72 -30.68
CA ILE A 863 -5.35 23.09 -30.27
C ILE A 863 -4.32 22.49 -31.24
N LYS A 864 -4.75 21.62 -32.15
CA LYS A 864 -3.84 20.82 -33.03
C LYS A 864 -2.84 21.75 -33.74
N ASP A 865 -3.33 22.79 -34.42
CA ASP A 865 -2.52 23.69 -35.28
C ASP A 865 -1.41 24.32 -34.44
N ASP A 866 -1.73 24.79 -33.23
CA ASP A 866 -0.78 25.45 -32.30
C ASP A 866 0.31 24.45 -31.89
N VAL A 867 -0.08 23.18 -31.67
CA VAL A 867 0.86 22.08 -31.29
C VAL A 867 1.82 21.85 -32.47
N LEU A 868 1.28 21.68 -33.67
CA LEU A 868 2.07 21.49 -34.91
C LEU A 868 3.06 22.65 -35.10
N HIS A 869 2.68 23.88 -34.73
CA HIS A 869 3.45 25.13 -35.00
C HIS A 869 4.59 25.27 -33.99
N TRP A 870 4.46 24.64 -32.81
CA TRP A 870 5.34 24.87 -31.63
C TRP A 870 6.06 23.58 -31.20
N MET A 871 5.75 22.46 -31.85
CA MET A 871 6.55 21.20 -31.81
C MET A 871 8.05 21.53 -31.86
N ASP A 872 8.84 20.99 -30.93
CA ASP A 872 10.31 21.21 -30.91
C ASP A 872 11.01 20.03 -31.58
N TYR A 873 11.16 20.09 -32.91
CA TYR A 873 11.62 18.99 -33.79
C TYR A 873 13.07 18.63 -33.45
N THR A 874 13.85 19.63 -33.06
CA THR A 874 15.29 19.53 -32.73
C THR A 874 15.46 18.70 -31.45
N VAL A 875 14.68 19.01 -30.42
CA VAL A 875 14.73 18.29 -29.12
C VAL A 875 14.15 16.88 -29.32
N LEU A 876 13.06 16.76 -30.07
CA LEU A 876 12.39 15.46 -30.36
C LEU A 876 13.38 14.52 -31.06
N LEU A 877 14.05 15.01 -32.09
CA LEU A 877 15.05 14.23 -32.87
C LEU A 877 16.23 13.86 -31.96
N GLU A 878 16.73 14.82 -31.18
CA GLU A 878 17.91 14.66 -30.28
C GLU A 878 17.61 13.57 -29.25
N LYS A 879 16.40 13.59 -28.67
CA LYS A 879 15.97 12.73 -27.52
C LYS A 879 15.70 11.30 -27.99
N THR A 880 14.97 11.15 -29.11
CA THR A 880 14.31 9.88 -29.51
C THR A 880 15.20 9.14 -30.50
N PHE A 881 16.00 9.84 -31.32
CA PHE A 881 16.75 9.26 -32.46
C PHE A 881 18.26 9.32 -32.18
N ILE A 882 18.83 10.52 -32.05
CA ILE A 882 20.31 10.73 -32.06
C ILE A 882 20.91 10.17 -30.76
N LYS A 883 20.25 10.38 -29.63
CA LYS A 883 20.78 9.96 -28.31
C LYS A 883 20.90 8.44 -28.27
N PRO A 884 19.85 7.68 -28.64
CA PRO A 884 19.94 6.23 -28.71
C PRO A 884 21.00 5.78 -29.73
N LEU A 885 21.01 6.41 -30.90
CA LEU A 885 21.93 6.03 -31.99
C LEU A 885 23.38 6.22 -31.52
N GLU A 886 23.64 7.29 -30.77
CA GLU A 886 24.98 7.58 -30.18
C GLU A 886 25.34 6.46 -29.20
N GLY A 887 24.36 5.95 -28.45
CA GLY A 887 24.51 4.77 -27.59
C GLY A 887 24.93 3.53 -28.37
N PHE A 888 24.22 3.21 -29.45
CA PHE A 888 24.51 2.04 -30.33
C PHE A 888 25.95 2.16 -30.86
N THR A 889 26.30 3.34 -31.38
CA THR A 889 27.50 3.53 -32.23
C THR A 889 28.73 3.65 -31.34
N SER A 890 28.61 4.29 -30.17
CA SER A 890 29.69 4.32 -29.15
C SER A 890 29.99 2.87 -28.71
N ALA A 891 28.95 2.08 -28.45
CA ALA A 891 29.05 0.64 -28.12
C ALA A 891 29.82 -0.08 -29.23
N ALA A 892 29.38 0.10 -30.48
CA ALA A 892 29.82 -0.66 -31.68
C ALA A 892 31.14 -0.10 -32.21
N LYS A 893 31.60 1.03 -31.64
CA LYS A 893 32.92 1.66 -31.92
C LYS A 893 32.96 2.10 -33.39
N LEU A 894 31.93 2.82 -33.84
CA LEU A 894 31.92 3.57 -35.12
C LEU A 894 31.12 4.87 -34.95
N ASP A 895 30.96 5.61 -36.05
CA ASP A 895 30.37 6.97 -36.06
C ASP A 895 29.15 6.96 -37.00
N TYR A 896 28.06 7.62 -36.61
CA TYR A 896 26.84 7.77 -37.45
C TYR A 896 26.98 9.00 -38.35
N GLU A 897 28.03 9.79 -38.15
CA GLU A 897 28.34 10.98 -39.00
C GLU A 897 29.83 11.34 -38.90
N LYS A 898 30.38 11.90 -39.98
CA LYS A 898 31.66 12.67 -39.97
C LYS A 898 31.38 14.09 -39.47
N LYS A 899 32.23 14.61 -38.57
CA LYS A 899 32.06 15.93 -37.91
C LYS A 899 32.29 17.05 -38.94
N ALA A 900 32.20 18.31 -38.51
CA ALA A 900 32.32 19.48 -39.41
C ALA A 900 33.62 19.56 -40.21
N SER A 901 33.52 19.83 -41.51
CA SER A 901 34.72 20.06 -42.36
C SER A 901 34.44 21.24 -43.27
N LEU A 902 35.28 22.27 -43.22
CA LEU A 902 35.10 23.48 -44.06
C LEU A 902 35.56 23.15 -45.48
N MET D 6 27.23 30.20 31.62
CA MET D 6 26.51 28.90 31.71
C MET D 6 26.98 27.98 30.57
N LYS D 7 26.34 26.81 30.44
CA LYS D 7 26.75 25.75 29.49
C LYS D 7 25.93 25.88 28.20
N GLU D 8 26.50 25.46 27.06
CA GLU D 8 26.00 25.79 25.69
C GLU D 8 25.09 24.65 25.20
N PHE D 9 23.93 25.01 24.65
CA PHE D 9 22.89 24.07 24.15
C PHE D 9 22.40 24.52 22.77
N TYR D 10 22.22 23.56 21.86
CA TYR D 10 21.73 23.77 20.48
C TYR D 10 20.28 24.27 20.52
N LEU D 11 19.89 25.04 19.50
CA LEU D 11 18.49 25.51 19.28
C LEU D 11 17.85 24.69 18.16
N THR D 12 18.51 24.61 17.01
CA THR D 12 18.09 23.85 15.80
C THR D 12 19.32 23.29 15.10
N VAL D 13 19.15 22.23 14.31
CA VAL D 13 20.25 21.55 13.58
C VAL D 13 19.68 20.93 12.29
N GLU D 14 20.47 20.94 11.22
CA GLU D 14 20.10 20.45 9.86
C GLU D 14 21.36 19.90 9.17
N GLN D 15 21.20 18.84 8.37
CA GLN D 15 22.17 18.47 7.32
C GLN D 15 21.71 19.02 5.96
N ILE D 16 22.51 19.91 5.37
CA ILE D 16 22.41 20.34 3.94
C ILE D 16 23.68 19.91 3.22
N GLY D 17 23.67 18.68 2.67
CA GLY D 17 24.81 18.07 1.95
C GLY D 17 25.95 17.72 2.89
N ASP D 18 26.98 18.58 2.95
CA ASP D 18 28.22 18.34 3.74
C ASP D 18 28.35 19.45 4.80
N SER D 19 27.30 20.24 4.98
CA SER D 19 27.24 21.38 5.93
C SER D 19 26.08 21.17 6.91
N ILE D 20 26.37 20.67 8.12
CA ILE D 20 25.56 20.93 9.35
C ILE D 20 25.39 22.45 9.51
N PHE D 21 24.16 22.94 9.53
CA PHE D 21 23.80 24.29 10.02
C PHE D 21 23.18 24.18 11.41
N GLU D 22 23.78 24.86 12.39
CA GLU D 22 23.33 24.87 13.81
C GLU D 22 23.10 26.32 14.25
N ARG D 23 21.90 26.62 14.74
CA ARG D 23 21.64 27.72 15.70
C ARG D 23 21.82 27.17 17.12
N TYR D 24 22.43 27.95 18.01
CA TYR D 24 22.69 27.56 19.43
C TYR D 24 22.69 28.80 20.32
N ILE D 25 22.60 28.57 21.64
CA ILE D 25 22.95 29.55 22.71
C ILE D 25 24.39 29.25 23.19
N ASP D 26 25.23 30.29 23.24
CA ASP D 26 26.65 30.15 23.66
C ASP D 26 26.79 30.34 25.18
N SER D 27 28.02 30.32 25.69
CA SER D 27 28.28 30.40 27.15
C SER D 27 27.83 31.74 27.72
N ASN D 28 27.81 32.77 26.88
CA ASN D 28 27.39 34.12 27.33
C ASN D 28 25.87 34.16 27.35
N GLY D 29 25.20 33.22 26.68
CA GLY D 29 23.73 33.21 26.59
C GLY D 29 23.23 33.98 25.38
N ARG D 30 23.97 33.86 24.28
CA ARG D 30 23.64 34.65 23.08
C ARG D 30 23.41 33.73 21.89
N GLU D 31 22.34 33.99 21.16
CA GLU D 31 21.92 33.20 19.97
C GLU D 31 22.97 33.37 18.87
N ARG D 32 23.49 32.27 18.35
CA ARG D 32 24.54 32.22 17.28
C ARG D 32 24.10 31.26 16.19
N THR D 33 24.64 31.41 14.98
CA THR D 33 24.63 30.38 13.90
C THR D 33 26.06 29.96 13.58
N ARG D 34 26.24 28.73 13.07
CA ARG D 34 27.46 28.29 12.37
C ARG D 34 27.10 27.19 11.35
N GLU D 35 27.48 27.39 10.08
CA GLU D 35 27.75 26.29 9.12
C GLU D 35 29.02 25.55 9.59
N VAL D 36 29.03 24.22 9.43
CA VAL D 36 30.15 23.32 9.82
C VAL D 36 30.20 22.19 8.79
N GLU D 37 31.40 21.90 8.25
CA GLU D 37 31.65 20.74 7.36
C GLU D 37 31.90 19.51 8.23
N TYR D 38 30.98 19.18 9.13
CA TYR D 38 31.07 18.03 10.07
C TYR D 38 31.73 16.87 9.33
N LYS D 39 32.87 16.40 9.84
CA LYS D 39 33.51 15.12 9.43
C LYS D 39 32.90 13.99 10.24
N PRO D 40 31.99 13.19 9.65
CA PRO D 40 31.35 12.09 10.37
C PRO D 40 32.35 10.95 10.60
N SER D 41 31.92 9.91 11.31
CA SER D 41 32.61 8.59 11.41
C SER D 41 31.56 7.48 11.45
N LEU D 42 31.74 6.45 10.62
CA LEU D 42 31.04 5.14 10.74
C LEU D 42 32.08 4.07 11.06
N PHE D 43 31.70 2.79 10.98
CA PHE D 43 32.39 1.65 11.63
C PHE D 43 32.15 0.38 10.79
N ALA D 44 33.15 -0.50 10.74
CA ALA D 44 33.09 -1.80 10.03
C ALA D 44 33.64 -2.91 10.94
N HIS D 45 33.22 -4.16 10.70
CA HIS D 45 33.66 -5.38 11.43
C HIS D 45 35.15 -5.66 11.17
N CYS D 46 35.85 -6.18 12.17
CA CYS D 46 37.31 -6.45 12.17
C CYS D 46 37.55 -7.92 12.50
N PRO D 47 38.71 -8.49 12.10
CA PRO D 47 39.30 -9.63 12.79
C PRO D 47 40.12 -9.16 14.02
N GLU D 48 40.24 -10.03 15.04
CA GLU D 48 40.68 -9.65 16.41
C GLU D 48 41.91 -8.74 16.31
N SER D 49 42.77 -8.96 15.30
CA SER D 49 44.11 -8.34 15.17
C SER D 49 44.02 -6.82 15.38
N GLN D 50 43.10 -6.16 14.66
CA GLN D 50 43.00 -4.67 14.63
C GLN D 50 42.06 -4.11 15.69
N ALA D 51 41.54 -4.96 16.60
CA ALA D 51 40.61 -4.50 17.67
C ALA D 51 41.17 -3.29 18.43
N THR D 52 40.29 -2.35 18.77
CA THR D 52 40.71 -1.15 19.55
C THR D 52 39.56 -0.98 20.55
N LYS D 53 39.36 0.24 21.05
CA LYS D 53 38.29 0.54 22.04
C LYS D 53 36.85 0.38 21.57
N TYR D 54 36.63 0.22 20.27
CA TYR D 54 35.29 0.18 19.64
C TYR D 54 34.83 -1.27 19.45
N PHE D 55 33.68 -1.61 20.01
CA PHE D 55 32.97 -2.91 19.77
C PHE D 55 31.48 -2.65 19.53
N ASP D 56 30.91 -3.37 18.55
CA ASP D 56 29.45 -3.50 18.30
C ASP D 56 28.80 -4.19 19.51
N ILE D 57 27.46 -4.29 19.52
CA ILE D 57 26.63 -4.67 20.70
C ILE D 57 26.74 -6.18 20.95
N TYR D 58 27.14 -6.95 19.93
CA TYR D 58 27.36 -8.41 20.02
C TYR D 58 28.79 -8.68 20.55
N GLY D 59 29.56 -7.61 20.78
CA GLY D 59 30.90 -7.66 21.38
C GLY D 59 32.01 -7.57 20.34
N LYS D 60 31.70 -7.85 19.07
CA LYS D 60 32.68 -8.20 18.01
C LYS D 60 33.28 -6.92 17.44
N PRO D 61 34.60 -6.89 17.15
CA PRO D 61 35.38 -5.65 17.13
C PRO D 61 35.28 -4.88 15.81
N CYS D 62 35.49 -3.55 15.86
CA CYS D 62 35.08 -2.58 14.81
C CYS D 62 36.16 -1.50 14.65
N THR D 63 36.49 -1.15 13.40
CA THR D 63 37.40 -0.03 13.05
C THR D 63 36.57 1.23 12.79
N ARG D 64 36.93 2.34 13.44
CA ARG D 64 36.47 3.70 13.08
C ARG D 64 36.97 4.04 11.67
N LYS D 65 36.10 4.68 10.87
CA LYS D 65 36.42 5.08 9.49
C LYS D 65 36.00 6.54 9.30
N LEU D 66 36.78 7.49 9.77
CA LEU D 66 36.56 8.95 9.60
C LEU D 66 36.47 9.27 8.10
N PHE D 67 35.47 10.06 7.70
CA PHE D 67 35.19 10.49 6.30
C PHE D 67 35.43 12.00 6.19
N ALA D 68 35.80 12.48 5.00
CA ALA D 68 36.13 13.89 4.71
C ALA D 68 34.85 14.74 4.74
N ASN D 69 33.78 14.10 4.25
CA ASN D 69 32.46 14.75 4.18
C ASN D 69 31.40 13.70 4.55
N MET D 70 30.12 14.08 4.54
CA MET D 70 29.02 13.18 4.97
C MET D 70 28.50 12.39 3.78
N ARG D 71 28.64 12.93 2.57
CA ARG D 71 28.11 12.26 1.35
C ARG D 71 28.96 11.05 1.00
N ASP D 72 30.26 11.04 1.30
CA ASP D 72 31.02 9.79 0.98
C ASP D 72 30.69 8.74 2.03
N ALA D 73 30.44 9.15 3.26
CA ALA D 73 30.01 8.20 4.32
C ALA D 73 28.73 7.50 3.87
N SER D 74 27.80 8.25 3.28
CA SER D 74 26.49 7.67 2.88
C SER D 74 26.65 6.75 1.66
N GLN D 75 27.62 7.07 0.79
CA GLN D 75 27.95 6.30 -0.43
C GLN D 75 28.67 5.01 -0.04
N TRP D 76 29.66 5.12 0.85
CA TRP D 76 30.35 3.98 1.53
C TRP D 76 29.29 2.99 2.03
N ILE D 77 28.23 3.51 2.68
CA ILE D 77 27.09 2.70 3.21
C ILE D 77 26.53 1.82 2.09
N LYS D 78 26.24 2.42 0.92
CA LYS D 78 25.65 1.72 -0.26
C LYS D 78 26.68 0.74 -0.83
N ARG D 79 27.89 1.22 -1.09
CA ARG D 79 29.07 0.37 -1.43
C ARG D 79 29.03 -0.88 -0.54
N MET D 80 28.95 -0.71 0.77
CA MET D 80 29.00 -1.80 1.79
C MET D 80 27.75 -2.68 1.64
N GLU D 81 26.59 -2.06 1.40
CA GLU D 81 25.29 -2.76 1.25
C GLU D 81 25.39 -3.73 0.05
N ASP D 82 25.70 -3.20 -1.13
CA ASP D 82 25.94 -3.99 -2.37
C ASP D 82 26.83 -5.19 -2.03
N ILE D 83 27.95 -4.95 -1.34
CA ILE D 83 28.97 -5.97 -0.97
C ILE D 83 28.32 -7.03 -0.06
N GLY D 84 27.36 -6.62 0.77
CA GLY D 84 26.73 -7.46 1.80
C GLY D 84 27.53 -7.45 3.09
N LEU D 85 28.17 -6.33 3.42
CA LEU D 85 28.95 -6.10 4.66
C LEU D 85 28.25 -5.04 5.52
N GLU D 86 28.06 -5.33 6.81
CA GLU D 86 27.37 -4.44 7.78
C GLU D 86 28.19 -3.16 7.96
N ALA D 87 27.53 -2.00 7.90
CA ALA D 87 28.13 -0.65 8.08
C ALA D 87 27.56 0.01 9.35
N LEU D 88 28.24 -0.20 10.49
CA LEU D 88 27.72 0.13 11.84
C LEU D 88 27.77 1.65 12.03
N GLY D 89 26.94 2.17 12.95
CA GLY D 89 27.06 3.54 13.48
C GLY D 89 25.93 4.44 13.00
N MET D 90 25.90 5.67 13.50
CA MET D 90 24.78 6.61 13.27
C MET D 90 24.74 7.18 11.85
N ASP D 91 23.80 6.70 11.04
CA ASP D 91 23.61 7.20 9.66
C ASP D 91 22.98 8.60 9.67
N ASP D 92 22.23 8.96 10.73
CA ASP D 92 21.68 10.34 10.88
C ASP D 92 22.87 11.13 11.42
N PHE D 93 23.50 11.95 10.59
CA PHE D 93 24.84 12.51 10.94
C PHE D 93 24.66 13.67 11.92
N LYS D 94 23.52 14.34 11.90
CA LYS D 94 23.27 15.54 12.73
C LYS D 94 23.02 15.11 14.17
N LEU D 95 22.81 13.80 14.41
CA LEU D 95 22.67 13.19 15.76
C LEU D 95 24.07 12.95 16.34
N ALA D 96 24.91 12.20 15.62
CA ALA D 96 26.36 12.05 15.88
C ALA D 96 26.97 13.44 16.20
N TYR D 97 26.76 14.41 15.31
CA TYR D 97 27.23 15.80 15.52
C TYR D 97 26.80 16.27 16.92
N LEU D 98 25.47 16.31 17.15
CA LEU D 98 24.83 16.76 18.40
C LEU D 98 25.51 16.04 19.58
N SER D 99 25.71 14.73 19.44
CA SER D 99 26.41 13.83 20.40
C SER D 99 27.82 14.37 20.67
N ASP D 100 28.59 14.61 19.60
CA ASP D 100 30.00 15.08 19.66
C ASP D 100 30.05 16.47 20.26
N THR D 101 29.15 17.36 19.86
CA THR D 101 29.19 18.82 20.15
C THR D 101 28.69 19.08 21.57
N TYR D 102 27.92 18.14 22.13
CA TYR D 102 27.21 18.27 23.42
C TYR D 102 27.32 16.95 24.18
N ASN D 103 28.51 16.64 24.69
CA ASN D 103 28.88 15.32 25.25
C ASN D 103 28.65 15.34 26.76
N TYR D 104 27.46 15.79 27.18
CA TYR D 104 27.08 16.02 28.60
C TYR D 104 25.57 16.27 28.66
N GLU D 105 24.95 15.92 29.79
CA GLU D 105 23.53 16.23 30.10
C GLU D 105 23.40 17.71 29.70
N ILE D 106 22.54 18.01 28.73
CA ILE D 106 22.21 19.40 28.29
C ILE D 106 21.29 20.03 29.33
N LYS D 107 21.71 21.15 29.93
CA LYS D 107 20.84 22.07 30.68
C LYS D 107 20.40 23.19 29.74
N TYR D 108 19.09 23.35 29.55
CA TYR D 108 18.50 24.30 28.57
C TYR D 108 17.80 25.42 29.34
N ASP D 109 17.71 26.59 28.71
CA ASP D 109 17.09 27.82 29.29
C ASP D 109 16.04 28.34 28.29
N HIS D 110 14.76 28.18 28.62
CA HIS D 110 13.62 28.32 27.68
C HIS D 110 13.37 29.80 27.40
N THR D 111 13.79 30.68 28.33
CA THR D 111 13.68 32.16 28.22
C THR D 111 14.65 32.68 27.13
N LYS D 112 15.60 31.84 26.70
CA LYS D 112 16.59 32.14 25.65
C LYS D 112 16.19 31.47 24.33
N ILE D 113 15.15 30.63 24.34
CA ILE D 113 14.60 29.96 23.12
C ILE D 113 13.41 30.77 22.62
N ARG D 114 13.48 31.30 21.40
CA ARG D 114 12.39 32.10 20.78
C ARG D 114 11.31 31.15 20.27
N VAL D 115 10.26 30.98 21.07
CA VAL D 115 9.00 30.28 20.68
C VAL D 115 8.04 31.32 20.09
N ALA D 116 7.78 31.22 18.80
CA ALA D 116 6.76 32.03 18.08
C ALA D 116 5.56 31.14 17.78
N ASN D 117 4.36 31.70 17.91
CA ASN D 117 3.11 31.14 17.32
C ASN D 117 2.33 32.29 16.69
N PHE D 118 1.95 32.13 15.42
CA PHE D 118 1.25 33.16 14.63
C PHE D 118 -0.01 32.54 14.01
N ASP D 119 -0.99 33.39 13.70
CA ASP D 119 -2.19 33.02 12.92
C ASP D 119 -2.46 34.12 11.88
N ILE D 120 -2.76 33.71 10.63
CA ILE D 120 -3.09 34.61 9.50
C ILE D 120 -4.57 34.44 9.14
N GLU D 121 -5.22 35.53 8.74
CA GLU D 121 -6.55 35.53 8.06
C GLU D 121 -6.35 35.89 6.59
N VAL D 122 -7.22 35.37 5.72
CA VAL D 122 -7.16 35.51 4.23
C VAL D 122 -8.58 35.57 3.70
N THR D 123 -9.15 36.77 3.56
CA THR D 123 -10.50 36.99 2.98
C THR D 123 -10.54 36.31 1.62
N SER D 124 -11.58 35.51 1.35
CA SER D 124 -11.76 34.70 0.11
C SER D 124 -13.25 34.60 -0.23
N PRO D 125 -13.67 35.06 -1.43
CA PRO D 125 -15.05 34.90 -1.88
C PRO D 125 -15.33 33.49 -2.41
N ASP D 126 -14.32 32.87 -3.02
CA ASP D 126 -14.46 31.63 -3.85
C ASP D 126 -14.06 30.41 -3.03
N GLY D 127 -14.37 30.40 -1.73
CA GLY D 127 -14.23 29.23 -0.84
C GLY D 127 -12.82 29.13 -0.26
N PHE D 128 -12.49 27.99 0.35
CA PHE D 128 -11.25 27.79 1.14
C PHE D 128 -10.05 28.23 0.31
N PRO D 129 -9.22 29.15 0.84
CA PRO D 129 -8.04 29.64 0.12
C PRO D 129 -6.86 28.66 0.22
N GLU D 130 -6.76 27.74 -0.73
CA GLU D 130 -5.76 26.63 -0.73
C GLU D 130 -4.37 27.24 -0.57
N PRO D 131 -3.56 26.75 0.39
CA PRO D 131 -2.23 27.32 0.64
C PRO D 131 -1.26 27.09 -0.53
N SER D 132 -1.49 26.02 -1.31
CA SER D 132 -0.58 25.57 -2.41
C SER D 132 -0.58 26.59 -3.56
N GLN D 133 -1.55 27.50 -3.59
CA GLN D 133 -1.77 28.48 -4.69
C GLN D 133 -1.69 29.92 -4.14
N ALA D 134 -2.19 30.14 -2.91
CA ALA D 134 -2.14 31.42 -2.17
C ALA D 134 -2.54 32.57 -3.09
N LYS D 135 -3.76 32.51 -3.64
CA LYS D 135 -4.22 33.37 -4.76
C LYS D 135 -5.08 34.50 -4.21
N HIS D 136 -4.99 34.76 -2.90
CA HIS D 136 -5.72 35.86 -2.20
C HIS D 136 -4.77 36.64 -1.30
N PRO D 137 -5.03 37.95 -1.10
CA PRO D 137 -4.29 38.74 -0.11
C PRO D 137 -4.42 38.18 1.32
N ILE D 138 -3.29 37.99 1.99
CA ILE D 138 -3.16 37.98 3.48
C ILE D 138 -3.53 39.36 4.00
N ASP D 139 -4.59 39.47 4.80
CA ASP D 139 -5.18 40.78 5.23
C ASP D 139 -5.12 40.90 6.76
N ALA D 140 -4.52 39.91 7.43
CA ALA D 140 -4.14 39.98 8.86
C ALA D 140 -3.10 38.89 9.16
N ILE D 141 -2.09 39.25 9.97
CA ILE D 141 -1.22 38.31 10.73
C ILE D 141 -1.15 38.81 12.17
N THR D 142 -1.24 37.89 13.14
CA THR D 142 -0.81 38.10 14.54
C THR D 142 0.29 37.10 14.87
N HIS D 143 1.39 37.59 15.46
CA HIS D 143 2.65 36.85 15.71
C HIS D 143 3.14 37.19 17.11
N TYR D 144 2.82 36.35 18.10
CA TYR D 144 3.35 36.43 19.49
C TYR D 144 4.77 35.88 19.51
N ASP D 145 5.66 36.56 20.24
CA ASP D 145 7.07 36.14 20.46
C ASP D 145 7.27 35.89 21.97
N SER D 146 7.86 34.74 22.32
CA SER D 146 8.08 34.28 23.72
C SER D 146 9.07 35.23 24.42
N ILE D 147 10.10 35.66 23.70
CA ILE D 147 11.20 36.48 24.27
C ILE D 147 10.74 37.93 24.51
N ASP D 148 9.98 38.49 23.58
CA ASP D 148 9.48 39.88 23.73
C ASP D 148 8.22 39.91 24.59
N ASP D 149 7.47 38.80 24.66
CA ASP D 149 6.17 38.74 25.38
C ASP D 149 5.21 39.74 24.72
N ARG D 150 5.30 39.85 23.40
CA ARG D 150 4.45 40.82 22.68
C ARG D 150 3.72 40.16 21.50
N PHE D 151 2.52 40.67 21.18
CA PHE D 151 1.73 40.19 20.03
C PHE D 151 1.87 41.20 18.89
N TYR D 152 2.51 40.80 17.80
CA TYR D 152 2.74 41.73 16.67
C TYR D 152 1.60 41.58 15.66
N VAL D 153 0.71 42.55 15.62
CA VAL D 153 -0.48 42.53 14.72
C VAL D 153 -0.15 43.27 13.42
N PHE D 154 -0.13 42.55 12.30
CA PHE D 154 -0.02 43.10 10.93
C PHE D 154 -1.41 43.10 10.27
N ASP D 155 -1.89 44.28 9.87
CA ASP D 155 -3.32 44.56 9.55
C ASP D 155 -3.40 45.30 8.21
N LEU D 156 -3.81 44.62 7.15
CA LEU D 156 -3.93 45.20 5.79
C LEU D 156 -5.20 46.06 5.70
N LEU D 157 -5.05 47.36 5.46
CA LEU D 157 -6.16 48.36 5.50
C LEU D 157 -6.86 48.40 4.14
N ASN D 158 -6.18 47.95 3.07
CA ASN D 158 -6.64 48.08 1.67
C ASN D 158 -6.31 46.80 0.90
N SER D 159 -7.28 46.28 0.13
CA SER D 159 -7.19 45.01 -0.64
C SER D 159 -8.30 44.97 -1.69
N PRO D 160 -8.21 44.07 -2.69
CA PRO D 160 -9.28 43.91 -3.68
C PRO D 160 -10.66 43.71 -3.05
N TYR D 161 -10.68 43.37 -1.76
CA TYR D 161 -11.95 43.08 -1.05
C TYR D 161 -12.23 44.09 0.05
N GLY D 162 -11.26 44.95 0.41
CA GLY D 162 -11.69 45.93 1.41
C GLY D 162 -10.79 47.07 1.71
N ASN D 163 -11.33 48.27 1.63
CA ASN D 163 -10.58 49.46 2.07
C ASN D 163 -11.24 49.79 3.41
N VAL D 164 -10.61 49.41 4.50
CA VAL D 164 -11.32 49.62 5.79
C VAL D 164 -10.43 50.41 6.75
N GLU D 165 -11.00 50.81 7.89
CA GLU D 165 -10.30 51.73 8.82
C GLU D 165 -9.42 50.98 9.81
N GLU D 166 -8.76 51.71 10.70
CA GLU D 166 -7.79 51.09 11.63
C GLU D 166 -8.55 50.42 12.78
N TRP D 167 -7.92 49.43 13.43
CA TRP D 167 -8.49 48.66 14.57
C TRP D 167 -8.18 49.40 15.88
N SER D 168 -9.19 49.64 16.71
CA SER D 168 -9.09 50.37 18.01
C SER D 168 -8.84 49.36 19.14
N ILE D 169 -7.66 49.42 19.77
CA ILE D 169 -7.29 48.60 20.95
C ILE D 169 -8.17 48.96 22.15
N GLU D 170 -8.94 50.06 22.06
CA GLU D 170 -9.82 50.49 23.17
C GLU D 170 -11.20 49.86 22.96
N ILE D 171 -11.65 49.80 21.71
CA ILE D 171 -12.94 49.14 21.36
C ILE D 171 -12.79 47.62 21.55
N ALA D 172 -11.59 47.09 21.27
CA ALA D 172 -11.20 45.68 21.50
C ALA D 172 -11.43 45.31 22.97
N ALA D 173 -10.96 46.17 23.89
CA ALA D 173 -10.86 45.90 25.34
C ALA D 173 -12.26 45.88 25.97
N LYS D 174 -13.18 46.69 25.44
CA LYS D 174 -14.56 46.87 25.98
C LYS D 174 -15.28 45.52 26.02
N LEU D 175 -16.42 45.46 26.72
CA LEU D 175 -17.27 44.23 26.83
C LEU D 175 -18.19 44.16 25.60
N GLN D 176 -18.67 42.96 25.27
CA GLN D 176 -19.50 42.78 24.05
C GLN D 176 -20.84 43.51 24.22
N GLU D 177 -21.11 44.01 25.42
CA GLU D 177 -22.33 44.84 25.63
C GLU D 177 -22.01 46.27 25.17
N GLN D 178 -20.84 46.77 25.57
CA GLN D 178 -20.42 48.15 25.20
C GLN D 178 -19.80 48.16 23.79
N GLY D 179 -20.39 47.43 22.84
CA GLY D 179 -19.93 47.45 21.43
C GLY D 179 -18.51 46.94 21.28
N GLY D 180 -18.08 46.05 22.18
CA GLY D 180 -16.66 45.66 22.35
C GLY D 180 -16.37 44.29 21.75
N ASP D 181 -15.09 43.87 21.78
CA ASP D 181 -14.62 42.57 21.24
C ASP D 181 -14.25 41.64 22.40
N GLU D 182 -14.11 42.19 23.61
CA GLU D 182 -13.73 41.44 24.84
C GLU D 182 -12.39 40.75 24.61
N VAL D 183 -11.33 41.54 24.35
CA VAL D 183 -9.92 41.06 24.25
C VAL D 183 -9.29 41.12 25.65
N PRO D 184 -8.90 39.96 26.22
CA PRO D 184 -8.37 39.91 27.58
C PRO D 184 -7.44 41.07 27.95
N SER D 185 -7.62 41.63 29.15
CA SER D 185 -6.91 42.84 29.66
C SER D 185 -5.42 42.53 29.86
N GLU D 186 -5.08 41.26 30.05
CA GLU D 186 -3.72 40.80 30.46
C GLU D 186 -2.80 40.82 29.24
N ILE D 187 -3.34 41.08 28.04
CA ILE D 187 -2.59 41.07 26.75
C ILE D 187 -2.70 42.45 26.09
N ILE D 188 -3.68 43.26 26.50
CA ILE D 188 -4.04 44.55 25.85
C ILE D 188 -2.79 45.42 25.76
N ASP D 189 -1.88 45.30 26.74
CA ASP D 189 -0.67 46.14 26.89
C ASP D 189 0.54 45.37 26.34
N LYS D 190 0.29 44.28 25.61
CA LYS D 190 1.33 43.42 24.97
C LYS D 190 1.17 43.47 23.46
N ILE D 191 0.08 44.10 22.97
CA ILE D 191 -0.25 44.20 21.52
C ILE D 191 0.56 45.33 20.89
N ILE D 192 1.33 45.01 19.84
CA ILE D 192 2.04 45.99 18.96
C ILE D 192 1.37 45.99 17.58
N TYR D 193 0.36 46.83 17.41
CA TYR D 193 -0.45 47.01 16.18
C TYR D 193 0.41 47.69 15.11
N MET D 194 0.17 47.36 13.83
CA MET D 194 0.91 47.89 12.65
C MET D 194 0.01 47.85 11.42
N PRO D 195 -0.77 48.93 11.11
CA PRO D 195 -1.56 48.94 9.90
C PRO D 195 -0.69 49.16 8.66
N PHE D 196 -1.18 48.73 7.50
CA PHE D 196 -0.38 48.85 6.26
C PHE D 196 -1.31 49.29 5.14
N ASP D 197 -0.81 50.12 4.24
CA ASP D 197 -1.68 50.68 3.18
C ASP D 197 -1.71 49.71 2.00
N ASN D 198 -0.71 48.82 1.94
CA ASN D 198 -0.68 47.80 0.87
C ASN D 198 -0.17 46.47 1.45
N GLU D 199 -0.34 45.38 0.69
CA GLU D 199 0.04 44.03 1.17
C GLU D 199 1.54 43.81 0.98
N LYS D 200 2.09 44.18 -0.18
CA LYS D 200 3.55 44.04 -0.39
C LYS D 200 4.26 44.69 0.79
N GLU D 201 3.76 45.85 1.19
CA GLU D 201 4.33 46.60 2.35
C GLU D 201 4.21 45.73 3.60
N LEU D 202 2.99 45.29 3.94
CA LEU D 202 2.70 44.37 5.07
C LEU D 202 3.66 43.17 5.00
N LEU D 203 3.74 42.50 3.84
CA LEU D 203 4.47 41.22 3.65
C LEU D 203 5.97 41.44 3.81
N MET D 204 6.49 42.54 3.27
CA MET D 204 7.93 42.89 3.29
C MET D 204 8.39 43.13 4.73
N GLU D 205 7.65 43.97 5.47
CA GLU D 205 7.89 44.27 6.91
C GLU D 205 7.93 42.96 7.71
N TYR D 206 6.87 42.13 7.62
CA TYR D 206 6.75 40.85 8.38
C TYR D 206 7.97 39.98 8.08
N LEU D 207 8.38 39.91 6.82
CA LEU D 207 9.55 39.12 6.34
C LEU D 207 10.84 39.67 6.97
N ASN D 208 10.89 40.98 7.20
CA ASN D 208 12.04 41.72 7.80
C ASN D 208 11.98 41.59 9.33
N PHE D 209 10.76 41.57 9.89
CA PHE D 209 10.47 41.34 11.33
C PHE D 209 10.83 39.89 11.69
N TRP D 210 10.53 38.96 10.78
CA TRP D 210 10.89 37.52 10.84
C TRP D 210 12.41 37.37 10.85
N GLN D 211 13.13 38.35 10.27
CA GLN D 211 14.58 38.26 9.99
C GLN D 211 15.38 38.61 11.25
N GLN D 212 14.93 39.63 12.00
CA GLN D 212 15.40 39.89 13.39
CA GLN D 212 15.38 39.90 13.39
C GLN D 212 15.00 38.71 14.28
N LYS D 213 13.70 38.49 14.46
CA LYS D 213 13.11 37.74 15.59
C LYS D 213 12.77 36.31 15.14
N THR D 214 13.73 35.61 14.54
CA THR D 214 13.51 34.35 13.77
C THR D 214 13.11 33.24 14.73
N PRO D 215 11.88 32.71 14.63
CA PRO D 215 11.44 31.57 15.43
C PRO D 215 12.48 30.44 15.45
N VAL D 216 12.77 29.93 16.65
CA VAL D 216 13.43 28.61 16.88
C VAL D 216 12.35 27.52 16.93
N ILE D 217 11.42 27.63 17.88
CA ILE D 217 10.16 26.84 17.91
C ILE D 217 9.06 27.66 17.24
N LEU D 218 8.48 27.12 16.18
CA LEU D 218 7.28 27.70 15.50
C LEU D 218 6.08 26.79 15.78
N THR D 219 5.03 27.36 16.37
CA THR D 219 3.75 26.67 16.69
C THR D 219 2.59 27.63 16.38
N GLY D 220 1.39 27.29 16.84
CA GLY D 220 0.10 27.76 16.31
C GLY D 220 -0.86 26.60 16.10
N TRP D 221 -2.01 26.89 15.49
CA TRP D 221 -3.06 25.87 15.19
C TRP D 221 -3.21 25.72 13.67
N ASN D 222 -2.67 24.64 13.12
CA ASN D 222 -2.69 24.31 11.66
C ASN D 222 -1.65 25.15 10.92
N VAL D 223 -0.71 25.77 11.65
CA VAL D 223 0.41 26.58 11.08
C VAL D 223 1.13 25.75 10.01
N GLU D 224 1.35 24.46 10.25
CA GLU D 224 2.17 23.59 9.36
C GLU D 224 1.44 23.33 8.04
N SER D 225 0.12 23.13 8.10
CA SER D 225 -0.69 22.62 6.98
C SER D 225 -1.35 23.79 6.25
N PHE D 226 -1.51 24.95 6.91
CA PHE D 226 -2.13 26.16 6.31
C PHE D 226 -1.20 27.37 6.42
N ALA D 227 -1.07 27.97 7.59
CA ALA D 227 -0.54 29.34 7.79
C ALA D 227 0.83 29.48 7.11
N ILE D 228 1.74 28.53 7.34
CA ILE D 228 3.16 28.60 6.88
C ILE D 228 3.18 28.54 5.35
N PRO D 229 2.68 27.44 4.74
CA PRO D 229 2.70 27.32 3.28
C PRO D 229 2.02 28.52 2.61
N TYR D 230 0.92 29.03 3.18
CA TYR D 230 0.15 30.15 2.60
C TYR D 230 0.98 31.44 2.64
N VAL D 231 1.64 31.71 3.76
CA VAL D 231 2.58 32.86 3.90
C VAL D 231 3.74 32.66 2.93
N TYR D 232 4.39 31.49 2.96
CA TYR D 232 5.54 31.15 2.08
C TYR D 232 5.15 31.46 0.63
N ASN D 233 4.13 30.77 0.11
CA ASN D 233 3.80 30.73 -1.32
C ASN D 233 3.30 32.11 -1.76
N ARG D 234 2.57 32.80 -0.87
CA ARG D 234 2.01 34.15 -1.14
C ARG D 234 3.17 35.10 -1.44
N ILE D 235 4.30 34.92 -0.75
CA ILE D 235 5.52 35.77 -0.85
C ILE D 235 6.34 35.33 -2.08
N LYS D 236 6.53 34.03 -2.27
CA LYS D 236 7.08 33.45 -3.54
C LYS D 236 6.36 34.10 -4.73
N ASN D 237 5.03 34.08 -4.71
CA ASN D 237 4.17 34.33 -5.90
C ASN D 237 4.20 35.83 -6.25
N ILE D 238 4.55 36.69 -5.29
CA ILE D 238 4.73 38.15 -5.49
C ILE D 238 6.21 38.47 -5.73
N PHE D 239 7.10 38.06 -4.80
CA PHE D 239 8.51 38.54 -4.69
C PHE D 239 9.48 37.53 -5.30
N GLY D 240 8.99 36.32 -5.63
CA GLY D 240 9.80 35.24 -6.21
C GLY D 240 10.46 34.38 -5.15
N GLU D 241 11.01 33.23 -5.55
CA GLU D 241 11.29 32.05 -4.68
C GLU D 241 12.34 32.43 -3.62
N SER D 242 13.45 33.02 -4.04
CA SER D 242 14.62 33.37 -3.19
C SER D 242 14.16 34.18 -1.97
N THR D 243 13.27 35.16 -2.20
CA THR D 243 12.67 36.03 -1.15
C THR D 243 11.88 35.17 -0.15
N ALA D 244 11.05 34.25 -0.64
CA ALA D 244 10.22 33.34 0.18
C ALA D 244 11.13 32.47 1.05
N LYS D 245 12.35 32.19 0.59
CA LYS D 245 13.33 31.30 1.27
C LYS D 245 14.04 32.08 2.39
N ARG D 246 13.65 33.33 2.62
CA ARG D 246 14.16 34.19 3.73
CA ARG D 246 14.20 34.16 3.74
C ARG D 246 13.40 33.87 5.02
N LEU D 247 12.45 32.95 4.95
CA LEU D 247 11.68 32.45 6.14
C LEU D 247 12.47 31.33 6.82
N SER D 248 13.41 30.71 6.09
CA SER D 248 14.57 29.97 6.63
C SER D 248 15.72 30.95 6.91
N PRO D 249 16.34 30.89 8.11
CA PRO D 249 17.54 31.65 8.40
C PRO D 249 18.81 30.97 7.84
N HIS D 250 18.64 29.85 7.12
CA HIS D 250 19.66 29.21 6.25
C HIS D 250 19.31 29.34 4.76
N ARG D 251 18.30 30.19 4.50
CA ARG D 251 17.88 30.48 3.10
C ARG D 251 17.72 29.15 2.38
N LYS D 252 17.62 28.07 3.13
CA LYS D 252 17.38 26.75 2.50
C LYS D 252 15.96 26.32 2.86
N THR D 253 15.03 26.29 1.91
CA THR D 253 13.67 25.74 2.21
C THR D 253 13.41 24.58 1.27
N ARG D 254 12.40 23.78 1.56
CA ARG D 254 12.06 22.62 0.70
C ARG D 254 10.58 22.25 0.86
N VAL D 255 9.97 21.74 -0.21
CA VAL D 255 8.56 21.30 -0.16
C VAL D 255 8.56 19.80 0.09
N LYS D 256 7.95 19.37 1.20
CA LYS D 256 7.96 17.95 1.63
C LYS D 256 6.67 17.27 1.14
N VAL D 257 6.75 15.98 0.79
CA VAL D 257 5.59 15.14 0.39
C VAL D 257 5.20 14.27 1.58
N ILE D 258 4.16 14.68 2.31
CA ILE D 258 3.53 13.88 3.41
C ILE D 258 2.52 12.92 2.77
N GLU D 259 2.82 11.62 2.80
CA GLU D 259 1.93 10.54 2.27
C GLU D 259 1.35 9.77 3.45
N ASN D 260 0.03 9.52 3.43
CA ASN D 260 -0.67 8.59 4.35
C ASN D 260 -1.44 7.55 3.52
N MET D 261 -2.20 6.69 4.20
CA MET D 261 -2.95 5.61 3.50
C MET D 261 -3.88 6.18 2.44
N TYR D 262 -4.30 7.43 2.57
CA TYR D 262 -5.29 7.99 1.61
C TYR D 262 -4.79 9.30 1.02
N GLY D 263 -3.90 9.23 0.03
CA GLY D 263 -3.46 10.46 -0.68
C GLY D 263 -2.23 11.10 -0.09
N SER D 264 -1.90 12.32 -0.54
CA SER D 264 -0.77 13.09 0.03
C SER D 264 -1.12 14.58 0.08
N ARG D 265 -0.50 15.32 1.01
CA ARG D 265 -0.49 16.80 1.06
C ARG D 265 0.93 17.31 0.82
N GLU D 266 1.15 18.61 0.98
CA GLU D 266 2.51 19.23 0.94
C GLU D 266 2.63 20.25 2.08
N ILE D 267 3.78 20.24 2.75
CA ILE D 267 4.18 21.23 3.79
C ILE D 267 5.49 21.90 3.32
N ILE D 268 5.82 23.06 3.89
CA ILE D 268 7.14 23.73 3.73
C ILE D 268 8.02 23.35 4.93
N THR D 269 9.02 22.49 4.72
CA THR D 269 10.20 22.32 5.61
C THR D 269 10.95 23.65 5.46
N LEU D 270 10.86 24.52 6.48
CA LEU D 270 11.79 25.64 6.78
C LEU D 270 13.01 25.10 7.55
N PHE D 271 14.12 24.83 6.85
CA PHE D 271 15.41 24.41 7.45
C PHE D 271 15.90 25.48 8.43
N GLY D 272 16.23 25.07 9.66
CA GLY D 272 16.74 25.95 10.72
C GLY D 272 15.63 26.47 11.62
N ILE D 273 14.40 26.01 11.40
CA ILE D 273 13.25 26.23 12.33
C ILE D 273 12.70 24.86 12.75
N SER D 274 12.23 24.76 13.99
CA SER D 274 11.53 23.57 14.52
C SER D 274 10.04 23.88 14.67
N VAL D 275 9.23 23.33 13.76
CA VAL D 275 7.75 23.52 13.72
C VAL D 275 7.13 22.44 14.60
N LEU D 276 6.49 22.86 15.70
CA LEU D 276 5.58 22.02 16.52
C LEU D 276 4.17 22.64 16.47
N ASP D 277 3.45 22.38 15.37
CA ASP D 277 2.01 22.71 15.23
C ASP D 277 1.29 22.18 16.47
N TYR D 278 0.60 23.05 17.22
CA TYR D 278 0.00 22.69 18.52
C TYR D 278 -1.15 21.69 18.31
N ILE D 279 -1.82 21.71 17.16
CA ILE D 279 -2.85 20.68 16.82
C ILE D 279 -2.18 19.30 16.91
N ASP D 280 -0.93 19.18 16.45
CA ASP D 280 -0.22 17.89 16.36
C ASP D 280 0.38 17.51 17.72
N LEU D 281 0.94 18.47 18.45
CA LEU D 281 1.33 18.29 19.88
C LEU D 281 0.11 17.79 20.67
N TYR D 282 -1.04 18.45 20.50
CA TYR D 282 -2.28 18.12 21.25
C TYR D 282 -2.69 16.67 20.99
N LYS D 283 -2.75 16.27 19.72
CA LYS D 283 -3.15 14.90 19.30
C LYS D 283 -2.18 13.86 19.90
N LYS D 284 -0.89 14.18 19.99
CA LYS D 284 0.17 13.19 20.36
C LYS D 284 0.19 13.01 21.89
N PHE D 285 -0.01 14.09 22.64
CA PHE D 285 0.38 14.17 24.08
C PHE D 285 -0.87 14.20 24.96
N SER D 286 -2.06 14.42 24.39
CA SER D 286 -3.32 14.62 25.14
C SER D 286 -3.96 13.28 25.52
N PHE D 287 -3.72 12.23 24.74
CA PHE D 287 -4.25 10.87 24.96
C PHE D 287 -5.77 10.94 25.17
N THR D 288 -6.42 11.98 24.64
CA THR D 288 -7.89 12.06 24.40
C THR D 288 -8.19 11.64 22.97
N ASN D 289 -9.48 11.44 22.65
CA ASN D 289 -10.01 11.48 21.26
C ASN D 289 -11.19 12.45 21.24
N GLN D 290 -11.06 13.57 20.51
CA GLN D 290 -12.04 14.69 20.51
C GLN D 290 -12.88 14.64 19.24
N PRO D 291 -14.19 14.92 19.32
CA PRO D 291 -15.04 14.96 18.14
C PRO D 291 -14.63 16.01 17.10
N SER D 292 -13.88 17.04 17.51
CA SER D 292 -13.35 18.11 16.63
C SER D 292 -11.98 18.57 17.16
N TYR D 293 -11.10 19.03 16.28
CA TYR D 293 -9.75 19.57 16.62
C TYR D 293 -9.58 20.98 16.07
N SER D 294 -10.68 21.66 15.73
CA SER D 294 -10.76 23.14 15.58
C SER D 294 -10.24 23.81 16.87
N LEU D 295 -9.43 24.85 16.73
CA LEU D 295 -8.95 25.68 17.87
C LEU D 295 -10.12 26.00 18.79
N ASP D 296 -11.25 26.43 18.21
CA ASP D 296 -12.44 26.91 18.96
C ASP D 296 -12.95 25.79 19.87
N TYR D 297 -13.01 24.56 19.35
CA TYR D 297 -13.54 23.38 20.08
C TYR D 297 -12.58 23.00 21.21
N ILE D 298 -11.28 22.96 20.92
CA ILE D 298 -10.25 22.52 21.92
C ILE D 298 -10.12 23.61 23.00
N SER D 299 -10.26 24.88 22.62
CA SER D 299 -10.28 26.04 23.55
C SER D 299 -11.44 25.90 24.54
N GLU D 300 -12.66 25.73 24.02
CA GLU D 300 -13.89 25.49 24.83
C GLU D 300 -13.62 24.35 25.82
N PHE D 301 -13.05 23.23 25.32
CA PHE D 301 -12.85 21.99 26.11
C PHE D 301 -11.81 22.24 27.22
N GLU D 302 -10.71 22.92 26.89
CA GLU D 302 -9.48 22.98 27.74
C GLU D 302 -9.60 24.15 28.71
N LEU D 303 -10.22 25.26 28.28
CA LEU D 303 -10.15 26.57 28.96
C LEU D 303 -11.55 26.98 29.43
N ASN D 304 -12.59 26.49 28.76
CA ASN D 304 -14.00 26.86 29.04
C ASN D 304 -14.27 28.26 28.46
N VAL D 305 -13.28 28.84 27.75
CA VAL D 305 -13.43 30.12 27.02
C VAL D 305 -14.33 29.89 25.80
N GLY D 306 -15.28 30.81 25.57
CA GLY D 306 -16.43 30.59 24.66
C GLY D 306 -15.99 30.54 23.20
N LYS D 307 -16.96 30.71 22.31
CA LYS D 307 -16.64 30.73 20.86
C LYS D 307 -16.44 32.17 20.43
N LEU D 308 -15.28 32.46 19.88
CA LEU D 308 -15.04 33.80 19.30
C LEU D 308 -16.23 34.04 18.37
N LYS D 309 -17.09 35.00 18.70
CA LYS D 309 -18.37 35.13 17.93
C LYS D 309 -18.32 36.16 16.81
N TYR D 310 -19.15 35.94 15.78
CA TYR D 310 -19.29 36.94 14.68
C TYR D 310 -20.55 36.64 13.87
N ASP D 311 -21.05 37.64 13.14
CA ASP D 311 -22.23 37.54 12.22
C ASP D 311 -21.75 37.09 10.83
N GLY D 312 -22.66 36.53 10.02
CA GLY D 312 -22.43 36.22 8.60
C GLY D 312 -21.20 35.36 8.39
N PRO D 313 -20.80 35.09 7.12
CA PRO D 313 -19.69 34.20 6.81
C PRO D 313 -18.35 34.79 7.27
N ILE D 314 -17.27 34.03 7.13
CA ILE D 314 -15.88 34.47 7.45
C ILE D 314 -15.31 35.26 6.26
N SER D 315 -15.91 35.09 5.07
CA SER D 315 -15.47 35.70 3.79
C SER D 315 -15.88 37.18 3.76
N LYS D 316 -16.78 37.59 4.65
CA LYS D 316 -17.46 38.90 4.63
C LYS D 316 -17.42 39.53 6.02
N LEU D 317 -16.55 39.03 6.90
CA LEU D 317 -16.34 39.56 8.28
C LEU D 317 -15.45 40.80 8.20
N ARG D 318 -14.33 40.71 7.50
CA ARG D 318 -13.32 41.80 7.37
C ARG D 318 -14.02 43.06 6.85
N GLU D 319 -14.84 42.92 5.82
CA GLU D 319 -15.64 44.02 5.21
C GLU D 319 -16.65 44.54 6.25
N SER D 320 -17.44 43.63 6.83
CA SER D 320 -18.60 43.94 7.70
C SER D 320 -18.12 44.54 9.02
N ASN D 321 -17.03 43.99 9.59
CA ASN D 321 -16.56 44.30 10.97
C ASN D 321 -15.07 44.00 11.08
N HIS D 322 -14.24 44.71 10.32
CA HIS D 322 -12.75 44.61 10.33
C HIS D 322 -12.24 44.70 11.78
N GLN D 323 -12.99 45.37 12.65
CA GLN D 323 -12.61 45.63 14.07
C GLN D 323 -12.69 44.30 14.85
N ARG D 324 -13.73 43.51 14.61
CA ARG D 324 -13.93 42.15 15.20
C ARG D 324 -12.97 41.16 14.55
N TYR D 325 -12.85 41.22 13.21
CA TYR D 325 -11.95 40.40 12.36
C TYR D 325 -10.56 40.32 12.99
N ILE D 326 -10.00 41.45 13.40
CA ILE D 326 -8.58 41.60 13.86
C ILE D 326 -8.47 41.10 15.31
N SER D 327 -9.45 41.46 16.15
CA SER D 327 -9.59 40.96 17.54
C SER D 327 -9.59 39.43 17.52
N TYR D 328 -10.44 38.82 16.69
CA TYR D 328 -10.50 37.36 16.40
C TYR D 328 -9.08 36.86 16.14
N ASN D 329 -8.38 37.49 15.20
CA ASN D 329 -7.01 37.11 14.75
C ASN D 329 -6.06 37.11 15.95
N ILE D 330 -6.20 38.09 16.84
CA ILE D 330 -5.33 38.24 18.05
C ILE D 330 -5.69 37.12 19.03
N ILE D 331 -6.98 36.96 19.35
CA ILE D 331 -7.48 36.03 20.41
C ILE D 331 -7.17 34.59 19.99
N ALA D 332 -7.29 34.29 18.69
CA ALA D 332 -6.84 33.02 18.09
C ALA D 332 -5.47 32.66 18.66
N VAL D 333 -4.48 33.56 18.48
CA VAL D 333 -3.06 33.31 18.88
C VAL D 333 -3.01 33.12 20.39
N TYR D 334 -3.76 33.93 21.15
CA TYR D 334 -3.77 33.88 22.63
C TYR D 334 -4.28 32.50 23.09
N ARG D 335 -5.37 32.03 22.49
CA ARG D 335 -6.01 30.72 22.81
C ARG D 335 -4.92 29.65 22.93
N VAL D 336 -4.00 29.60 21.95
CA VAL D 336 -2.97 28.54 21.83
C VAL D 336 -1.98 28.67 23.01
N LEU D 337 -1.67 29.91 23.40
CA LEU D 337 -0.79 30.20 24.56
C LEU D 337 -1.48 29.75 25.85
N GLN D 338 -2.77 30.06 25.99
CA GLN D 338 -3.62 29.62 27.14
C GLN D 338 -3.56 28.09 27.22
N ILE D 339 -3.71 27.41 26.08
CA ILE D 339 -3.77 25.92 25.99
C ILE D 339 -2.41 25.35 26.41
N ASP D 340 -1.31 25.95 25.94
CA ASP D 340 0.07 25.49 26.29
C ASP D 340 0.38 25.84 27.74
N ALA D 341 -0.23 26.90 28.28
CA ALA D 341 -0.13 27.28 29.71
C ALA D 341 -0.61 26.09 30.56
N LYS D 342 -1.73 25.48 30.17
CA LYS D 342 -2.34 24.31 30.87
C LYS D 342 -1.47 23.07 30.63
N ARG D 343 -1.23 22.71 29.37
CA ARG D 343 -0.76 21.37 28.95
C ARG D 343 0.77 21.31 28.95
N GLN D 344 1.42 22.44 28.64
CA GLN D 344 2.90 22.60 28.71
C GLN D 344 3.58 21.62 27.74
N PHE D 345 3.02 21.43 26.55
CA PHE D 345 3.52 20.44 25.56
C PHE D 345 4.82 20.95 24.91
N ILE D 346 4.95 22.26 24.73
CA ILE D 346 6.21 22.89 24.23
C ILE D 346 7.36 22.50 25.15
N ASN D 347 7.23 22.81 26.45
CA ASN D 347 8.29 22.59 27.48
C ASN D 347 8.61 21.09 27.58
N LEU D 348 7.57 20.24 27.59
CA LEU D 348 7.74 18.77 27.59
C LEU D 348 8.53 18.35 26.35
N SER D 349 8.24 18.99 25.21
CA SER D 349 8.92 18.73 23.91
C SER D 349 10.40 19.13 24.03
N LEU D 350 10.68 20.36 24.47
CA LEU D 350 12.06 20.84 24.74
C LEU D 350 12.77 19.82 25.61
N ASP D 351 12.16 19.46 26.74
CA ASP D 351 12.75 18.55 27.76
C ASP D 351 13.19 17.25 27.09
N MET D 352 12.30 16.61 26.31
CA MET D 352 12.54 15.27 25.73
C MET D 352 13.61 15.36 24.64
N GLY D 353 13.51 16.35 23.75
CA GLY D 353 14.47 16.58 22.65
C GLY D 353 15.89 16.69 23.18
N TYR D 354 16.12 17.65 24.08
CA TYR D 354 17.43 17.93 24.70
C TYR D 354 17.92 16.69 25.45
N TYR D 355 17.01 15.99 26.14
CA TYR D 355 17.31 14.70 26.82
C TYR D 355 17.92 13.73 25.80
N ALA D 356 17.22 13.50 24.69
CA ALA D 356 17.56 12.49 23.66
C ALA D 356 18.64 13.05 22.73
N LYS D 357 18.77 14.37 22.67
CA LYS D 357 19.72 15.09 21.77
C LYS D 357 19.29 14.82 20.33
N ILE D 358 18.07 15.24 20.00
CA ILE D 358 17.45 15.14 18.65
C ILE D 358 16.99 16.54 18.27
N GLN D 359 16.57 16.77 17.03
CA GLN D 359 15.69 17.92 16.67
C GLN D 359 14.45 17.85 17.58
N ILE D 360 13.98 18.98 18.07
CA ILE D 360 12.83 19.05 19.02
C ILE D 360 11.59 18.43 18.33
N GLN D 361 11.43 18.67 17.02
CA GLN D 361 10.25 18.21 16.25
C GLN D 361 10.22 16.67 16.20
N SER D 362 11.35 16.04 16.50
CA SER D 362 11.52 14.56 16.40
C SER D 362 10.88 13.86 17.61
N VAL D 363 10.43 14.61 18.62
CA VAL D 363 9.77 14.03 19.82
C VAL D 363 8.48 13.32 19.36
N PHE D 364 7.93 13.75 18.23
CA PHE D 364 6.75 13.12 17.57
C PHE D 364 7.01 11.63 17.36
N SER D 365 8.27 11.25 17.10
CA SER D 365 8.67 9.86 16.76
C SER D 365 9.35 9.19 17.95
N PRO D 366 8.73 8.16 18.55
CA PRO D 366 9.42 7.28 19.50
C PRO D 366 10.63 6.54 18.92
N ILE D 367 10.58 6.15 17.64
CA ILE D 367 11.68 5.40 16.97
C ILE D 367 12.94 6.28 16.98
N LYS D 368 12.83 7.51 16.49
CA LYS D 368 13.93 8.50 16.42
C LYS D 368 14.41 8.83 17.84
N THR D 369 13.50 9.18 18.75
CA THR D 369 13.81 9.62 20.14
C THR D 369 14.62 8.51 20.83
N TRP D 370 14.19 7.26 20.69
CA TRP D 370 14.74 6.09 21.44
C TRP D 370 16.05 5.64 20.80
N ASP D 371 16.15 5.74 19.47
CA ASP D 371 17.38 5.44 18.71
C ASP D 371 18.51 6.38 19.18
N ALA D 372 18.19 7.67 19.33
CA ALA D 372 19.12 8.74 19.75
C ALA D 372 19.56 8.53 21.20
N ILE D 373 18.60 8.32 22.10
CA ILE D 373 18.86 8.02 23.54
C ILE D 373 19.86 6.86 23.63
N ILE D 374 19.60 5.77 22.92
CA ILE D 374 20.38 4.49 23.05
C ILE D 374 21.76 4.70 22.42
N PHE D 375 21.82 5.38 21.27
CA PHE D 375 23.08 5.68 20.54
C PHE D 375 24.01 6.45 21.47
N ASN D 376 23.50 7.50 22.10
CA ASN D 376 24.32 8.38 22.98
C ASN D 376 24.90 7.56 24.13
N SER D 377 24.10 6.71 24.76
CA SER D 377 24.59 5.82 25.85
C SER D 377 25.66 4.87 25.33
N LEU D 378 25.41 4.21 24.21
CA LEU D 378 26.36 3.21 23.66
C LEU D 378 27.67 3.92 23.27
N LYS D 379 27.58 5.05 22.57
CA LYS D 379 28.78 5.86 22.23
C LYS D 379 29.68 5.98 23.47
N GLU D 380 29.09 6.31 24.63
CA GLU D 380 29.82 6.61 25.89
C GLU D 380 30.64 5.39 26.31
N GLN D 381 30.16 4.18 26.01
CA GLN D 381 30.82 2.89 26.35
C GLN D 381 31.72 2.45 25.19
N ASN D 382 32.12 3.39 24.33
CA ASN D 382 32.84 3.13 23.05
C ASN D 382 32.26 1.87 22.39
N LYS D 383 30.93 1.78 22.33
CA LYS D 383 30.21 0.71 21.57
C LYS D 383 29.59 1.32 20.31
N VAL D 384 29.09 0.49 19.40
CA VAL D 384 28.83 0.87 17.98
C VAL D 384 27.47 0.30 17.55
N ILE D 385 26.51 1.18 17.24
CA ILE D 385 25.09 0.80 17.00
C ILE D 385 25.03 -0.03 15.72
N PRO D 386 24.16 -1.06 15.66
CA PRO D 386 24.03 -1.89 14.46
C PRO D 386 23.45 -1.05 13.31
N GLN D 387 23.62 -1.50 12.06
CA GLN D 387 23.06 -0.83 10.87
C GLN D 387 21.54 -0.97 10.97
N GLY D 388 20.80 0.03 10.50
CA GLY D 388 19.37 -0.10 10.17
C GLY D 388 19.27 -1.23 9.15
N ARG D 389 18.44 -2.22 9.46
CA ARG D 389 18.16 -3.31 8.51
C ARG D 389 16.70 -3.31 8.07
N SER D 390 16.40 -3.88 6.91
CA SER D 390 15.03 -4.05 6.36
C SER D 390 14.36 -5.27 7.00
N HIS D 391 13.09 -5.14 7.39
CA HIS D 391 12.24 -6.25 7.89
C HIS D 391 10.86 -6.14 7.25
N PRO D 392 10.27 -7.27 6.81
CA PRO D 392 8.94 -7.26 6.21
C PRO D 392 7.88 -6.85 7.24
N VAL D 393 7.10 -5.82 6.93
CA VAL D 393 5.84 -5.48 7.67
C VAL D 393 5.01 -6.76 7.76
N GLN D 394 4.71 -7.20 8.98
CA GLN D 394 3.84 -8.37 9.27
C GLN D 394 3.32 -8.27 10.70
N PRO D 395 2.15 -8.87 10.99
CA PRO D 395 1.60 -8.85 12.35
C PRO D 395 2.51 -9.65 13.28
N TYR D 396 2.35 -9.47 14.60
CA TYR D 396 2.75 -10.45 15.65
C TYR D 396 1.67 -10.51 16.72
N PRO D 397 1.55 -11.63 17.47
CA PRO D 397 0.49 -11.76 18.47
C PRO D 397 0.70 -10.75 19.62
N GLY D 398 -0.38 -10.43 20.32
CA GLY D 398 -0.45 -9.32 21.29
C GLY D 398 -0.92 -9.81 22.65
N ALA D 399 -1.66 -8.96 23.37
CA ALA D 399 -2.12 -9.22 24.76
C ALA D 399 -3.13 -10.36 24.76
N PHE D 400 -3.30 -11.01 25.91
CA PHE D 400 -4.45 -11.91 26.21
C PHE D 400 -5.58 -11.09 26.85
N VAL D 401 -6.80 -11.37 26.41
CA VAL D 401 -8.07 -10.81 26.95
C VAL D 401 -9.02 -11.97 27.23
N LYS D 402 -9.32 -12.22 28.50
CA LYS D 402 -10.29 -13.27 28.92
C LYS D 402 -11.69 -12.90 28.37
N GLU D 403 -12.41 -13.90 27.87
CA GLU D 403 -13.85 -13.76 27.51
C GLU D 403 -14.66 -13.77 28.80
N PRO D 404 -15.24 -12.62 29.21
CA PRO D 404 -16.05 -12.55 30.41
C PRO D 404 -17.41 -13.22 30.14
N ILE D 405 -18.03 -13.80 31.17
CA ILE D 405 -19.49 -14.12 31.18
C ILE D 405 -20.24 -12.81 31.37
N PRO D 406 -21.05 -12.36 30.38
CA PRO D 406 -21.84 -11.15 30.54
C PRO D 406 -22.78 -11.34 31.74
N ASN D 407 -22.81 -10.36 32.64
CA ASN D 407 -23.51 -10.49 33.95
C ASN D 407 -23.33 -9.19 34.73
N ARG D 408 -24.14 -9.00 35.76
CA ARG D 408 -23.83 -8.10 36.89
C ARG D 408 -22.80 -8.80 37.77
N TYR D 409 -21.92 -8.01 38.38
CA TYR D 409 -20.85 -8.45 39.31
C TYR D 409 -20.81 -7.48 40.48
N LYS D 410 -21.36 -7.92 41.61
CA LYS D 410 -21.71 -7.05 42.76
C LYS D 410 -20.43 -6.49 43.38
N TYR D 411 -19.51 -7.38 43.79
CA TYR D 411 -18.24 -7.03 44.48
C TYR D 411 -17.07 -7.45 43.60
N VAL D 412 -16.19 -6.50 43.28
CA VAL D 412 -15.02 -6.72 42.38
C VAL D 412 -13.80 -6.03 42.98
N MET D 413 -12.66 -6.73 42.98
CA MET D 413 -11.32 -6.16 43.29
C MET D 413 -10.37 -6.47 42.13
N SER D 414 -9.69 -5.45 41.61
CA SER D 414 -8.81 -5.56 40.43
C SER D 414 -7.34 -5.44 40.85
N PHE D 415 -6.45 -6.06 40.07
CA PHE D 415 -4.99 -6.04 40.27
C PHE D 415 -4.32 -5.81 38.92
N ASP D 416 -3.35 -4.90 38.88
CA ASP D 416 -2.60 -4.53 37.65
C ASP D 416 -1.10 -4.78 37.87
N LEU D 417 -0.45 -5.39 36.87
CA LEU D 417 1.01 -5.54 36.79
C LEU D 417 1.64 -4.17 36.53
N THR D 418 2.76 -3.88 37.21
CA THR D 418 3.52 -2.62 37.06
C THR D 418 4.36 -2.52 35.77
N SER D 419 4.04 -1.54 34.92
CA SER D 419 4.71 -1.28 33.62
C SER D 419 5.05 -2.53 32.81
N LEU D 420 4.06 -3.41 32.58
CA LEU D 420 4.24 -4.86 32.30
C LEU D 420 5.36 -5.06 31.27
N TYR D 421 5.27 -4.42 30.09
CA TYR D 421 6.11 -4.78 28.91
C TYR D 421 7.56 -4.35 29.17
N PRO D 422 7.81 -3.11 29.63
CA PRO D 422 9.15 -2.73 30.07
C PRO D 422 9.72 -3.69 31.12
N SER D 423 8.85 -4.23 31.99
CA SER D 423 9.23 -5.11 33.13
C SER D 423 9.60 -6.49 32.61
N ILE D 424 8.86 -6.99 31.62
CA ILE D 424 9.15 -8.28 30.92
C ILE D 424 10.49 -8.16 30.18
N ILE D 425 10.72 -7.04 29.51
CA ILE D 425 12.01 -6.75 28.81
C ILE D 425 13.16 -6.88 29.82
N ARG D 426 13.02 -6.25 30.99
CA ARG D 426 14.03 -6.28 32.07
C ARG D 426 14.10 -7.68 32.67
N GLN D 427 12.94 -8.27 32.98
CA GLN D 427 12.83 -9.60 33.64
C GLN D 427 13.56 -10.65 32.78
N VAL D 428 13.26 -10.70 31.49
CA VAL D 428 13.65 -11.83 30.59
C VAL D 428 14.91 -11.45 29.82
N ASN D 429 15.36 -10.19 29.99
CA ASN D 429 16.63 -9.65 29.43
C ASN D 429 16.60 -9.69 27.90
N ILE D 430 15.54 -9.14 27.31
CA ILE D 430 15.30 -9.22 25.83
C ILE D 430 16.01 -8.09 25.08
N SER D 431 16.89 -8.47 24.17
CA SER D 431 17.65 -7.51 23.33
C SER D 431 18.12 -8.29 22.10
N PRO D 432 18.37 -7.66 20.95
CA PRO D 432 18.89 -8.40 19.80
C PRO D 432 20.20 -9.15 20.07
N GLU D 433 21.06 -8.64 20.94
CA GLU D 433 22.42 -9.19 21.17
C GLU D 433 22.41 -10.26 22.29
N THR D 434 21.32 -10.36 23.05
CA THR D 434 21.18 -11.32 24.19
C THR D 434 20.43 -12.58 23.74
N ILE D 435 20.02 -12.66 22.48
CA ILE D 435 19.43 -13.90 21.88
C ILE D 435 20.51 -14.99 21.91
N ALA D 436 20.18 -16.14 22.50
CA ALA D 436 21.13 -17.20 22.88
C ALA D 436 20.74 -18.51 22.19
N GLY D 437 19.46 -18.64 21.86
CA GLY D 437 18.94 -19.76 21.05
C GLY D 437 17.45 -19.92 21.22
N THR D 438 16.94 -21.13 20.99
CA THR D 438 15.49 -21.47 20.99
C THR D 438 15.31 -22.85 21.64
N PHE D 439 14.08 -23.18 22.00
CA PHE D 439 13.75 -24.48 22.64
C PHE D 439 12.46 -25.06 22.07
N LYS D 440 12.14 -26.29 22.44
CA LYS D 440 10.89 -26.95 21.98
C LYS D 440 9.69 -26.29 22.64
N VAL D 441 8.70 -25.88 21.86
CA VAL D 441 7.57 -25.11 22.44
C VAL D 441 6.30 -25.92 22.69
N ALA D 442 6.05 -26.33 23.93
CA ALA D 442 4.74 -26.80 24.40
C ALA D 442 3.67 -25.78 24.03
N PRO D 443 2.38 -26.20 23.95
CA PRO D 443 1.26 -25.25 23.94
C PRO D 443 1.33 -24.29 25.14
N LEU D 444 0.93 -23.04 24.94
CA LEU D 444 1.02 -21.97 25.98
C LEU D 444 0.31 -22.46 27.25
N HIS D 445 -0.79 -23.19 27.08
CA HIS D 445 -1.66 -23.70 28.17
CA HIS D 445 -1.65 -23.66 28.19
C HIS D 445 -0.82 -24.55 29.13
N ASP D 446 0.16 -25.28 28.61
CA ASP D 446 1.00 -26.24 29.37
C ASP D 446 2.00 -25.44 30.22
N TYR D 447 2.45 -24.28 29.75
CA TYR D 447 3.32 -23.34 30.52
C TYR D 447 2.49 -22.63 31.60
N ILE D 448 1.27 -22.21 31.26
CA ILE D 448 0.30 -21.58 32.21
C ILE D 448 0.03 -22.58 33.36
N ASN D 449 -0.12 -23.86 33.04
CA ASN D 449 -0.52 -24.93 33.99
C ASN D 449 0.71 -25.59 34.63
N ALA D 450 1.92 -25.16 34.22
CA ALA D 450 3.23 -25.57 34.81
C ALA D 450 3.41 -27.09 34.69
N VAL D 451 2.92 -27.69 33.60
CA VAL D 451 3.05 -29.15 33.33
C VAL D 451 3.98 -29.36 32.12
N ALA D 452 4.22 -28.32 31.33
CA ALA D 452 5.32 -28.25 30.33
C ALA D 452 6.67 -28.36 31.05
N GLU D 453 7.67 -28.95 30.39
CA GLU D 453 9.03 -29.15 30.94
C GLU D 453 9.79 -27.82 30.89
N ARG D 454 10.72 -27.62 31.83
CA ARG D 454 11.43 -26.35 32.08
C ARG D 454 12.29 -26.01 30.86
N PRO D 455 11.97 -24.92 30.13
CA PRO D 455 12.67 -24.59 28.90
C PRO D 455 14.19 -24.81 28.98
N SER D 456 14.83 -24.28 30.03
CA SER D 456 16.32 -24.16 30.14
C SER D 456 16.74 -24.01 31.60
N ASP D 457 17.94 -24.49 31.94
CA ASP D 457 18.60 -24.26 33.26
C ASP D 457 19.66 -23.17 33.11
N VAL D 458 19.92 -22.69 31.89
CA VAL D 458 21.11 -21.87 31.54
C VAL D 458 20.67 -20.47 31.07
N TYR D 459 19.51 -20.37 30.40
CA TYR D 459 19.07 -19.13 29.70
C TYR D 459 17.71 -18.67 30.24
N SER D 460 17.49 -17.36 30.23
CA SER D 460 16.20 -16.68 30.54
C SER D 460 15.23 -16.85 29.36
N CYS D 461 14.06 -17.42 29.60
CA CYS D 461 13.14 -17.95 28.54
C CYS D 461 11.84 -17.14 28.48
N SER D 462 11.31 -16.96 27.28
CA SER D 462 9.87 -16.70 26.99
C SER D 462 9.26 -17.92 26.30
N PRO D 463 7.95 -18.20 26.53
CA PRO D 463 7.31 -19.42 26.04
C PRO D 463 6.82 -19.37 24.58
N ASN D 464 7.27 -18.36 23.81
CA ASN D 464 7.28 -18.39 22.32
C ASN D 464 8.52 -19.14 21.83
N GLY D 465 9.37 -19.58 22.77
CA GLY D 465 10.49 -20.51 22.49
C GLY D 465 11.84 -19.80 22.50
N MET D 466 11.88 -18.50 22.83
CA MET D 466 13.12 -17.67 22.80
C MET D 466 13.90 -17.84 24.11
N MET D 467 15.23 -17.83 24.03
CA MET D 467 16.18 -18.01 25.17
C MET D 467 17.23 -16.90 25.12
N TYR D 468 17.55 -16.31 26.28
CA TYR D 468 18.41 -15.11 26.40
C TYR D 468 19.50 -15.37 27.45
N TYR D 469 20.70 -14.87 27.16
CA TYR D 469 21.87 -14.86 28.10
C TYR D 469 21.44 -14.18 29.40
N LYS D 470 21.73 -14.82 30.53
CA LYS D 470 21.57 -14.26 31.90
C LYS D 470 22.89 -13.62 32.34
N ASP D 471 24.00 -14.00 31.70
CA ASP D 471 25.38 -13.68 32.15
C ASP D 471 25.81 -12.32 31.58
N ARG D 472 24.90 -11.59 30.94
CA ARG D 472 25.10 -10.19 30.48
C ARG D 472 23.78 -9.41 30.53
N ASP D 473 23.87 -8.09 30.66
CA ASP D 473 22.73 -7.14 30.58
C ASP D 473 22.51 -6.72 29.12
N GLY D 474 21.29 -6.86 28.62
CA GLY D 474 20.88 -6.37 27.29
C GLY D 474 21.03 -4.87 27.18
N VAL D 475 21.36 -4.37 25.98
CA VAL D 475 21.41 -2.91 25.67
C VAL D 475 20.04 -2.30 26.02
N VAL D 476 18.96 -2.98 25.62
CA VAL D 476 17.56 -2.46 25.71
C VAL D 476 17.15 -2.48 27.18
N PRO D 477 17.19 -3.66 27.84
CA PRO D 477 16.98 -3.73 29.28
C PRO D 477 17.73 -2.62 30.05
N THR D 478 19.04 -2.58 29.89
CA THR D 478 19.93 -1.58 30.54
C THR D 478 19.33 -0.20 30.38
N GLU D 479 19.03 0.20 29.13
CA GLU D 479 18.58 1.57 28.79
C GLU D 479 17.24 1.84 29.48
N ILE D 480 16.34 0.86 29.49
CA ILE D 480 14.97 1.05 30.06
C ILE D 480 15.12 1.20 31.59
N THR D 481 15.96 0.38 32.20
CA THR D 481 16.25 0.39 33.65
C THR D 481 16.77 1.77 34.07
N LYS D 482 17.60 2.41 33.23
CA LYS D 482 18.24 3.72 33.53
C LYS D 482 17.18 4.83 33.48
N VAL D 483 16.24 4.75 32.53
CA VAL D 483 15.16 5.77 32.38
C VAL D 483 14.12 5.56 33.49
N PHE D 484 13.79 4.31 33.82
CA PHE D 484 13.07 3.95 35.07
C PHE D 484 13.76 4.63 36.27
N ASN D 485 15.01 4.27 36.54
CA ASN D 485 15.81 4.78 37.69
C ASN D 485 15.79 6.31 37.68
N GLN D 486 15.79 6.93 36.49
CA GLN D 486 15.88 8.41 36.32
C GLN D 486 14.52 9.03 36.63
N ARG D 487 13.44 8.29 36.38
CA ARG D 487 12.06 8.73 36.72
C ARG D 487 11.96 8.91 38.24
N LYS D 488 12.26 7.84 38.99
CA LYS D 488 12.39 7.87 40.47
C LYS D 488 13.27 9.05 40.88
N GLU D 489 14.49 9.11 40.31
CA GLU D 489 15.48 10.20 40.55
C GLU D 489 14.76 11.55 40.55
N HIS D 490 14.00 11.85 39.48
CA HIS D 490 13.52 13.21 39.12
C HIS D 490 12.19 13.52 39.84
N LYS D 491 11.51 12.48 40.33
CA LYS D 491 10.27 12.63 41.16
C LYS D 491 10.68 12.91 42.61
N GLY D 492 11.73 12.25 43.09
CA GLY D 492 12.44 12.63 44.33
C GLY D 492 12.78 14.11 44.34
N TYR D 493 13.48 14.59 43.31
CA TYR D 493 13.88 16.00 43.15
C TYR D 493 12.64 16.90 43.21
N MET D 494 11.56 16.49 42.54
CA MET D 494 10.31 17.29 42.39
C MET D 494 9.64 17.45 43.76
N LEU D 495 9.75 16.42 44.61
CA LEU D 495 9.04 16.34 45.92
C LEU D 495 9.89 17.06 46.98
N ALA D 496 11.21 16.91 46.92
CA ALA D 496 12.19 17.61 47.77
C ALA D 496 12.07 19.13 47.56
N ALA D 497 11.80 19.54 46.32
CA ALA D 497 11.64 20.96 45.91
C ALA D 497 10.25 21.46 46.33
N GLN D 498 9.27 20.56 46.38
CA GLN D 498 7.90 20.80 46.92
C GLN D 498 7.99 21.04 48.42
N ARG D 499 8.71 20.16 49.14
CA ARG D 499 8.87 20.19 50.62
C ARG D 499 9.71 21.41 51.02
N ASN D 500 10.69 21.79 50.18
CA ASN D 500 11.59 22.95 50.39
C ASN D 500 10.81 24.25 50.16
N GLY D 501 9.77 24.20 49.32
CA GLY D 501 8.97 25.38 48.91
C GLY D 501 7.85 25.68 49.90
N GLU D 502 7.58 24.75 50.82
CA GLU D 502 6.62 24.94 51.95
C GLU D 502 7.39 25.43 53.19
N ILE D 503 8.70 25.17 53.24
CA ILE D 503 9.64 25.74 54.25
C ILE D 503 9.76 27.26 54.03
N ILE D 504 10.26 27.66 52.86
CA ILE D 504 10.45 29.09 52.44
C ILE D 504 9.13 29.83 52.65
N LYS D 505 8.00 29.15 52.48
CA LYS D 505 6.64 29.75 52.54
C LYS D 505 6.11 29.68 53.98
N GLU D 506 6.88 29.09 54.89
CA GLU D 506 6.66 29.16 56.36
C GLU D 506 7.80 29.97 57.00
N ALA D 507 8.67 30.56 56.17
CA ALA D 507 9.68 31.57 56.57
C ALA D 507 9.25 32.95 56.07
N LEU D 508 8.29 33.00 55.16
CA LEU D 508 7.64 34.25 54.66
C LEU D 508 6.59 34.71 55.67
N HIS D 509 6.36 33.90 56.71
CA HIS D 509 5.25 34.24 57.65
C HIS D 509 5.47 35.65 58.19
N ASN D 510 6.51 35.85 58.98
CA ASN D 510 6.82 37.24 59.43
C ASN D 510 8.28 37.51 59.08
N PRO D 511 8.59 37.80 57.80
CA PRO D 511 9.96 37.76 57.33
C PRO D 511 10.80 38.79 58.08
N ASN D 512 11.99 38.39 58.52
CA ASN D 512 12.90 39.36 59.18
C ASN D 512 13.06 40.52 58.21
N LEU D 513 12.61 41.72 58.61
CA LEU D 513 12.70 42.91 57.72
C LEU D 513 14.20 43.21 57.60
N SER D 514 14.83 42.81 56.49
CA SER D 514 16.31 42.96 56.41
C SER D 514 16.79 43.20 54.97
N VAL D 515 18.11 43.33 54.79
CA VAL D 515 18.71 43.47 53.43
C VAL D 515 19.67 42.29 53.19
N ASP D 516 19.14 41.18 52.67
CA ASP D 516 19.95 39.96 52.42
C ASP D 516 19.85 39.56 50.96
N GLU D 517 20.44 38.41 50.61
CA GLU D 517 20.37 37.93 49.21
C GLU D 517 20.05 36.43 49.20
N PRO D 518 19.30 35.89 48.21
CA PRO D 518 18.92 34.47 48.21
C PRO D 518 20.13 33.54 48.32
N LEU D 519 20.11 32.63 49.31
CA LEU D 519 21.13 31.56 49.51
C LEU D 519 21.35 30.83 48.18
N ASP D 520 22.59 30.42 47.91
CA ASP D 520 23.00 29.65 46.70
C ASP D 520 22.85 28.15 47.01
N VAL D 521 21.61 27.63 47.04
CA VAL D 521 21.26 26.28 47.52
C VAL D 521 20.79 25.41 46.35
N ASP D 522 20.85 24.08 46.51
CA ASP D 522 20.27 23.08 45.59
C ASP D 522 18.90 22.64 46.13
N TYR D 523 17.83 22.88 45.37
CA TYR D 523 16.41 22.73 45.79
C TYR D 523 15.94 21.29 45.59
N ARG D 524 16.75 20.47 44.92
CA ARG D 524 16.40 19.08 44.49
C ARG D 524 16.59 18.11 45.66
N PHE D 525 17.11 18.62 46.79
CA PHE D 525 17.40 17.84 48.03
C PHE D 525 16.80 18.59 49.23
N ASP D 526 16.37 17.85 50.25
CA ASP D 526 15.82 18.40 51.52
C ASP D 526 16.88 19.29 52.18
N PHE D 527 16.53 20.55 52.48
CA PHE D 527 17.42 21.58 53.08
C PHE D 527 18.04 21.02 54.38
N SER D 528 19.37 21.10 54.49
CA SER D 528 20.13 20.86 55.75
C SER D 528 19.66 21.84 56.83
N ASP D 529 19.75 21.43 58.10
CA ASP D 529 19.20 22.19 59.26
C ASP D 529 19.92 23.55 59.35
N GLU D 530 21.14 23.62 58.83
CA GLU D 530 21.94 24.88 58.66
C GLU D 530 21.14 25.86 57.79
N ILE D 531 20.66 25.40 56.63
CA ILE D 531 19.96 26.22 55.59
C ILE D 531 18.59 26.64 56.15
N LYS D 532 17.95 25.73 56.90
CA LYS D 532 16.60 25.94 57.50
C LYS D 532 16.67 27.12 58.49
N GLU D 533 17.75 27.21 59.26
CA GLU D 533 18.04 28.31 60.21
C GLU D 533 18.29 29.61 59.43
N LYS D 534 19.23 29.58 58.48
CA LYS D 534 19.68 30.77 57.71
CA LYS D 534 19.68 30.76 57.70
C LYS D 534 18.51 31.31 56.87
N ILE D 535 17.48 30.48 56.66
CA ILE D 535 16.34 30.76 55.74
C ILE D 535 15.32 31.66 56.45
N LYS D 536 15.28 31.56 57.78
CA LYS D 536 14.32 32.35 58.57
C LYS D 536 14.85 33.77 58.71
N LYS D 537 16.18 33.93 58.75
CA LYS D 537 16.81 35.27 58.91
C LYS D 537 16.98 35.84 57.49
N LEU D 538 15.92 35.78 56.66
CA LEU D 538 15.94 36.42 55.32
C LEU D 538 14.77 37.39 55.16
N SER D 539 14.89 38.32 54.21
CA SER D 539 13.84 39.33 53.90
C SER D 539 12.69 38.68 53.13
N ALA D 540 11.61 39.43 52.89
CA ALA D 540 10.49 39.05 52.00
C ALA D 540 11.00 38.87 50.57
N LYS D 541 11.69 39.90 50.03
CA LYS D 541 12.27 39.90 48.67
C LYS D 541 13.01 38.58 48.42
N SER D 542 13.95 38.22 49.31
CA SER D 542 14.99 37.19 49.10
C SER D 542 14.39 35.79 49.34
N LEU D 543 13.34 35.71 50.15
CA LEU D 543 12.52 34.48 50.33
C LEU D 543 11.73 34.20 49.04
N ASN D 544 11.04 35.22 48.52
CA ASN D 544 10.06 35.11 47.40
C ASN D 544 10.79 34.71 46.11
N GLU D 545 12.04 35.14 45.96
CA GLU D 545 12.96 34.71 44.87
C GLU D 545 13.36 33.24 45.08
N MET D 546 13.56 32.83 46.34
CA MET D 546 13.97 31.45 46.73
C MET D 546 12.83 30.47 46.47
N LEU D 547 11.59 30.99 46.44
CA LEU D 547 10.35 30.20 46.24
C LEU D 547 10.05 30.07 44.74
N PHE D 548 10.31 31.13 43.98
CA PHE D 548 10.26 31.12 42.48
C PHE D 548 11.20 30.04 41.95
N ARG D 549 12.36 29.87 42.60
CA ARG D 549 13.41 28.88 42.24
C ARG D 549 13.03 27.50 42.77
N ALA D 550 12.44 27.45 43.97
CA ALA D 550 11.83 26.23 44.56
C ALA D 550 10.88 25.60 43.53
N GLN D 551 9.98 26.41 42.98
CA GLN D 551 8.80 25.95 42.19
C GLN D 551 9.25 25.57 40.77
N ARG D 552 10.15 26.36 40.18
CA ARG D 552 10.76 26.07 38.86
C ARG D 552 11.56 24.75 38.95
N THR D 553 12.04 24.41 40.16
CA THR D 553 12.72 23.13 40.45
C THR D 553 11.69 22.01 40.54
N GLU D 554 10.46 22.35 40.95
CA GLU D 554 9.31 21.40 41.05
C GLU D 554 8.79 21.11 39.63
N VAL D 555 8.48 22.17 38.87
CA VAL D 555 7.93 22.09 37.48
C VAL D 555 8.92 21.28 36.62
N ALA D 556 10.22 21.56 36.75
CA ALA D 556 11.31 20.90 36.00
C ALA D 556 11.39 19.43 36.40
N GLY D 557 11.20 19.12 37.69
CA GLY D 557 11.17 17.76 38.22
C GLY D 557 10.03 16.95 37.62
N MET D 558 8.85 17.58 37.52
CA MET D 558 7.61 16.95 36.97
C MET D 558 7.77 16.74 35.48
N THR D 559 8.03 17.83 34.73
CA THR D 559 8.30 17.80 33.27
C THR D 559 9.20 16.59 32.97
N ALA D 560 10.26 16.42 33.77
CA ALA D 560 11.35 15.45 33.51
C ALA D 560 10.84 14.03 33.75
N GLN D 561 10.02 13.83 34.80
CA GLN D 561 9.55 12.49 35.22
C GLN D 561 8.40 12.04 34.33
N ILE D 562 7.56 12.98 33.87
CA ILE D 562 6.52 12.73 32.82
C ILE D 562 7.25 12.30 31.53
N ASN D 563 8.23 13.10 31.10
CA ASN D 563 9.19 12.78 30.03
C ASN D 563 9.60 11.30 30.12
N ARG D 564 10.12 10.87 31.27
CA ARG D 564 10.72 9.53 31.44
C ARG D 564 9.62 8.48 31.30
N LYS D 565 8.43 8.76 31.84
CA LYS D 565 7.26 7.85 31.85
C LYS D 565 6.81 7.61 30.40
N LEU D 566 6.69 8.67 29.61
CA LEU D 566 6.31 8.60 28.18
C LEU D 566 7.32 7.74 27.43
N LEU D 567 8.62 7.92 27.71
CA LEU D 567 9.73 7.13 27.09
C LEU D 567 9.58 5.65 27.47
N ILE D 568 9.35 5.36 28.76
CA ILE D 568 9.20 3.96 29.26
C ILE D 568 8.05 3.27 28.51
N ASN D 569 6.92 3.97 28.36
CA ASN D 569 5.67 3.42 27.75
C ASN D 569 5.79 3.42 26.22
N SER D 570 6.68 4.28 25.68
CA SER D 570 6.95 4.45 24.23
C SER D 570 7.71 3.23 23.69
N LEU D 571 8.62 2.67 24.48
CA LEU D 571 9.75 1.85 23.97
C LEU D 571 9.20 0.59 23.29
N TYR D 572 8.21 -0.08 23.91
CA TYR D 572 7.64 -1.35 23.39
C TYR D 572 7.13 -1.14 21.96
N GLY D 573 6.40 -0.03 21.74
CA GLY D 573 5.97 0.43 20.42
C GLY D 573 7.09 0.37 19.40
N ALA D 574 8.19 1.10 19.66
CA ALA D 574 9.40 1.12 18.81
C ALA D 574 9.85 -0.31 18.53
N LEU D 575 9.87 -1.18 19.56
CA LEU D 575 10.36 -2.58 19.46
C LEU D 575 9.48 -3.39 18.51
N GLY D 576 8.28 -2.90 18.21
CA GLY D 576 7.28 -3.61 17.39
C GLY D 576 7.23 -3.06 15.98
N ASN D 577 8.13 -2.12 15.64
CA ASN D 577 8.10 -1.29 14.42
C ASN D 577 9.37 -1.54 13.60
N VAL D 578 9.21 -1.88 12.31
CA VAL D 578 10.28 -2.50 11.46
C VAL D 578 11.41 -1.47 11.28
N TRP D 579 11.08 -0.18 11.36
CA TRP D 579 12.02 0.94 11.10
C TRP D 579 12.93 1.18 12.31
N PHE D 580 12.70 0.45 13.41
CA PHE D 580 13.51 0.58 14.66
C PHE D 580 14.79 -0.25 14.52
N ARG D 581 15.93 0.40 14.69
CA ARG D 581 17.28 -0.24 14.63
C ARG D 581 17.26 -1.56 15.41
N TYR D 582 16.58 -1.61 16.55
CA TYR D 582 16.66 -2.73 17.54
C TYR D 582 15.40 -3.60 17.43
N TYR D 583 14.60 -3.38 16.40
CA TYR D 583 13.48 -4.29 16.00
C TYR D 583 14.02 -5.71 15.86
N ASP D 584 13.35 -6.65 16.50
CA ASP D 584 13.42 -8.10 16.16
C ASP D 584 12.04 -8.71 16.41
N LEU D 585 11.54 -9.47 15.45
CA LEU D 585 10.17 -10.03 15.45
C LEU D 585 10.03 -10.99 16.63
N ARG D 586 11.00 -11.90 16.77
CA ARG D 586 10.99 -12.95 17.82
C ARG D 586 11.04 -12.28 19.19
N ASN D 587 11.73 -11.14 19.29
CA ASN D 587 11.85 -10.34 20.54
C ASN D 587 10.48 -9.71 20.88
N ALA D 588 9.82 -9.11 19.88
CA ALA D 588 8.45 -8.56 20.01
C ALA D 588 7.51 -9.63 20.58
N THR D 589 7.49 -10.83 20.00
CA THR D 589 6.46 -11.86 20.31
C THR D 589 6.87 -12.67 21.54
N ALA D 590 8.14 -12.56 21.96
CA ALA D 590 8.64 -13.05 23.27
C ALA D 590 8.06 -12.17 24.38
N ILE D 591 8.13 -10.86 24.21
CA ILE D 591 7.51 -9.88 25.15
C ILE D 591 6.03 -10.25 25.34
N THR D 592 5.25 -10.33 24.25
CA THR D 592 3.76 -10.39 24.32
C THR D 592 3.30 -11.79 24.77
N THR D 593 3.94 -12.86 24.32
CA THR D 593 3.56 -14.25 24.71
C THR D 593 3.92 -14.45 26.18
N PHE D 594 5.01 -13.84 26.64
CA PHE D 594 5.37 -13.86 28.09
C PHE D 594 4.26 -13.20 28.90
N GLY D 595 3.80 -12.03 28.45
CA GLY D 595 2.64 -11.31 29.02
C GLY D 595 1.39 -12.19 29.08
N GLN D 596 1.08 -12.91 28.01
CA GLN D 596 -0.08 -13.83 27.97
C GLN D 596 0.08 -14.85 29.10
N MET D 597 1.25 -15.47 29.19
CA MET D 597 1.54 -16.51 30.22
C MET D 597 1.33 -15.89 31.59
N ALA D 598 1.99 -14.76 31.85
CA ALA D 598 2.04 -14.12 33.18
C ALA D 598 0.61 -13.88 33.68
N LEU D 599 -0.24 -13.27 32.85
CA LEU D 599 -1.65 -12.96 33.22
C LEU D 599 -2.38 -14.25 33.53
N GLN D 600 -2.21 -15.29 32.72
CA GLN D 600 -3.02 -16.53 32.79
C GLN D 600 -2.42 -17.45 33.86
N TRP D 601 -1.09 -17.41 34.02
CA TRP D 601 -0.38 -17.98 35.19
C TRP D 601 -1.03 -17.47 36.48
N ILE D 602 -1.11 -16.15 36.65
CA ILE D 602 -1.49 -15.53 37.95
C ILE D 602 -3.01 -15.62 38.14
N GLU D 603 -3.77 -15.71 37.04
CA GLU D 603 -5.21 -16.10 37.08
C GLU D 603 -5.35 -17.45 37.79
N ARG D 604 -4.62 -18.48 37.32
CA ARG D 604 -4.61 -19.84 37.92
C ARG D 604 -4.25 -19.73 39.41
N LYS D 605 -3.17 -19.00 39.70
CA LYS D 605 -2.61 -18.87 41.08
C LYS D 605 -3.68 -18.25 42.00
N VAL D 606 -4.33 -17.19 41.55
CA VAL D 606 -5.34 -16.43 42.36
C VAL D 606 -6.56 -17.32 42.57
N ASN D 607 -7.06 -17.97 41.52
CA ASN D 607 -8.21 -18.92 41.63
C ASN D 607 -7.86 -19.97 42.68
N GLU D 608 -6.64 -20.51 42.63
CA GLU D 608 -6.21 -21.63 43.50
C GLU D 608 -6.25 -21.17 44.96
N TYR D 609 -5.71 -19.99 45.23
CA TYR D 609 -5.51 -19.44 46.59
C TYR D 609 -6.86 -19.09 47.23
N LEU D 610 -7.76 -18.48 46.45
CA LEU D 610 -9.09 -18.04 46.94
C LEU D 610 -9.96 -19.26 47.24
N ASN D 611 -9.91 -20.28 46.39
CA ASN D 611 -10.57 -21.60 46.62
C ASN D 611 -10.09 -22.21 47.94
N GLU D 612 -8.78 -22.18 48.21
CA GLU D 612 -8.17 -22.73 49.44
C GLU D 612 -8.64 -21.91 50.65
N VAL D 613 -8.70 -20.58 50.51
CA VAL D 613 -9.01 -19.62 51.60
C VAL D 613 -10.50 -19.71 51.97
N CYS D 614 -11.35 -20.01 50.99
CA CYS D 614 -12.83 -19.99 51.12
C CYS D 614 -13.35 -21.42 51.35
N GLY D 615 -12.47 -22.41 51.32
CA GLY D 615 -12.82 -23.84 51.42
C GLY D 615 -13.80 -24.26 50.34
N THR D 616 -13.50 -23.90 49.09
CA THR D 616 -14.22 -24.34 47.87
C THR D 616 -13.21 -24.97 46.90
N GLU D 617 -13.70 -25.58 45.82
CA GLU D 617 -12.87 -26.20 44.74
C GLU D 617 -13.37 -25.72 43.38
N GLY D 618 -12.45 -25.28 42.52
CA GLY D 618 -12.69 -25.03 41.08
C GLY D 618 -13.80 -24.01 40.85
N GLU D 619 -14.05 -23.15 41.85
CA GLU D 619 -14.82 -21.88 41.69
C GLU D 619 -13.96 -20.89 40.90
N ALA D 620 -14.55 -20.23 39.89
CA ALA D 620 -13.96 -19.11 39.14
C ALA D 620 -14.08 -17.82 39.97
N PHE D 621 -12.97 -17.31 40.48
CA PHE D 621 -12.90 -16.01 41.21
C PHE D 621 -12.51 -14.92 40.22
N VAL D 622 -11.55 -15.19 39.34
CA VAL D 622 -11.11 -14.23 38.28
C VAL D 622 -12.16 -14.25 37.16
N LEU D 623 -12.87 -13.13 36.97
CA LEU D 623 -14.04 -13.06 36.06
C LEU D 623 -13.59 -12.50 34.71
N TYR D 624 -12.43 -11.84 34.67
CA TYR D 624 -11.96 -11.05 33.51
C TYR D 624 -10.49 -10.68 33.71
N GLY D 625 -9.78 -10.50 32.60
CA GLY D 625 -8.50 -9.77 32.57
C GLY D 625 -8.16 -9.32 31.18
N ASP D 626 -7.31 -8.29 31.07
CA ASP D 626 -6.94 -7.69 29.78
C ASP D 626 -5.49 -7.19 29.89
N THR D 627 -4.58 -7.89 29.21
CA THR D 627 -3.15 -7.50 29.01
C THR D 627 -2.32 -7.53 30.30
N ASP D 628 -2.71 -6.76 31.32
CA ASP D 628 -1.88 -6.61 32.55
C ASP D 628 -2.77 -6.62 33.81
N SER D 629 -4.05 -6.97 33.68
CA SER D 629 -5.08 -6.79 34.74
C SER D 629 -5.85 -8.09 34.98
N ILE D 630 -6.17 -8.39 36.24
CA ILE D 630 -7.23 -9.37 36.61
C ILE D 630 -8.30 -8.65 37.44
N TYR D 631 -9.56 -9.05 37.24
CA TYR D 631 -10.75 -8.58 37.99
C TYR D 631 -11.32 -9.77 38.74
N VAL D 632 -11.33 -9.67 40.07
CA VAL D 632 -11.65 -10.79 41.00
C VAL D 632 -13.02 -10.52 41.62
N SER D 633 -13.94 -11.47 41.47
CA SER D 633 -15.26 -11.48 42.15
C SER D 633 -15.02 -11.68 43.65
N ALA D 634 -15.42 -10.69 44.47
CA ALA D 634 -15.15 -10.67 45.92
C ALA D 634 -16.41 -11.11 46.69
N ASP D 635 -17.45 -11.55 45.97
CA ASP D 635 -18.76 -11.88 46.57
C ASP D 635 -18.58 -12.89 47.72
N LYS D 636 -17.79 -13.92 47.49
CA LYS D 636 -17.68 -15.07 48.41
C LYS D 636 -16.86 -14.63 49.63
N ILE D 637 -15.90 -13.72 49.40
CA ILE D 637 -15.07 -13.11 50.49
C ILE D 637 -15.99 -12.29 51.39
N ILE D 638 -16.85 -11.48 50.80
CA ILE D 638 -17.83 -10.65 51.55
C ILE D 638 -18.79 -11.58 52.29
N ASP D 639 -19.09 -12.77 51.76
CA ASP D 639 -20.10 -13.70 52.34
C ASP D 639 -19.55 -14.48 53.53
N LYS D 640 -18.23 -14.55 53.70
CA LYS D 640 -17.62 -15.21 54.89
C LYS D 640 -18.09 -14.44 56.11
N VAL D 641 -17.95 -13.13 56.08
CA VAL D 641 -18.57 -12.28 57.13
C VAL D 641 -19.95 -12.02 56.54
N GLY D 642 -20.95 -11.67 57.30
CA GLY D 642 -22.22 -11.43 56.58
C GLY D 642 -22.28 -10.06 55.93
N GLU D 643 -22.87 -9.95 54.74
CA GLU D 643 -23.16 -8.59 54.19
C GLU D 643 -23.76 -7.73 55.31
N SER D 644 -24.64 -8.32 56.11
CA SER D 644 -25.47 -7.62 57.13
C SER D 644 -24.60 -7.19 58.33
N LYS D 645 -23.40 -7.76 58.44
CA LYS D 645 -22.50 -7.61 59.64
C LYS D 645 -21.73 -6.28 59.53
N PHE D 646 -21.76 -5.63 58.37
CA PHE D 646 -21.00 -4.38 58.08
C PHE D 646 -21.83 -3.17 58.52
N ARG D 647 -21.16 -2.16 59.08
CA ARG D 647 -21.75 -0.88 59.57
C ARG D 647 -22.17 -0.04 58.36
N ASP D 648 -21.30 0.04 57.36
CA ASP D 648 -21.38 1.03 56.25
C ASP D 648 -20.49 0.54 55.11
N THR D 649 -20.52 1.23 53.97
CA THR D 649 -19.79 0.85 52.74
C THR D 649 -18.30 0.83 53.04
N ASN D 650 -17.81 1.83 53.78
CA ASN D 650 -16.37 2.00 54.12
C ASN D 650 -15.87 0.76 54.88
N HIS D 651 -16.73 0.14 55.68
CA HIS D 651 -16.40 -1.05 56.50
C HIS D 651 -15.99 -2.21 55.58
N TRP D 652 -16.82 -2.57 54.60
CA TRP D 652 -16.52 -3.73 53.70
C TRP D 652 -15.39 -3.35 52.72
N VAL D 653 -15.24 -2.06 52.42
CA VAL D 653 -14.13 -1.56 51.56
C VAL D 653 -12.81 -1.74 52.33
N ASP D 654 -12.76 -1.26 53.57
CA ASP D 654 -11.66 -1.51 54.53
C ASP D 654 -11.34 -3.01 54.54
N PHE D 655 -12.37 -3.85 54.64
CA PHE D 655 -12.23 -5.33 54.77
C PHE D 655 -11.50 -5.90 53.54
N LEU D 656 -11.89 -5.47 52.34
CA LEU D 656 -11.32 -5.99 51.06
C LEU D 656 -9.92 -5.39 50.86
N ASP D 657 -9.71 -4.13 51.25
CA ASP D 657 -8.38 -3.47 51.21
C ASP D 657 -7.41 -4.29 52.06
N LYS D 658 -7.84 -4.68 53.26
CA LYS D 658 -7.05 -5.46 54.24
C LYS D 658 -6.72 -6.84 53.63
N PHE D 659 -7.70 -7.48 52.98
CA PHE D 659 -7.60 -8.88 52.51
C PHE D 659 -6.66 -8.96 51.29
N ALA D 660 -6.80 -8.01 50.35
CA ALA D 660 -5.91 -7.91 49.17
C ALA D 660 -4.46 -7.79 49.64
N ARG D 661 -4.19 -6.88 50.58
CA ARG D 661 -2.81 -6.42 50.90
C ARG D 661 -2.10 -7.51 51.73
N GLU D 662 -2.84 -8.16 52.63
CA GLU D 662 -2.29 -9.03 53.71
C GLU D 662 -2.33 -10.50 53.25
N ARG D 663 -3.31 -10.86 52.41
CA ARG D 663 -3.56 -12.27 52.02
CA ARG D 663 -3.56 -12.28 52.02
C ARG D 663 -3.19 -12.46 50.54
N MET D 664 -3.76 -11.67 49.63
CA MET D 664 -3.79 -12.00 48.19
C MET D 664 -2.47 -11.58 47.53
N GLU D 665 -1.93 -10.43 47.91
CA GLU D 665 -0.66 -9.91 47.31
C GLU D 665 0.53 -10.82 47.65
N PRO D 666 0.77 -11.27 48.90
CA PRO D 666 1.84 -12.25 49.16
C PRO D 666 1.66 -13.47 48.28
N ALA D 667 0.45 -14.03 48.25
CA ALA D 667 0.09 -15.18 47.40
C ALA D 667 0.44 -14.89 45.93
N ILE D 668 0.29 -13.64 45.48
CA ILE D 668 0.59 -13.24 44.08
C ILE D 668 2.12 -13.17 43.90
N ASP D 669 2.84 -12.53 44.82
CA ASP D 669 4.32 -12.42 44.76
C ASP D 669 4.91 -13.84 44.67
N ARG D 670 4.39 -14.78 45.48
CA ARG D 670 4.82 -16.20 45.50
C ARG D 670 4.58 -16.84 44.13
N GLY D 671 3.37 -16.68 43.59
CA GLY D 671 3.01 -17.11 42.21
C GLY D 671 4.07 -16.69 41.21
N PHE D 672 4.38 -15.38 41.15
CA PHE D 672 5.21 -14.77 40.10
C PHE D 672 6.67 -15.18 40.30
N ARG D 673 7.08 -15.44 41.55
CA ARG D 673 8.43 -15.92 41.91
C ARG D 673 8.64 -17.34 41.36
N GLU D 674 7.68 -18.23 41.58
CA GLU D 674 7.66 -19.59 40.98
C GLU D 674 7.81 -19.48 39.46
N MET D 675 7.04 -18.58 38.83
CA MET D 675 7.06 -18.38 37.36
C MET D 675 8.47 -17.96 36.91
N CYS D 676 9.10 -17.02 37.63
CA CYS D 676 10.46 -16.51 37.34
C CYS D 676 11.44 -17.68 37.28
N GLU D 677 11.38 -18.59 38.25
CA GLU D 677 12.28 -19.78 38.33
CA GLU D 677 12.29 -19.76 38.32
C GLU D 677 11.99 -20.68 37.13
N TYR D 678 10.72 -20.89 36.83
CA TYR D 678 10.22 -21.82 35.77
C TYR D 678 10.85 -21.42 34.43
N MET D 679 10.88 -20.11 34.15
CA MET D 679 11.39 -19.54 32.87
C MET D 679 12.85 -19.12 33.04
N ASN D 680 13.38 -19.29 34.26
CA ASN D 680 14.82 -19.11 34.60
C ASN D 680 15.24 -17.68 34.27
N ASN D 681 14.42 -16.70 34.66
CA ASN D 681 14.54 -15.29 34.23
C ASN D 681 15.65 -14.61 35.04
N LYS D 682 16.21 -13.52 34.52
CA LYS D 682 17.38 -12.83 35.11
C LYS D 682 16.98 -12.13 36.42
N GLN D 683 15.79 -11.53 36.49
CA GLN D 683 15.24 -10.96 37.74
C GLN D 683 13.71 -11.02 37.73
N HIS D 684 13.12 -11.04 38.92
CA HIS D 684 11.66 -11.08 39.15
C HIS D 684 11.15 -9.64 39.24
N LEU D 685 10.28 -9.25 38.30
CA LEU D 685 9.79 -7.86 38.14
C LEU D 685 8.29 -7.87 37.81
N MET D 686 7.64 -9.03 37.94
CA MET D 686 6.17 -9.15 37.82
C MET D 686 5.53 -8.78 39.18
N PHE D 687 5.31 -7.48 39.38
CA PHE D 687 4.72 -6.89 40.60
C PHE D 687 3.29 -6.41 40.29
N MET D 688 2.33 -6.85 41.12
CA MET D 688 0.87 -6.67 40.85
C MET D 688 0.22 -5.93 42.02
N ASP D 689 0.03 -4.60 41.86
CA ASP D 689 -0.68 -3.72 42.83
C ASP D 689 -2.19 -3.96 42.72
N ARG D 690 -2.89 -3.98 43.87
CA ARG D 690 -4.37 -3.82 43.94
C ARG D 690 -4.77 -2.46 43.38
N GLU D 691 -5.72 -2.44 42.45
CA GLU D 691 -6.22 -1.20 41.81
C GLU D 691 -7.59 -0.65 42.25
N ALA D 692 -8.68 -1.29 41.83
CA ALA D 692 -10.06 -0.87 42.16
C ALA D 692 -10.65 -1.80 43.24
N ILE D 693 -11.37 -1.23 44.20
CA ILE D 693 -12.45 -1.92 44.98
C ILE D 693 -13.80 -1.33 44.55
N ALA D 694 -14.67 -2.19 44.04
CA ALA D 694 -15.97 -1.78 43.44
C ALA D 694 -17.11 -2.59 44.09
N GLY D 695 -18.24 -1.92 44.32
CA GLY D 695 -19.49 -2.57 44.72
C GLY D 695 -20.60 -1.53 44.84
N PRO D 696 -21.85 -1.96 45.16
CA PRO D 696 -22.95 -1.04 45.43
C PRO D 696 -22.82 -0.43 46.82
N PRO D 697 -23.45 0.74 47.06
CA PRO D 697 -23.63 1.25 48.43
C PRO D 697 -24.33 0.20 49.30
N LEU D 698 -23.83 -0.04 50.52
CA LEU D 698 -24.40 -1.07 51.42
C LEU D 698 -25.88 -0.76 51.62
N GLY D 699 -26.75 -1.76 51.47
CA GLY D 699 -28.19 -1.66 51.77
C GLY D 699 -28.98 -1.09 50.60
N SER D 700 -28.29 -0.71 49.51
CA SER D 700 -28.89 -0.22 48.24
C SER D 700 -29.34 -1.41 47.39
N LYS D 701 -30.02 -1.14 46.27
CA LYS D 701 -30.37 -2.16 45.23
C LYS D 701 -29.42 -2.02 44.03
N GLY D 702 -28.35 -1.24 44.16
CA GLY D 702 -27.27 -1.17 43.16
C GLY D 702 -26.67 -2.54 42.86
N ILE D 703 -26.24 -2.76 41.61
CA ILE D 703 -25.66 -4.06 41.15
C ILE D 703 -24.13 -4.01 41.21
N GLY D 704 -23.55 -2.84 41.46
CA GLY D 704 -22.10 -2.65 41.69
C GLY D 704 -21.31 -2.53 40.40
N GLY D 705 -21.54 -3.43 39.46
CA GLY D 705 -20.81 -3.47 38.17
C GLY D 705 -21.46 -4.43 37.18
N PHE D 706 -20.99 -4.42 35.94
CA PHE D 706 -21.40 -5.39 34.90
C PHE D 706 -20.36 -5.42 33.78
N TRP D 707 -20.27 -6.58 33.12
CA TRP D 707 -19.53 -6.79 31.86
C TRP D 707 -20.55 -7.12 30.75
N THR D 708 -20.42 -6.54 29.56
CA THR D 708 -21.17 -6.98 28.35
C THR D 708 -20.29 -7.92 27.51
N GLY D 709 -18.97 -7.81 27.64
CA GLY D 709 -17.99 -8.58 26.83
C GLY D 709 -16.59 -8.06 27.06
N LYS D 710 -15.64 -8.48 26.23
CA LYS D 710 -14.24 -7.96 26.26
C LYS D 710 -14.26 -6.44 26.07
N LYS D 711 -13.49 -5.72 26.89
CA LYS D 711 -13.21 -4.28 26.73
C LYS D 711 -14.51 -3.48 26.87
N ARG D 712 -15.52 -4.03 27.55
CA ARG D 712 -16.83 -3.37 27.79
C ARG D 712 -17.32 -3.69 29.21
N TYR D 713 -17.11 -2.78 30.17
CA TYR D 713 -17.55 -2.99 31.56
C TYR D 713 -17.70 -1.64 32.27
N ALA D 714 -18.34 -1.68 33.43
CA ALA D 714 -18.61 -0.53 34.32
C ALA D 714 -18.54 -1.00 35.77
N LEU D 715 -17.77 -0.28 36.60
CA LEU D 715 -17.59 -0.56 38.05
C LEU D 715 -17.94 0.71 38.84
N ASN D 716 -18.67 0.55 39.95
CA ASN D 716 -18.81 1.58 41.01
C ASN D 716 -17.65 1.45 41.99
N VAL D 717 -16.65 2.35 41.87
CA VAL D 717 -15.31 2.24 42.52
C VAL D 717 -15.27 3.13 43.76
N TRP D 718 -14.88 2.58 44.91
CA TRP D 718 -14.85 3.27 46.22
C TRP D 718 -13.40 3.64 46.58
N ASP D 719 -12.43 2.93 45.97
CA ASP D 719 -11.00 3.04 46.32
C ASP D 719 -10.16 2.56 45.13
N MET D 720 -9.18 3.38 44.74
CA MET D 720 -8.22 3.11 43.65
C MET D 720 -6.79 3.26 44.19
N GLU D 721 -6.06 2.16 44.30
CA GLU D 721 -4.63 2.16 44.72
C GLU D 721 -4.50 2.88 46.08
N GLY D 722 -5.47 2.67 46.98
CA GLY D 722 -5.38 3.11 48.39
C GLY D 722 -5.90 4.52 48.58
N THR D 723 -6.24 5.24 47.50
CA THR D 723 -7.03 6.50 47.55
C THR D 723 -8.50 6.16 47.79
N ARG D 724 -9.03 6.50 48.97
CA ARG D 724 -10.46 6.31 49.35
C ARG D 724 -11.25 7.54 48.94
N TYR D 725 -12.16 7.40 47.97
CA TYR D 725 -13.00 8.50 47.44
C TYR D 725 -14.05 8.87 48.50
N ALA D 726 -14.30 10.18 48.66
CA ALA D 726 -15.47 10.74 49.40
C ALA D 726 -16.76 10.24 48.76
N GLU D 727 -16.83 10.29 47.42
CA GLU D 727 -17.98 9.82 46.61
C GLU D 727 -17.51 8.72 45.67
N PRO D 728 -18.36 7.70 45.39
CA PRO D 728 -17.99 6.65 44.46
C PRO D 728 -17.73 7.25 43.08
N LYS D 729 -16.77 6.67 42.33
CA LYS D 729 -16.46 7.05 40.94
C LYS D 729 -16.82 5.87 40.02
N LEU D 730 -17.52 6.16 38.93
CA LEU D 730 -17.73 5.18 37.83
C LEU D 730 -16.42 5.03 37.07
N LYS D 731 -15.88 3.80 37.07
CA LYS D 731 -14.90 3.32 36.07
C LYS D 731 -15.68 2.63 34.94
N ILE D 732 -15.80 3.30 33.80
CA ILE D 732 -16.50 2.78 32.59
C ILE D 732 -15.46 2.66 31.48
N MET D 733 -15.21 1.45 31.00
CA MET D 733 -14.30 1.18 29.85
C MET D 733 -15.12 0.64 28.68
N GLY D 734 -14.88 1.15 27.47
CA GLY D 734 -15.38 0.55 26.22
C GLY D 734 -16.78 1.04 25.87
N LEU D 735 -17.64 1.18 26.87
CA LEU D 735 -19.09 1.50 26.70
C LEU D 735 -19.21 2.85 26.00
N GLU D 736 -20.39 3.13 25.43
CA GLU D 736 -20.61 4.26 24.50
C GLU D 736 -20.41 5.60 25.22
N THR D 737 -20.43 5.62 26.56
CA THR D 737 -20.13 6.82 27.37
C THR D 737 -18.70 7.30 27.07
N GLN D 738 -17.84 6.41 26.59
CA GLN D 738 -16.36 6.63 26.56
C GLN D 738 -15.93 7.02 25.14
N LYS D 739 -16.85 6.98 24.17
CA LYS D 739 -16.54 6.98 22.72
C LYS D 739 -16.90 8.35 22.15
N SER D 740 -15.99 8.95 21.37
CA SER D 740 -16.14 10.31 20.78
C SER D 740 -17.25 10.30 19.71
N SER D 741 -17.62 9.12 19.22
CA SER D 741 -18.62 8.93 18.15
C SER D 741 -20.04 9.08 18.72
N THR D 742 -20.16 8.96 20.05
CA THR D 742 -21.46 8.97 20.79
C THR D 742 -21.86 10.41 21.06
N PRO D 743 -23.12 10.80 20.74
CA PRO D 743 -23.57 12.17 20.96
C PRO D 743 -23.33 12.63 22.41
N LYS D 744 -22.95 13.88 22.61
CA LYS D 744 -22.58 14.45 23.93
C LYS D 744 -23.69 14.14 24.93
N ALA D 745 -24.94 14.34 24.55
CA ALA D 745 -26.12 14.28 25.44
C ALA D 745 -26.42 12.81 25.76
N VAL D 746 -26.17 11.93 24.80
CA VAL D 746 -26.37 10.46 24.96
C VAL D 746 -25.26 9.91 25.86
N GLN D 747 -24.03 10.45 25.78
CA GLN D 747 -22.92 10.11 26.71
C GLN D 747 -23.42 10.33 28.15
N LYS D 748 -23.92 11.53 28.46
CA LYS D 748 -24.36 11.93 29.82
C LYS D 748 -25.53 11.04 30.27
N ALA D 749 -26.49 10.76 29.38
CA ALA D 749 -27.73 10.02 29.71
C ALA D 749 -27.37 8.57 30.04
N LEU D 750 -26.51 7.96 29.21
CA LEU D 750 -26.08 6.55 29.38
C LEU D 750 -25.25 6.44 30.67
N LYS D 751 -24.41 7.43 30.97
CA LYS D 751 -23.61 7.46 32.23
C LYS D 751 -24.54 7.51 33.44
N GLU D 752 -25.60 8.33 33.38
CA GLU D 752 -26.59 8.43 34.47
C GLU D 752 -27.37 7.11 34.58
N CYS D 753 -27.72 6.51 33.44
CA CYS D 753 -28.30 5.14 33.37
C CYS D 753 -27.39 4.15 34.13
N ILE D 754 -26.09 4.13 33.79
CA ILE D 754 -25.09 3.23 34.43
C ILE D 754 -24.99 3.58 35.91
N ARG D 755 -24.86 4.86 36.25
CA ARG D 755 -24.74 5.30 37.66
C ARG D 755 -25.90 4.72 38.46
N ARG D 756 -27.11 4.82 37.93
CA ARG D 756 -28.36 4.38 38.62
C ARG D 756 -28.36 2.85 38.72
N MET D 757 -27.99 2.16 37.65
CA MET D 757 -27.85 0.68 37.66
C MET D 757 -26.94 0.26 38.81
N LEU D 758 -25.74 0.87 38.90
CA LEU D 758 -24.65 0.38 39.78
C LEU D 758 -24.98 0.72 41.24
N GLN D 759 -25.58 1.90 41.48
CA GLN D 759 -25.67 2.51 42.84
C GLN D 759 -27.09 2.36 43.41
N GLU D 760 -28.13 2.28 42.57
CA GLU D 760 -29.53 2.51 42.99
C GLU D 760 -30.44 1.35 42.58
N GLY D 761 -30.25 0.80 41.38
CA GLY D 761 -30.91 -0.45 40.94
C GLY D 761 -31.96 -0.20 39.86
N GLU D 762 -32.75 -1.23 39.56
CA GLU D 762 -33.52 -1.35 38.30
C GLU D 762 -34.60 -0.26 38.24
N GLU D 763 -35.23 0.03 39.37
CA GLU D 763 -36.41 0.94 39.44
C GLU D 763 -35.92 2.37 39.20
N SER D 764 -34.78 2.75 39.80
CA SER D 764 -34.17 4.08 39.59
C SER D 764 -33.83 4.23 38.10
N LEU D 765 -33.29 3.18 37.48
CA LEU D 765 -32.98 3.18 36.03
C LEU D 765 -34.27 3.47 35.25
N GLN D 766 -35.37 2.78 35.59
CA GLN D 766 -36.64 2.83 34.83
C GLN D 766 -37.23 4.24 34.94
N GLU D 767 -37.08 4.88 36.11
CA GLU D 767 -37.50 6.29 36.35
C GLU D 767 -36.72 7.23 35.43
N TYR D 768 -35.40 7.09 35.36
CA TYR D 768 -34.56 7.99 34.54
C TYR D 768 -34.84 7.74 33.05
N PHE D 769 -35.07 6.50 32.66
CA PHE D 769 -35.31 6.15 31.24
C PHE D 769 -36.50 6.96 30.72
N LYS D 770 -37.60 6.96 31.48
CA LYS D 770 -38.83 7.72 31.13
C LYS D 770 -38.45 9.19 30.95
N GLU D 771 -37.68 9.73 31.88
CA GLU D 771 -37.36 11.18 31.96
C GLU D 771 -36.56 11.59 30.71
N PHE D 772 -35.52 10.84 30.35
CA PHE D 772 -34.66 11.16 29.19
C PHE D 772 -35.44 10.97 27.87
N GLU D 773 -36.28 9.95 27.77
CA GLU D 773 -37.14 9.71 26.57
C GLU D 773 -37.98 10.96 26.30
N LYS D 774 -38.59 11.52 27.35
CA LYS D 774 -39.55 12.66 27.26
C LYS D 774 -38.80 13.93 26.83
N GLU D 775 -37.55 14.10 27.26
CA GLU D 775 -36.80 15.37 27.09
C GLU D 775 -36.00 15.33 25.77
N PHE D 776 -35.80 14.15 25.19
CA PHE D 776 -34.84 13.91 24.09
C PHE D 776 -35.12 14.89 22.93
N ARG D 777 -36.39 15.02 22.55
CA ARG D 777 -36.81 15.72 21.30
C ARG D 777 -36.65 17.23 21.46
N GLN D 778 -36.31 17.70 22.67
CA GLN D 778 -36.20 19.14 22.99
CA GLN D 778 -36.20 19.14 23.00
C GLN D 778 -34.72 19.53 23.09
N LEU D 779 -33.81 18.56 22.94
CA LEU D 779 -32.35 18.78 23.11
C LEU D 779 -31.77 19.42 21.85
N ASN D 780 -30.72 20.21 22.02
CA ASN D 780 -30.01 20.91 20.92
C ASN D 780 -29.45 19.88 19.94
N TYR D 781 -29.51 20.16 18.63
CA TYR D 781 -29.30 19.17 17.54
C TYR D 781 -27.86 18.68 17.56
N ILE D 782 -26.91 19.56 17.89
CA ILE D 782 -25.46 19.23 17.93
C ILE D 782 -25.22 18.23 19.06
N SER D 783 -25.91 18.42 20.20
CA SER D 783 -25.74 17.63 21.43
C SER D 783 -26.16 16.17 21.21
N ILE D 784 -26.99 15.91 20.19
CA ILE D 784 -27.61 14.58 19.93
C ILE D 784 -27.11 14.03 18.58
N ALA D 785 -26.22 14.76 17.90
CA ALA D 785 -25.57 14.30 16.65
C ALA D 785 -24.45 13.31 17.00
N SER D 786 -24.27 12.30 16.14
CA SER D 786 -23.14 11.34 16.16
C SER D 786 -21.91 11.97 15.49
N VAL D 787 -20.72 11.45 15.82
CA VAL D 787 -19.42 11.88 15.23
C VAL D 787 -18.74 10.68 14.55
N SER D 788 -18.13 10.92 13.40
CA SER D 788 -17.23 9.97 12.71
C SER D 788 -16.15 10.74 11.96
N SER D 789 -14.91 10.23 11.99
CA SER D 789 -13.87 10.53 10.98
C SER D 789 -14.43 10.19 9.59
N ALA D 790 -13.97 10.92 8.57
CA ALA D 790 -14.42 10.78 7.18
C ALA D 790 -13.21 10.52 6.28
N ASN D 791 -12.90 9.25 6.01
CA ASN D 791 -11.80 8.83 5.11
C ASN D 791 -12.40 8.26 3.83
N ASN D 792 -11.76 8.53 2.69
CA ASN D 792 -12.07 7.89 1.38
C ASN D 792 -13.45 8.33 0.94
N ILE D 793 -13.81 9.59 1.16
CA ILE D 793 -15.05 10.21 0.64
C ILE D 793 -15.12 9.94 -0.86
N ALA D 794 -14.04 10.28 -1.58
CA ALA D 794 -13.98 10.26 -3.07
C ALA D 794 -14.22 8.83 -3.58
N LYS D 795 -13.64 7.84 -2.91
CA LYS D 795 -13.78 6.40 -3.25
C LYS D 795 -15.26 6.07 -3.46
N TYR D 796 -16.14 6.52 -2.56
CA TYR D 796 -17.56 6.08 -2.47
C TYR D 796 -18.46 7.11 -3.16
N ASP D 797 -17.87 8.18 -3.69
CA ASP D 797 -18.57 9.27 -4.41
C ASP D 797 -18.71 8.89 -5.88
N VAL D 798 -19.91 8.50 -6.30
CA VAL D 798 -20.24 8.10 -7.70
C VAL D 798 -21.17 9.16 -8.31
N GLY D 799 -20.58 10.10 -9.06
CA GLY D 799 -21.31 11.27 -9.61
C GLY D 799 -22.17 11.95 -8.56
N GLY D 800 -21.68 12.03 -7.32
CA GLY D 800 -22.30 12.81 -6.23
C GLY D 800 -23.23 11.96 -5.38
N PHE D 801 -23.40 10.69 -5.73
CA PHE D 801 -24.32 9.73 -5.06
C PHE D 801 -23.52 8.56 -4.49
N PRO D 802 -24.05 7.88 -3.44
CA PRO D 802 -23.34 6.79 -2.78
C PRO D 802 -23.01 5.60 -3.70
N GLY D 803 -21.76 5.16 -3.69
CA GLY D 803 -21.31 3.95 -4.41
C GLY D 803 -21.60 2.68 -3.62
N PRO D 804 -21.25 1.49 -4.18
CA PRO D 804 -21.38 0.23 -3.45
C PRO D 804 -20.70 0.30 -2.08
N LYS D 805 -21.38 -0.21 -1.05
CA LYS D 805 -20.85 -0.40 0.33
C LYS D 805 -20.51 0.96 0.94
N CYS D 806 -21.16 2.03 0.48
CA CYS D 806 -20.92 3.40 1.01
C CYS D 806 -21.24 3.41 2.49
N PRO D 807 -20.27 3.72 3.37
CA PRO D 807 -20.53 3.89 4.79
C PRO D 807 -21.57 4.99 5.06
N PHE D 808 -22.27 4.89 6.18
CA PHE D 808 -23.43 5.76 6.55
C PHE D 808 -22.97 7.21 6.60
N HIS D 809 -21.89 7.48 7.34
CA HIS D 809 -21.36 8.85 7.57
C HIS D 809 -20.92 9.45 6.23
N ILE D 810 -20.44 8.64 5.28
CA ILE D 810 -19.95 9.10 3.97
C ILE D 810 -21.16 9.42 3.08
N ARG D 811 -22.20 8.58 3.12
CA ARG D 811 -23.53 8.91 2.53
C ARG D 811 -23.99 10.28 3.04
N GLY D 812 -23.91 10.52 4.35
CA GLY D 812 -24.21 11.82 4.98
C GLY D 812 -23.44 12.96 4.32
N ILE D 813 -22.13 12.78 4.11
CA ILE D 813 -21.25 13.82 3.52
C ILE D 813 -21.70 14.11 2.09
N LEU D 814 -22.08 13.09 1.32
CA LEU D 814 -22.49 13.22 -0.10
C LEU D 814 -23.81 13.96 -0.20
N THR D 815 -24.73 13.70 0.73
CA THR D 815 -26.02 14.41 0.89
C THR D 815 -25.76 15.91 1.10
N TYR D 816 -24.91 16.26 2.07
CA TYR D 816 -24.47 17.64 2.38
C TYR D 816 -23.92 18.30 1.10
N ASN D 817 -23.04 17.61 0.39
CA ASN D 817 -22.32 18.13 -0.80
C ASN D 817 -23.34 18.51 -1.88
N ARG D 818 -24.32 17.63 -2.15
CA ARG D 818 -25.40 17.89 -3.14
C ARG D 818 -26.18 19.12 -2.71
N ALA D 819 -26.39 19.30 -1.41
CA ALA D 819 -27.28 20.33 -0.81
C ALA D 819 -26.63 21.70 -0.91
N ILE D 820 -25.29 21.76 -0.83
CA ILE D 820 -24.49 23.03 -0.83
C ILE D 820 -23.81 23.23 -2.19
N LYS D 821 -24.06 22.35 -3.17
CA LYS D 821 -23.46 22.45 -4.53
C LYS D 821 -23.78 23.82 -5.14
N GLY D 822 -22.75 24.52 -5.63
CA GLY D 822 -22.88 25.82 -6.32
C GLY D 822 -22.95 26.98 -5.35
N ASN D 823 -22.80 26.70 -4.05
CA ASN D 823 -22.62 27.73 -2.98
C ASN D 823 -21.16 27.70 -2.51
N ILE D 824 -20.33 28.59 -3.08
CA ILE D 824 -18.84 28.49 -3.00
C ILE D 824 -18.40 28.92 -1.59
N ASP D 825 -19.25 29.67 -0.89
CA ASP D 825 -19.00 30.23 0.45
C ASP D 825 -19.45 29.23 1.52
N ALA D 826 -19.89 28.03 1.12
CA ALA D 826 -20.41 26.98 2.02
C ALA D 826 -19.23 26.20 2.62
N PRO D 827 -19.26 25.92 3.94
CA PRO D 827 -18.20 25.15 4.57
C PRO D 827 -18.09 23.75 3.93
N GLN D 828 -16.86 23.33 3.62
CA GLN D 828 -16.57 22.04 2.94
CA GLN D 828 -16.55 22.04 2.95
C GLN D 828 -16.10 21.01 3.99
N VAL D 829 -16.54 19.76 3.85
CA VAL D 829 -16.01 18.62 4.65
C VAL D 829 -14.59 18.30 4.18
N VAL D 830 -13.64 18.28 5.11
CA VAL D 830 -12.21 17.93 4.85
C VAL D 830 -12.05 16.41 4.97
N GLU D 831 -11.63 15.77 3.88
CA GLU D 831 -11.02 14.41 3.86
C GLU D 831 -10.07 14.15 5.04
N GLY D 832 -10.39 13.14 5.86
CA GLY D 832 -9.58 12.72 7.03
C GLY D 832 -9.99 13.45 8.30
N GLU D 833 -10.88 14.44 8.18
CA GLU D 833 -11.40 15.15 9.38
CA GLU D 833 -11.46 15.21 9.30
C GLU D 833 -12.72 14.50 9.81
N LYS D 834 -13.34 15.03 10.87
CA LYS D 834 -14.54 14.43 11.50
C LYS D 834 -15.80 15.21 11.09
N VAL D 835 -16.96 14.57 11.20
CA VAL D 835 -18.28 15.14 10.82
C VAL D 835 -19.30 14.76 11.90
N TYR D 836 -20.24 15.66 12.17
CA TYR D 836 -21.54 15.36 12.82
C TYR D 836 -22.43 14.64 11.81
N VAL D 837 -23.23 13.69 12.27
CA VAL D 837 -24.13 12.85 11.42
C VAL D 837 -25.52 12.81 12.05
N LEU D 838 -26.55 13.11 11.26
CA LEU D 838 -27.98 13.00 11.67
C LEU D 838 -28.74 12.17 10.65
N PRO D 839 -29.60 11.24 11.12
CA PRO D 839 -30.56 10.56 10.25
C PRO D 839 -31.69 11.54 9.89
N LEU D 840 -32.29 11.33 8.71
CA LEU D 840 -33.35 12.20 8.15
C LEU D 840 -34.58 11.33 7.86
N ARG D 841 -35.77 11.86 8.09
CA ARG D 841 -37.04 11.14 7.89
C ARG D 841 -37.24 10.97 6.38
N GLU D 842 -37.81 9.83 5.98
CA GLU D 842 -38.21 9.50 4.59
C GLU D 842 -38.89 10.72 3.96
N GLY D 843 -38.58 11.01 2.69
CA GLY D 843 -39.28 12.02 1.89
C GLY D 843 -38.67 13.39 2.06
N ASN D 844 -37.58 13.49 2.81
CA ASN D 844 -36.87 14.77 3.08
C ASN D 844 -36.33 15.31 1.76
N PRO D 845 -36.13 16.65 1.65
CA PRO D 845 -35.68 17.27 0.41
C PRO D 845 -34.20 17.02 0.06
N PHE D 846 -33.41 16.46 0.97
CA PHE D 846 -31.95 16.23 0.76
C PHE D 846 -31.75 14.96 -0.06
N GLY D 847 -32.78 14.12 -0.15
CA GLY D 847 -32.85 12.97 -1.07
C GLY D 847 -32.15 11.74 -0.53
N ASP D 848 -31.88 11.70 0.78
CA ASP D 848 -31.21 10.54 1.44
C ASP D 848 -31.46 10.53 2.95
N LYS D 849 -31.03 9.46 3.63
CA LYS D 849 -31.59 9.01 4.93
C LYS D 849 -30.73 9.58 6.07
N CYS D 850 -29.69 10.34 5.71
CA CYS D 850 -28.78 11.01 6.68
C CYS D 850 -28.08 12.19 6.00
N ILE D 851 -27.53 13.09 6.82
CA ILE D 851 -26.66 14.22 6.38
C ILE D 851 -25.51 14.33 7.36
N ALA D 852 -24.38 14.86 6.91
CA ALA D 852 -23.15 15.04 7.72
C ALA D 852 -22.58 16.42 7.41
N TRP D 853 -21.93 17.04 8.40
CA TRP D 853 -21.28 18.36 8.24
C TRP D 853 -20.09 18.43 9.18
N PRO D 854 -19.12 19.33 8.92
CA PRO D 854 -17.89 19.39 9.71
C PRO D 854 -18.21 19.48 11.22
N SER D 855 -17.52 18.68 12.03
CA SER D 855 -17.76 18.58 13.50
C SER D 855 -17.27 19.87 14.16
N GLY D 856 -17.74 20.14 15.38
CA GLY D 856 -17.44 21.38 16.13
C GLY D 856 -17.87 22.64 15.40
N THR D 857 -18.82 22.51 14.46
CA THR D 857 -19.47 23.67 13.78
C THR D 857 -21.00 23.51 13.80
N GLU D 858 -21.71 24.64 13.83
CA GLU D 858 -23.11 24.77 13.36
C GLU D 858 -23.16 24.48 11.86
N ILE D 859 -24.14 23.70 11.42
CA ILE D 859 -24.43 23.46 9.98
C ILE D 859 -24.86 24.78 9.35
N THR D 860 -24.40 25.04 8.13
CA THR D 860 -24.56 26.34 7.42
C THR D 860 -26.05 26.74 7.38
N ASP D 861 -26.32 28.03 7.56
CA ASP D 861 -27.69 28.61 7.65
C ASP D 861 -28.48 28.29 6.37
N LEU D 862 -27.78 27.98 5.27
CA LEU D 862 -28.38 27.65 3.95
C LEU D 862 -29.41 26.52 4.11
N ILE D 863 -29.17 25.59 5.04
CA ILE D 863 -29.89 24.28 5.09
C ILE D 863 -30.28 23.94 6.53
N LYS D 864 -29.83 24.73 7.52
CA LYS D 864 -29.98 24.39 8.97
C LYS D 864 -31.47 24.15 9.27
N ASP D 865 -32.36 25.03 8.80
CA ASP D 865 -33.81 24.96 9.13
C ASP D 865 -34.37 23.63 8.62
N ASP D 866 -34.04 23.24 7.39
CA ASP D 866 -34.55 22.00 6.73
C ASP D 866 -34.03 20.76 7.47
N VAL D 867 -32.75 20.75 7.86
CA VAL D 867 -32.17 19.62 8.63
C VAL D 867 -32.95 19.48 9.95
N LEU D 868 -33.17 20.60 10.66
CA LEU D 868 -33.87 20.59 11.97
C LEU D 868 -35.28 20.03 11.79
N HIS D 869 -35.95 20.37 10.66
CA HIS D 869 -37.33 19.91 10.38
C HIS D 869 -37.34 18.40 10.09
N TRP D 870 -36.30 17.86 9.46
CA TRP D 870 -36.34 16.53 8.81
C TRP D 870 -35.31 15.56 9.44
N MET D 871 -34.68 15.96 10.54
CA MET D 871 -34.04 15.17 11.64
C MET D 871 -35.00 14.02 11.93
N ASP D 872 -34.50 12.79 12.01
CA ASP D 872 -35.29 11.62 12.48
C ASP D 872 -34.98 11.30 13.95
N TYR D 873 -35.71 11.94 14.88
CA TYR D 873 -35.47 11.85 16.34
C TYR D 873 -35.68 10.40 16.82
N THR D 874 -36.69 9.72 16.26
CA THR D 874 -37.05 8.34 16.66
C THR D 874 -35.89 7.39 16.32
N VAL D 875 -35.42 7.41 15.07
CA VAL D 875 -34.24 6.59 14.64
C VAL D 875 -33.03 7.00 15.48
N LEU D 876 -32.81 8.30 15.69
CA LEU D 876 -31.65 8.82 16.43
C LEU D 876 -31.63 8.23 17.86
N LEU D 877 -32.74 8.38 18.60
CA LEU D 877 -32.88 7.88 19.99
C LEU D 877 -32.63 6.37 20.04
N GLU D 878 -33.22 5.62 19.11
CA GLU D 878 -33.14 4.13 19.06
C GLU D 878 -31.68 3.72 18.89
N LYS D 879 -30.94 4.35 17.96
CA LYS D 879 -29.59 3.95 17.53
C LYS D 879 -28.57 4.32 18.61
N THR D 880 -28.63 5.55 19.12
CA THR D 880 -27.54 6.16 19.94
C THR D 880 -27.72 5.83 21.42
N PHE D 881 -28.96 5.69 21.89
CA PHE D 881 -29.30 5.62 23.33
C PHE D 881 -29.89 4.25 23.69
N ILE D 882 -31.00 3.87 23.05
CA ILE D 882 -31.82 2.71 23.49
C ILE D 882 -31.04 1.42 23.22
N LYS D 883 -30.42 1.30 22.04
CA LYS D 883 -29.73 0.07 21.58
C LYS D 883 -28.57 -0.23 22.52
N PRO D 884 -27.68 0.74 22.82
CA PRO D 884 -26.62 0.54 23.80
C PRO D 884 -27.16 0.20 25.20
N LEU D 885 -28.24 0.86 25.61
CA LEU D 885 -28.85 0.63 26.95
C LEU D 885 -29.39 -0.81 27.01
N GLU D 886 -30.01 -1.28 25.93
CA GLU D 886 -30.46 -2.69 25.76
C GLU D 886 -29.27 -3.63 26.00
N GLY D 887 -28.12 -3.31 25.41
CA GLY D 887 -26.85 -4.04 25.64
C GLY D 887 -26.49 -4.11 27.12
N PHE D 888 -26.45 -2.97 27.81
CA PHE D 888 -26.04 -2.88 29.23
C PHE D 888 -27.00 -3.69 30.10
N THR D 889 -28.30 -3.48 29.89
CA THR D 889 -29.38 -4.04 30.75
C THR D 889 -29.50 -5.54 30.51
N SER D 890 -29.40 -5.98 29.25
CA SER D 890 -29.34 -7.42 28.87
C SER D 890 -28.20 -8.11 29.63
N ALA D 891 -27.00 -7.51 29.62
CA ALA D 891 -25.80 -8.05 30.29
C ALA D 891 -26.07 -8.12 31.80
N ALA D 892 -26.63 -7.04 32.35
CA ALA D 892 -26.84 -6.84 33.80
C ALA D 892 -28.11 -7.56 34.29
N LYS D 893 -28.86 -8.18 33.37
CA LYS D 893 -30.09 -8.95 33.67
C LYS D 893 -31.07 -8.06 34.45
N LEU D 894 -31.33 -6.86 33.93
CA LEU D 894 -32.51 -6.04 34.30
C LEU D 894 -33.06 -5.35 33.05
N ASP D 895 -34.10 -4.53 33.21
CA ASP D 895 -34.78 -3.85 32.07
C ASP D 895 -34.88 -2.36 32.39
N TYR D 896 -34.77 -1.53 31.35
CA TYR D 896 -34.92 -0.06 31.44
C TYR D 896 -36.40 0.31 31.39
N GLU D 897 -37.29 -0.66 31.12
CA GLU D 897 -38.76 -0.48 31.24
CA GLU D 897 -38.77 -0.50 31.20
C GLU D 897 -39.37 -1.65 32.03
N LYS D 898 -40.40 -1.36 32.82
CA LYS D 898 -41.18 -2.35 33.60
C LYS D 898 -41.80 -3.38 32.63
N LYS D 899 -42.37 -2.91 31.52
CA LYS D 899 -43.04 -3.75 30.50
C LYS D 899 -43.03 -3.04 29.16
N ALA D 900 -43.25 -3.77 28.06
CA ALA D 900 -43.60 -3.22 26.72
C ALA D 900 -44.81 -2.29 26.87
N SER D 901 -44.75 -1.11 26.22
CA SER D 901 -45.87 -0.12 26.19
C SER D 901 -47.04 -0.73 25.44
N LEU D 902 -48.26 -0.28 25.77
CA LEU D 902 -49.51 -0.61 25.04
C LEU D 902 -49.29 -0.33 23.55
N PHE D 903 -48.56 0.73 23.23
CA PHE D 903 -48.25 1.17 21.84
C PHE D 903 -47.43 0.10 21.11
N ASP D 904 -46.45 -0.51 21.79
CA ASP D 904 -45.51 -1.49 21.18
C ASP D 904 -46.25 -2.82 20.94
N MET D 905 -47.26 -3.12 21.75
CA MET D 905 -48.13 -4.32 21.62
C MET D 905 -49.34 -3.98 20.74
N PHE D 906 -49.28 -2.88 19.98
CA PHE D 906 -50.45 -2.29 19.27
C PHE D 906 -50.83 -3.18 18.09
#